data_2O7H
# 
_entry.id   2O7H 
# 
_audit_conform.dict_name       mmcif_pdbx.dic 
_audit_conform.dict_version    5.380 
_audit_conform.dict_location   http://mmcif.pdb.org/dictionaries/ascii/mmcif_pdbx.dic 
# 
loop_
_database_2.database_id 
_database_2.database_code 
_database_2.pdbx_database_accession 
_database_2.pdbx_DOI 
PDB   2O7H         pdb_00002o7h 10.2210/pdb2o7h/pdb 
RCSB  RCSB040783   ?            ?                   
WWPDB D_1000040783 ?            ?                   
# 
loop_
_pdbx_database_related.db_name 
_pdbx_database_related.db_id 
_pdbx_database_related.details 
_pdbx_database_related.content_type 
PDB 2ZTA 'X-RAY STRUCTURE OF THE GCN4 LEUCINE ZIPPER, A TWO-STRANDED, PARALLEL COILED COIL' unspecified 
PDB 1ZIJ 'GCN4-LEUCINE ZIPPER CORE MUTANT ASN16ABA IN THE TRIMERIC STATE'                   unspecified 
# 
_pdbx_database_status.status_code                     REL 
_pdbx_database_status.entry_id                        2O7H 
_pdbx_database_status.recvd_initial_deposition_date   2006-12-11 
_pdbx_database_status.deposit_site                    RCSB 
_pdbx_database_status.process_site                    PDBJ 
_pdbx_database_status.status_code_sf                  REL 
_pdbx_database_status.status_code_mr                  ? 
_pdbx_database_status.SG_entry                        ? 
_pdbx_database_status.status_code_cs                  ? 
_pdbx_database_status.methods_development_category    ? 
_pdbx_database_status.pdb_format_compatible           Y 
_pdbx_database_status.status_code_nmr_data            ? 
# 
loop_
_audit_author.name 
_audit_author.pdbx_ordinal 
'Jawhari, H.'     1 
'Honnappa, S.'    2 
'Steinmetz, M.O.' 3 
# 
_citation.id                        primary 
_citation.title                     'Molecular basis of coiled-coil oligomerization-state specificity' 
_citation.journal_abbrev            Proc.Natl.Acad.Sci.USA 
_citation.journal_volume            107 
_citation.page_first                19850 
_citation.page_last                 19855 
_citation.year                      2010 
_citation.journal_id_ASTM           PNASA6 
_citation.country                   US 
_citation.journal_id_ISSN           0027-8424 
_citation.journal_id_CSD            0040 
_citation.book_publisher            ? 
_citation.pdbx_database_id_PubMed   21045134 
_citation.pdbx_database_id_DOI      10.1073/pnas.1008502107 
# 
loop_
_citation_author.citation_id 
_citation_author.name 
_citation_author.ordinal 
_citation_author.identifier_ORCID 
primary 'Ciani, B.'       1 ? 
primary 'Bjelic, S.'      2 ? 
primary 'Honnappa, S.'    3 ? 
primary 'Jawhari, H.'     4 ? 
primary 'Jaussi, R.'      5 ? 
primary 'Payapilly, A.'   6 ? 
primary 'Jowitt, T.'      7 ? 
primary 'Steinmetz, M.O.' 8 ? 
primary 'Kammerer, R.A.'  9 ? 
# 
_cell.entry_id           2O7H 
_cell.length_a           76.051 
_cell.length_b           56.256 
_cell.length_c           54.863 
_cell.angle_alpha        90.00 
_cell.angle_beta         129.05 
_cell.angle_gamma        90.00 
_cell.Z_PDB              24 
_cell.pdbx_unique_axis   ? 
_cell.length_a_esd       ? 
_cell.length_b_esd       ? 
_cell.length_c_esd       ? 
_cell.angle_alpha_esd    ? 
_cell.angle_beta_esd     ? 
_cell.angle_gamma_esd    ? 
# 
_symmetry.entry_id                         2O7H 
_symmetry.space_group_name_H-M             'C 1 2 1' 
_symmetry.pdbx_full_space_group_name_H-M   ? 
_symmetry.cell_setting                     ? 
_symmetry.Int_Tables_number                5 
_symmetry.space_group_name_Hall            ? 
# 
loop_
_entity.id 
_entity.type 
_entity.src_method 
_entity.pdbx_description 
_entity.formula_weight 
_entity.pdbx_number_of_molecules 
_entity.pdbx_ec 
_entity.pdbx_mutation 
_entity.pdbx_fragment 
_entity.details 
1 polymer man 'General control protein GCN4' 4177.807 6   ? 'E22R, K27E' 'LEUCINE ZIPPER' ? 
2 water   nat water                          18.015   184 ? ?            ?                ? 
# 
_entity_name_com.entity_id   1 
_entity_name_com.name        'Amino acid biosynthesis regulatory protein' 
# 
_entity_poly.entity_id                      1 
_entity_poly.type                           'polypeptide(L)' 
_entity_poly.nstd_linkage                   no 
_entity_poly.nstd_monomer                   no 
_entity_poly.pdbx_seq_one_letter_code       GSRMKQLEDKVEELLSKNYHLENRVARLEKLVGER 
_entity_poly.pdbx_seq_one_letter_code_can   GSRMKQLEDKVEELLSKNYHLENRVARLEKLVGER 
_entity_poly.pdbx_strand_id                 A,B,C,D,E,F 
_entity_poly.pdbx_target_identifier         ? 
# 
loop_
_entity_poly_seq.entity_id 
_entity_poly_seq.num 
_entity_poly_seq.mon_id 
_entity_poly_seq.hetero 
1 1  GLY n 
1 2  SER n 
1 3  ARG n 
1 4  MET n 
1 5  LYS n 
1 6  GLN n 
1 7  LEU n 
1 8  GLU n 
1 9  ASP n 
1 10 LYS n 
1 11 VAL n 
1 12 GLU n 
1 13 GLU n 
1 14 LEU n 
1 15 LEU n 
1 16 SER n 
1 17 LYS n 
1 18 ASN n 
1 19 TYR n 
1 20 HIS n 
1 21 LEU n 
1 22 GLU n 
1 23 ASN n 
1 24 ARG n 
1 25 VAL n 
1 26 ALA n 
1 27 ARG n 
1 28 LEU n 
1 29 GLU n 
1 30 LYS n 
1 31 LEU n 
1 32 VAL n 
1 33 GLY n 
1 34 GLU n 
1 35 ARG n 
# 
_entity_src_gen.entity_id                          1 
_entity_src_gen.pdbx_src_id                        1 
_entity_src_gen.pdbx_alt_source_flag               sample 
_entity_src_gen.pdbx_seq_type                      ? 
_entity_src_gen.pdbx_beg_seq_num                   ? 
_entity_src_gen.pdbx_end_seq_num                   ? 
_entity_src_gen.gene_src_common_name               
;baker's yeast
;
_entity_src_gen.gene_src_genus                     Saccharomyces 
_entity_src_gen.pdbx_gene_src_gene                 GCN4 
_entity_src_gen.gene_src_species                   ? 
_entity_src_gen.gene_src_strain                    ? 
_entity_src_gen.gene_src_tissue                    ? 
_entity_src_gen.gene_src_tissue_fraction           ? 
_entity_src_gen.gene_src_details                   ? 
_entity_src_gen.pdbx_gene_src_fragment             ? 
_entity_src_gen.pdbx_gene_src_scientific_name      'Saccharomyces cerevisiae' 
_entity_src_gen.pdbx_gene_src_ncbi_taxonomy_id     4932 
_entity_src_gen.pdbx_gene_src_variant              ? 
_entity_src_gen.pdbx_gene_src_cell_line            ? 
_entity_src_gen.pdbx_gene_src_atcc                 ? 
_entity_src_gen.pdbx_gene_src_organ                ? 
_entity_src_gen.pdbx_gene_src_organelle            ? 
_entity_src_gen.pdbx_gene_src_cell                 ? 
_entity_src_gen.pdbx_gene_src_cellular_location    ? 
_entity_src_gen.host_org_common_name               ? 
_entity_src_gen.pdbx_host_org_scientific_name      'Escherichia coli BL21(DE3)' 
_entity_src_gen.pdbx_host_org_ncbi_taxonomy_id     469008 
_entity_src_gen.host_org_genus                     Escherichia 
_entity_src_gen.pdbx_host_org_gene                 ? 
_entity_src_gen.pdbx_host_org_organ                ? 
_entity_src_gen.host_org_species                   'Escherichia coli' 
_entity_src_gen.pdbx_host_org_tissue               ? 
_entity_src_gen.pdbx_host_org_tissue_fraction      ? 
_entity_src_gen.pdbx_host_org_strain               'BL21(DE3)' 
_entity_src_gen.pdbx_host_org_variant              ? 
_entity_src_gen.pdbx_host_org_cell_line            ? 
_entity_src_gen.pdbx_host_org_atcc                 ? 
_entity_src_gen.pdbx_host_org_culture_collection   ? 
_entity_src_gen.pdbx_host_org_cell                 ? 
_entity_src_gen.pdbx_host_org_organelle            ? 
_entity_src_gen.pdbx_host_org_cellular_location    ? 
_entity_src_gen.pdbx_host_org_vector_type          plasmid 
_entity_src_gen.pdbx_host_org_vector               ? 
_entity_src_gen.host_org_details                   ? 
_entity_src_gen.expression_system_id               ? 
_entity_src_gen.plasmid_name                       'pET 15b-His-Theoredoxin' 
_entity_src_gen.plasmid_details                    ? 
_entity_src_gen.pdbx_description                   ? 
# 
_struct_ref.id                         1 
_struct_ref.db_name                    UNP 
_struct_ref.db_code                    GCN4_YEAST 
_struct_ref.pdbx_db_accession          P03069 
_struct_ref.entity_id                  1 
_struct_ref.pdbx_seq_one_letter_code   RMKQLEDKVEELLSKNYHLENEVARLKKLVGER 
_struct_ref.pdbx_align_begin           249 
_struct_ref.pdbx_db_isoform            ? 
# 
loop_
_struct_ref_seq.align_id 
_struct_ref_seq.ref_id 
_struct_ref_seq.pdbx_PDB_id_code 
_struct_ref_seq.pdbx_strand_id 
_struct_ref_seq.seq_align_beg 
_struct_ref_seq.pdbx_seq_align_beg_ins_code 
_struct_ref_seq.seq_align_end 
_struct_ref_seq.pdbx_seq_align_end_ins_code 
_struct_ref_seq.pdbx_db_accession 
_struct_ref_seq.db_align_beg 
_struct_ref_seq.pdbx_db_align_beg_ins_code 
_struct_ref_seq.db_align_end 
_struct_ref_seq.pdbx_db_align_end_ins_code 
_struct_ref_seq.pdbx_auth_seq_align_beg 
_struct_ref_seq.pdbx_auth_seq_align_end 
1 1 2O7H A 3 ? 35 ? P03069 249 ? 281 ? 1 33 
2 1 2O7H B 3 ? 35 ? P03069 249 ? 281 ? 1 33 
3 1 2O7H C 3 ? 35 ? P03069 249 ? 281 ? 1 33 
4 1 2O7H D 3 ? 35 ? P03069 249 ? 281 ? 1 33 
5 1 2O7H E 3 ? 35 ? P03069 249 ? 281 ? 1 33 
6 1 2O7H F 3 ? 35 ? P03069 249 ? 281 ? 1 33 
# 
loop_
_struct_ref_seq_dif.align_id 
_struct_ref_seq_dif.pdbx_pdb_id_code 
_struct_ref_seq_dif.mon_id 
_struct_ref_seq_dif.pdbx_pdb_strand_id 
_struct_ref_seq_dif.seq_num 
_struct_ref_seq_dif.pdbx_pdb_ins_code 
_struct_ref_seq_dif.pdbx_seq_db_name 
_struct_ref_seq_dif.pdbx_seq_db_accession_code 
_struct_ref_seq_dif.db_mon_id 
_struct_ref_seq_dif.pdbx_seq_db_seq_num 
_struct_ref_seq_dif.details 
_struct_ref_seq_dif.pdbx_auth_seq_num 
_struct_ref_seq_dif.pdbx_ordinal 
1 2O7H GLY A 1  ? UNP P03069 ?   ?   'expression tag'      -1 1  
1 2O7H SER A 2  ? UNP P03069 ?   ?   'expression tag'      0  2  
1 2O7H ARG A 24 ? UNP P03069 GLU 270 'engineered mutation' 22 3  
1 2O7H GLU A 29 ? UNP P03069 LYS 275 'engineered mutation' 27 4  
2 2O7H GLY B 1  ? UNP P03069 ?   ?   'expression tag'      -1 5  
2 2O7H SER B 2  ? UNP P03069 ?   ?   'expression tag'      0  6  
2 2O7H ARG B 24 ? UNP P03069 GLU 270 'engineered mutation' 22 7  
2 2O7H GLU B 29 ? UNP P03069 LYS 275 'engineered mutation' 27 8  
3 2O7H GLY C 1  ? UNP P03069 ?   ?   'expression tag'      -1 9  
3 2O7H SER C 2  ? UNP P03069 ?   ?   'expression tag'      0  10 
3 2O7H ARG C 24 ? UNP P03069 GLU 270 'engineered mutation' 22 11 
3 2O7H GLU C 29 ? UNP P03069 LYS 275 'engineered mutation' 27 12 
4 2O7H GLY D 1  ? UNP P03069 ?   ?   'expression tag'      -1 13 
4 2O7H SER D 2  ? UNP P03069 ?   ?   'expression tag'      0  14 
4 2O7H ARG D 24 ? UNP P03069 GLU 270 'engineered mutation' 22 15 
4 2O7H GLU D 29 ? UNP P03069 LYS 275 'engineered mutation' 27 16 
5 2O7H GLY E 1  ? UNP P03069 ?   ?   'expression tag'      -1 17 
5 2O7H SER E 2  ? UNP P03069 ?   ?   'expression tag'      0  18 
5 2O7H ARG E 24 ? UNP P03069 GLU 270 'engineered mutation' 22 19 
5 2O7H GLU E 29 ? UNP P03069 LYS 275 'engineered mutation' 27 20 
6 2O7H GLY F 1  ? UNP P03069 ?   ?   'expression tag'      -1 21 
6 2O7H SER F 2  ? UNP P03069 ?   ?   'expression tag'      0  22 
6 2O7H ARG F 24 ? UNP P03069 GLU 270 'engineered mutation' 22 23 
6 2O7H GLU F 29 ? UNP P03069 LYS 275 'engineered mutation' 27 24 
# 
loop_
_chem_comp.id 
_chem_comp.type 
_chem_comp.mon_nstd_flag 
_chem_comp.name 
_chem_comp.pdbx_synonyms 
_chem_comp.formula 
_chem_comp.formula_weight 
ALA 'L-peptide linking' y ALANINE         ? 'C3 H7 N O2'     89.093  
ARG 'L-peptide linking' y ARGININE        ? 'C6 H15 N4 O2 1' 175.209 
ASN 'L-peptide linking' y ASPARAGINE      ? 'C4 H8 N2 O3'    132.118 
ASP 'L-peptide linking' y 'ASPARTIC ACID' ? 'C4 H7 N O4'     133.103 
GLN 'L-peptide linking' y GLUTAMINE       ? 'C5 H10 N2 O3'   146.144 
GLU 'L-peptide linking' y 'GLUTAMIC ACID' ? 'C5 H9 N O4'     147.129 
GLY 'peptide linking'   y GLYCINE         ? 'C2 H5 N O2'     75.067  
HIS 'L-peptide linking' y HISTIDINE       ? 'C6 H10 N3 O2 1' 156.162 
HOH non-polymer         . WATER           ? 'H2 O'           18.015  
LEU 'L-peptide linking' y LEUCINE         ? 'C6 H13 N O2'    131.173 
LYS 'L-peptide linking' y LYSINE          ? 'C6 H15 N2 O2 1' 147.195 
MET 'L-peptide linking' y METHIONINE      ? 'C5 H11 N O2 S'  149.211 
SER 'L-peptide linking' y SERINE          ? 'C3 H7 N O3'     105.093 
TYR 'L-peptide linking' y TYROSINE        ? 'C9 H11 N O3'    181.189 
VAL 'L-peptide linking' y VALINE          ? 'C5 H11 N O2'    117.146 
# 
_exptl.entry_id          2O7H 
_exptl.method            'X-RAY DIFFRACTION' 
_exptl.crystals_number   1 
# 
_exptl_crystal.id                    1 
_exptl_crystal.density_meas          ? 
_exptl_crystal.density_Matthews      1.82 
_exptl_crystal.density_percent_sol   32.34 
_exptl_crystal.description           ? 
_exptl_crystal.F_000                 ? 
_exptl_crystal.preparation           ? 
# 
_exptl_crystal_grow.crystal_id      1 
_exptl_crystal_grow.method          'VAPOR DIFFUSION, SITTING DROP' 
_exptl_crystal_grow.temp            293 
_exptl_crystal_grow.temp_details    ? 
_exptl_crystal_grow.pH              6.0 
_exptl_crystal_grow.pdbx_details    
'30% 2-Proponal, 0.2M Sodium Citrate, 0.1M Sodium cacodylate, pH 6.0, VAPOR DIFFUSION, SITTING DROP, temperature 293K' 
_exptl_crystal_grow.pdbx_pH_range   . 
# 
_diffrn.id                     1 
_diffrn.ambient_temp           100 
_diffrn.ambient_temp_details   ? 
_diffrn.crystal_id             1 
# 
_diffrn_detector.diffrn_id              1 
_diffrn_detector.detector               'IMAGE PLATE' 
_diffrn_detector.type                   MARRESEARCH 
_diffrn_detector.pdbx_collection_date   2006-04-12 
_diffrn_detector.details                'Osmic mirrors' 
# 
_diffrn_radiation.diffrn_id                        1 
_diffrn_radiation.wavelength_id                    1 
_diffrn_radiation.pdbx_monochromatic_or_laue_m_l   M 
_diffrn_radiation.monochromator                    'OSMIC MIRRORS' 
_diffrn_radiation.pdbx_diffrn_protocol             'SINGLE WAVELENGTH' 
_diffrn_radiation.pdbx_scattering_type             x-ray 
# 
_diffrn_radiation_wavelength.id           1 
_diffrn_radiation_wavelength.wavelength   1.5418 
_diffrn_radiation_wavelength.wt           1.0 
# 
_diffrn_source.diffrn_id                   1 
_diffrn_source.source                      'ROTATING ANODE' 
_diffrn_source.type                        'ENRAF-NONIUS FR591' 
_diffrn_source.pdbx_synchrotron_site       ? 
_diffrn_source.pdbx_synchrotron_beamline   ? 
_diffrn_source.pdbx_wavelength             ? 
_diffrn_source.pdbx_wavelength_list        1.5418 
# 
_reflns.entry_id                     2O7H 
_reflns.observed_criterion_sigma_F   0 
_reflns.observed_criterion_sigma_I   -3.0 
_reflns.d_resolution_high            1.86 
_reflns.d_resolution_low             50.0 
_reflns.number_all                   15146 
_reflns.number_obs                   15146 
_reflns.percent_possible_obs         98.8 
_reflns.pdbx_Rmerge_I_obs            ? 
_reflns.pdbx_Rsym_value              ? 
_reflns.pdbx_netI_over_sigmaI        ? 
_reflns.B_iso_Wilson_estimate        ? 
_reflns.pdbx_redundancy              ? 
_reflns.R_free_details               ? 
_reflns.limit_h_max                  ? 
_reflns.limit_h_min                  ? 
_reflns.limit_k_max                  ? 
_reflns.limit_k_min                  ? 
_reflns.limit_l_max                  ? 
_reflns.limit_l_min                  ? 
_reflns.observed_criterion_F_max     ? 
_reflns.observed_criterion_F_min     ? 
_reflns.pdbx_chi_squared             ? 
_reflns.pdbx_scaling_rejects         ? 
_reflns.pdbx_ordinal                 1 
_reflns.pdbx_diffrn_id               1 
# 
_reflns_shell.d_res_high             1.86 
_reflns_shell.d_res_low              1.91 
_reflns_shell.percent_possible_all   98.2 
_reflns_shell.Rmerge_I_obs           0.162 
_reflns_shell.pdbx_Rsym_value        ? 
_reflns_shell.meanI_over_sigI_obs    7.59 
_reflns_shell.pdbx_redundancy        ? 
_reflns_shell.percent_possible_obs   ? 
_reflns_shell.number_unique_all      ? 
_reflns_shell.number_measured_all    ? 
_reflns_shell.number_measured_obs    ? 
_reflns_shell.number_unique_obs      ? 
_reflns_shell.pdbx_chi_squared       ? 
_reflns_shell.pdbx_ordinal           1 
_reflns_shell.pdbx_diffrn_id         1 
# 
_refine.entry_id                                 2O7H 
_refine.ls_number_reflns_obs                     14384 
_refine.ls_number_reflns_all                     ? 
_refine.pdbx_ls_sigma_I                          ? 
_refine.pdbx_ls_sigma_F                          ? 
_refine.pdbx_data_cutoff_high_absF               ? 
_refine.pdbx_data_cutoff_low_absF                ? 
_refine.pdbx_data_cutoff_high_rms_absF           ? 
_refine.ls_d_res_low                             42.60 
_refine.ls_d_res_high                            1.86 
_refine.ls_percent_reflns_obs                    99.58 
_refine.ls_R_factor_obs                          0.18128 
_refine.ls_R_factor_all                          0.18128 
_refine.ls_R_factor_R_work                       0.17855 
_refine.ls_R_factor_R_free                       0.23097 
_refine.ls_R_factor_R_free_error                 ? 
_refine.ls_R_factor_R_free_error_details         ? 
_refine.ls_percent_reflns_R_free                 5.0 
_refine.ls_number_reflns_R_free                  759 
_refine.ls_number_parameters                     ? 
_refine.ls_number_restraints                     ? 
_refine.occupancy_min                            ? 
_refine.occupancy_max                            ? 
_refine.correlation_coeff_Fo_to_Fc               0.945 
_refine.correlation_coeff_Fo_to_Fc_free          0.915 
_refine.B_iso_mean                               21.840 
_refine.aniso_B[1][1]                            1.22 
_refine.aniso_B[2][2]                            -0.72 
_refine.aniso_B[3][3]                            0.39 
_refine.aniso_B[1][2]                            0.00 
_refine.aniso_B[1][3]                            0.71 
_refine.aniso_B[2][3]                            0.00 
_refine.solvent_model_details                    MASK 
_refine.solvent_model_param_ksol                 ? 
_refine.solvent_model_param_bsol                 ? 
_refine.pdbx_solvent_vdw_probe_radii             1.40 
_refine.pdbx_solvent_ion_probe_radii             0.80 
_refine.pdbx_solvent_shrinkage_radii             0.80 
_refine.pdbx_ls_cross_valid_method               THROUGHOUT 
_refine.details                                  'HYDROGENS HAVE BEEN ADDED IN THE RIDING POSITIONS' 
_refine.pdbx_starting_model                      1ZIJ 
_refine.pdbx_method_to_determine_struct          'MOLECULAR REPLACEMENT' 
_refine.pdbx_isotropic_thermal_model             ? 
_refine.pdbx_stereochemistry_target_values       'MAXIMUM LIKELIHOOD' 
_refine.pdbx_stereochem_target_val_spec_case     ? 
_refine.pdbx_R_Free_selection_details            RANDOM 
_refine.pdbx_overall_ESU_R                       0.168 
_refine.pdbx_overall_ESU_R_Free                  0.154 
_refine.overall_SU_ML                            0.093 
_refine.overall_SU_B                             5.470 
_refine.ls_redundancy_reflns_obs                 ? 
_refine.B_iso_min                                ? 
_refine.B_iso_max                                ? 
_refine.overall_SU_R_Cruickshank_DPI             ? 
_refine.overall_SU_R_free                        ? 
_refine.ls_wR_factor_R_free                      ? 
_refine.ls_wR_factor_R_work                      ? 
_refine.overall_FOM_free_R_set                   ? 
_refine.overall_FOM_work_R_set                   ? 
_refine.pdbx_refine_id                           'X-RAY DIFFRACTION' 
_refine.pdbx_TLS_residual_ADP_flag               'LIKELY RESIDUAL' 
_refine.pdbx_diffrn_id                           1 
_refine.pdbx_overall_phase_error                 ? 
_refine.pdbx_overall_SU_R_free_Cruickshank_DPI   ? 
_refine.pdbx_overall_SU_R_Blow_DPI               ? 
_refine.pdbx_overall_SU_R_free_Blow_DPI          ? 
# 
_refine_hist.pdbx_refine_id                   'X-RAY DIFFRACTION' 
_refine_hist.cycle_id                         LAST 
_refine_hist.pdbx_number_atoms_protein        1596 
_refine_hist.pdbx_number_atoms_nucleic_acid   0 
_refine_hist.pdbx_number_atoms_ligand         0 
_refine_hist.number_atoms_solvent             184 
_refine_hist.number_atoms_total               1780 
_refine_hist.d_res_high                       1.86 
_refine_hist.d_res_low                        42.60 
# 
loop_
_refine_ls_restr.type 
_refine_ls_restr.dev_ideal 
_refine_ls_restr.dev_ideal_target 
_refine_ls_restr.weight 
_refine_ls_restr.number 
_refine_ls_restr.pdbx_refine_id 
_refine_ls_restr.pdbx_restraint_function 
r_bond_refined_d         0.010  0.022  ? 1602 'X-RAY DIFFRACTION' ? 
r_angle_refined_deg      1.102  2.009  ? 2122 'X-RAY DIFFRACTION' ? 
r_dihedral_angle_1_deg   3.274  5.000  ? 184  'X-RAY DIFFRACTION' ? 
r_dihedral_angle_2_deg   33.022 24.419 ? 86   'X-RAY DIFFRACTION' ? 
r_dihedral_angle_3_deg   15.360 15.000 ? 372  'X-RAY DIFFRACTION' ? 
r_dihedral_angle_4_deg   13.213 15.000 ? 18   'X-RAY DIFFRACTION' ? 
r_chiral_restr           0.070  0.200  ? 238  'X-RAY DIFFRACTION' ? 
r_gen_planes_refined     0.004  0.020  ? 1134 'X-RAY DIFFRACTION' ? 
r_nbd_refined            0.191  0.200  ? 845  'X-RAY DIFFRACTION' ? 
r_nbtor_refined          0.290  0.200  ? 1099 'X-RAY DIFFRACTION' ? 
r_xyhbond_nbd_refined    0.155  0.200  ? 198  'X-RAY DIFFRACTION' ? 
r_symmetry_vdw_refined   0.189  0.200  ? 58   'X-RAY DIFFRACTION' ? 
r_symmetry_hbond_refined 0.435  0.200  ? 28   'X-RAY DIFFRACTION' ? 
r_mcbond_it              2.160  2.000  ? 956  'X-RAY DIFFRACTION' ? 
r_mcangle_it             3.140  3.000  ? 1496 'X-RAY DIFFRACTION' ? 
r_scbond_it              5.429  4.500  ? 686  'X-RAY DIFFRACTION' ? 
r_scangle_it             7.690  6.000  ? 626  'X-RAY DIFFRACTION' ? 
# 
_refine_ls_shell.pdbx_total_number_of_bins_used   20 
_refine_ls_shell.d_res_high                       1.860 
_refine_ls_shell.d_res_low                        1.908 
_refine_ls_shell.number_reflns_R_work             1039 
_refine_ls_shell.R_factor_R_work                  0.172 
_refine_ls_shell.percent_reflns_obs               97.30 
_refine_ls_shell.R_factor_R_free                  0.253 
_refine_ls_shell.R_factor_R_free_error            ? 
_refine_ls_shell.percent_reflns_R_free            ? 
_refine_ls_shell.number_reflns_R_free             43 
_refine_ls_shell.number_reflns_all                ? 
_refine_ls_shell.R_factor_all                     ? 
_refine_ls_shell.number_reflns_obs                ? 
_refine_ls_shell.redundancy_reflns_obs            ? 
_refine_ls_shell.pdbx_refine_id                   'X-RAY DIFFRACTION' 
# 
_struct.entry_id                  2O7H 
_struct.title                     'Crystal structure of trimeric coiled coil GCN4 leucine zipper' 
_struct.pdbx_model_details        ? 
_struct.pdbx_CASP_flag            ? 
_struct.pdbx_model_type_details   ? 
# 
_struct_keywords.entry_id        2O7H 
_struct_keywords.pdbx_keywords   TRANSCRIPTION 
_struct_keywords.text            
'Transcription regulation, Nuclear protein, DNA-binding, Amino-acid biosynthesis, Activator, Trimeric Coiled coil, TRANSCRIPTION' 
# 
loop_
_struct_asym.id 
_struct_asym.pdbx_blank_PDB_chainid_flag 
_struct_asym.pdbx_modified 
_struct_asym.entity_id 
_struct_asym.details 
A N N 1 ? 
B N N 1 ? 
C N N 1 ? 
D N N 1 ? 
E N N 1 ? 
F N N 1 ? 
G N N 2 ? 
H N N 2 ? 
I N N 2 ? 
J N N 2 ? 
K N N 2 ? 
L N N 2 ? 
# 
_struct_biol.id        1 
_struct_biol.details   ? 
# 
loop_
_struct_conf.conf_type_id 
_struct_conf.id 
_struct_conf.pdbx_PDB_helix_id 
_struct_conf.beg_label_comp_id 
_struct_conf.beg_label_asym_id 
_struct_conf.beg_label_seq_id 
_struct_conf.pdbx_beg_PDB_ins_code 
_struct_conf.end_label_comp_id 
_struct_conf.end_label_asym_id 
_struct_conf.end_label_seq_id 
_struct_conf.pdbx_end_PDB_ins_code 
_struct_conf.beg_auth_comp_id 
_struct_conf.beg_auth_asym_id 
_struct_conf.beg_auth_seq_id 
_struct_conf.end_auth_comp_id 
_struct_conf.end_auth_asym_id 
_struct_conf.end_auth_seq_id 
_struct_conf.pdbx_PDB_helix_class 
_struct_conf.details 
_struct_conf.pdbx_PDB_helix_length 
HELX_P HELX_P1 1 SER A 2 ? GLY A 33 ? SER A 0 GLY A 31 1 ? 32 
HELX_P HELX_P2 2 MET B 4 ? GLY B 33 ? MET B 2 GLY B 31 1 ? 30 
HELX_P HELX_P3 3 ARG C 3 ? GLU C 34 ? ARG C 1 GLU C 32 1 ? 32 
HELX_P HELX_P4 4 SER D 2 ? GLY D 33 ? SER D 0 GLY D 31 1 ? 32 
HELX_P HELX_P5 5 ARG E 3 ? GLY E 33 ? ARG E 1 GLY E 31 1 ? 31 
HELX_P HELX_P6 6 ARG F 3 ? VAL F 32 ? ARG F 1 VAL F 30 1 ? 30 
# 
_struct_conf_type.id          HELX_P 
_struct_conf_type.criteria    ? 
_struct_conf_type.reference   ? 
# 
_atom_sites.entry_id                    2O7H 
_atom_sites.fract_transf_matrix[1][1]   0.00536527 
_atom_sites.fract_transf_matrix[1][2]   0.01498749 
_atom_sites.fract_transf_matrix[1][3]   -0.00576617 
_atom_sites.fract_transf_matrix[2][1]   -0.01159235 
_atom_sites.fract_transf_matrix[2][2]   0.00824954 
_atom_sites.fract_transf_matrix[2][3]   0.01065592 
_atom_sites.fract_transf_matrix[3][1]   0.01723838 
_atom_sites.fract_transf_matrix[3][2]   0.01367385 
_atom_sites.fract_transf_matrix[3][3]   0.00816732 
_atom_sites.fract_transf_vector[1]      0.235289 
_atom_sites.fract_transf_vector[2]      -0.546589 
_atom_sites.fract_transf_vector[3]      0.131549 
# 
loop_
_atom_type.symbol 
C 
N 
O 
S 
# 
loop_
_atom_site.group_PDB 
_atom_site.id 
_atom_site.type_symbol 
_atom_site.label_atom_id 
_atom_site.label_alt_id 
_atom_site.label_comp_id 
_atom_site.label_asym_id 
_atom_site.label_entity_id 
_atom_site.label_seq_id 
_atom_site.pdbx_PDB_ins_code 
_atom_site.Cartn_x 
_atom_site.Cartn_y 
_atom_site.Cartn_z 
_atom_site.occupancy 
_atom_site.B_iso_or_equiv 
_atom_site.pdbx_formal_charge 
_atom_site.auth_seq_id 
_atom_site.auth_comp_id 
_atom_site.auth_asym_id 
_atom_site.auth_atom_id 
_atom_site.pdbx_PDB_model_num 
ATOM   1    N N   . SER A 1 2  ? 7.655   17.424  14.057  1.00 36.71 ? 0  SER A N   1 
ATOM   2    C CA  . SER A 1 2  ? 6.668   17.512  15.172  1.00 33.74 ? 0  SER A CA  1 
ATOM   3    C C   . SER A 1 2  ? 6.023   16.152  15.427  1.00 31.34 ? 0  SER A C   1 
ATOM   4    O O   . SER A 1 2  ? 5.694   15.412  14.488  1.00 30.17 ? 0  SER A O   1 
ATOM   5    C CB  . SER A 1 2  ? 5.626   18.598  14.878  1.00 36.00 ? 0  SER A CB  1 
ATOM   6    O OG  . SER A 1 2  ? 4.587   18.605  15.829  1.00 33.84 ? 0  SER A OG  1 
ATOM   7    N N   . ARG A 1 3  ? 5.880   15.810  16.705  1.00 27.97 ? 1  ARG A N   1 
ATOM   8    C CA  . ARG A 1 3  ? 5.234   14.565  17.095  1.00 26.44 ? 1  ARG A CA  1 
ATOM   9    C C   . ARG A 1 3  ? 3.764   14.577  16.652  1.00 25.10 ? 1  ARG A C   1 
ATOM   10   O O   . ARG A 1 3  ? 3.274   13.597  16.089  1.00 20.67 ? 1  ARG A O   1 
ATOM   11   C CB  . ARG A 1 3  ? 5.372   14.330  18.595  1.00 27.06 ? 1  ARG A CB  1 
ATOM   12   C CG  . ARG A 1 3  ? 5.005   12.939  19.004  1.00 26.12 ? 1  ARG A CG  1 
ATOM   13   C CD  . ARG A 1 3  ? 5.278   12.693  20.468  1.00 26.09 ? 1  ARG A CD  1 
ATOM   14   N NE  . ARG A 1 3  ? 4.696   11.417  20.878  1.00 22.55 ? 1  ARG A NE  1 
ATOM   15   C CZ  . ARG A 1 3  ? 4.973   10.780  22.011  1.00 26.62 ? 1  ARG A CZ  1 
ATOM   16   N NH1 . ARG A 1 3  ? 5.853   11.275  22.875  1.00 28.85 ? 1  ARG A NH1 1 
ATOM   17   N NH2 . ARG A 1 3  ? 4.372   9.632   22.273  1.00 29.17 ? 1  ARG A NH2 1 
ATOM   18   N N   . MET A 1 4  ? 3.095   15.711  16.865  1.00 22.17 ? 2  MET A N   1 
ATOM   19   C CA  . MET A 1 4  ? 1.735   15.921  16.380  1.00 24.84 ? 2  MET A CA  1 
ATOM   20   C C   . MET A 1 4  ? 1.636   15.874  14.842  1.00 23.63 ? 2  MET A C   1 
ATOM   21   O O   . MET A 1 4  ? 0.736   15.236  14.308  1.00 23.61 ? 2  MET A O   1 
ATOM   22   C CB  . MET A 1 4  ? 1.152   17.232  16.941  1.00 26.94 ? 2  MET A CB  1 
ATOM   23   C CG  . MET A 1 4  ? -0.315  17.477  16.587  1.00 30.69 ? 2  MET A CG  1 
ATOM   24   S SD  . MET A 1 4  ? -1.449  16.207  17.184  1.00 33.95 ? 2  MET A SD  1 
ATOM   25   C CE  . MET A 1 4  ? -3.007  16.935  16.662  1.00 34.24 ? 2  MET A CE  1 
ATOM   26   N N   . LYS A 1 5  ? 2.559   16.533  14.141  1.00 23.56 ? 3  LYS A N   1 
ATOM   27   C CA  . LYS A 1 5  ? 2.566   16.533  12.669  1.00 24.64 ? 3  LYS A CA  1 
ATOM   28   C C   . LYS A 1 5  ? 2.743   15.118  12.108  1.00 24.08 ? 3  LYS A C   1 
ATOM   29   O O   . LYS A 1 5  ? 2.076   14.742  11.139  1.00 23.85 ? 3  LYS A O   1 
ATOM   30   C CB  . LYS A 1 5  ? 3.648   17.470  12.117  1.00 29.02 ? 3  LYS A CB  1 
ATOM   31   C CG  . LYS A 1 5  ? 3.611   17.642  10.599  1.00 35.14 ? 3  LYS A CG  1 
ATOM   32   C CD  . LYS A 1 5  ? 4.988   17.952  10.045  1.00 43.05 ? 3  LYS A CD  1 
ATOM   33   C CE  . LYS A 1 5  ? 5.179   17.342  8.664   1.00 44.52 ? 3  LYS A CE  1 
ATOM   34   N NZ  . LYS A 1 5  ? 5.686   15.941  8.764   1.00 42.92 ? 3  LYS A NZ  1 
ATOM   35   N N   . GLN A 1 6  ? 3.628   14.339  12.734  1.00 21.79 ? 4  GLN A N   1 
ATOM   36   C CA  . GLN A 1 6  ? 3.911   12.966  12.324  1.00 23.69 ? 4  GLN A CA  1 
ATOM   37   C C   . GLN A 1 6  ? 2.649   12.124  12.437  1.00 20.61 ? 4  GLN A C   1 
ATOM   38   O O   . GLN A 1 6  ? 2.353   11.315  11.549  1.00 17.72 ? 4  GLN A O   1 
ATOM   39   C CB  . GLN A 1 6  ? 5.010   12.362  13.200  1.00 23.04 ? 4  GLN A CB  1 
ATOM   40   C CG  . GLN A 1 6  ? 6.434   12.771  12.823  1.00 29.52 ? 4  GLN A CG  1 
ATOM   41   C CD  . GLN A 1 6  ? 7.466   12.293  13.846  1.00 32.00 ? 4  GLN A CD  1 
ATOM   42   O OE1 . GLN A 1 6  ? 7.344   12.557  15.044  1.00 43.36 ? 4  GLN A OE1 1 
ATOM   43   N NE2 . GLN A 1 6  ? 8.490   11.589  13.370  1.00 40.16 ? 4  GLN A NE2 1 
ATOM   44   N N   . LEU A 1 7  ? 1.913   12.332  13.533  1.00 17.51 ? 5  LEU A N   1 
ATOM   45   C CA  . LEU A 1 7  ? 0.653   11.624  13.774  1.00 16.11 ? 5  LEU A CA  1 
ATOM   46   C C   . LEU A 1 7  ? -0.392  11.994  12.725  1.00 16.48 ? 5  LEU A C   1 
ATOM   47   O O   . LEU A 1 7  ? -1.069  11.115  12.191  1.00 18.57 ? 5  LEU A O   1 
ATOM   48   C CB  . LEU A 1 7  ? 0.125   11.912  15.193  1.00 18.32 ? 5  LEU A CB  1 
ATOM   49   C CG  . LEU A 1 7  ? -1.075  11.090  15.685  1.00 20.12 ? 5  LEU A CG  1 
ATOM   50   C CD1 . LEU A 1 7  ? -0.780  9.608   15.531  1.00 20.00 ? 5  LEU A CD1 1 
ATOM   51   C CD2 . LEU A 1 7  ? -1.427  11.434  17.144  1.00 19.01 ? 5  LEU A CD2 1 
ATOM   52   N N   . GLU A 1 8  ? -0.543  13.288  12.444  1.00 14.74 ? 6  GLU A N   1 
ATOM   53   C CA  . GLU A 1 8  ? -1.459  13.725  11.380  1.00 17.16 ? 6  GLU A CA  1 
ATOM   54   C C   . GLU A 1 8  ? -1.085  13.153  10.007  1.00 16.47 ? 6  GLU A C   1 
ATOM   55   O O   . GLU A 1 8  ? -1.965  12.771  9.219   1.00 16.01 ? 6  GLU A O   1 
ATOM   56   C CB  . GLU A 1 8  ? -1.529  15.237  11.321  1.00 20.10 ? 6  GLU A CB  1 
ATOM   57   C CG  . GLU A 1 8  ? -2.127  15.821  12.577  1.00 18.88 ? 6  GLU A CG  1 
ATOM   58   C CD  . GLU A 1 8  ? -2.009  17.319  12.620  1.00 24.11 ? 6  GLU A CD  1 
ATOM   59   O OE1 . GLU A 1 8  ? -0.982  17.844  12.151  1.00 25.16 ? 6  GLU A OE1 1 
ATOM   60   O OE2 . GLU A 1 8  ? -2.948  17.965  13.129  1.00 26.06 ? 6  GLU A OE2 1 
ATOM   61   N N   . ASP A 1 9  ? 0.214   13.085  9.732   1.00 17.16 ? 7  ASP A N   1 
ATOM   62   C CA  . ASP A 1 9  ? 0.695   12.505  8.475   1.00 18.17 ? 7  ASP A CA  1 
ATOM   63   C C   . ASP A 1 9  ? 0.296   11.047  8.378   1.00 16.78 ? 7  ASP A C   1 
ATOM   64   O O   . ASP A 1 9  ? -0.190  10.605  7.330   1.00 15.52 ? 7  ASP A O   1 
ATOM   65   C CB  . ASP A 1 9  ? 2.215   12.648  8.338   1.00 17.76 ? 7  ASP A CB  1 
ATOM   66   C CG  . ASP A 1 9  ? 2.643   14.062  8.010   1.00 22.27 ? 7  ASP A CG  1 
ATOM   67   O OD1 . ASP A 1 9  ? 1.783   14.903  7.678   1.00 19.71 ? 7  ASP A OD1 1 
ATOM   68   O OD2 . ASP A 1 9  ? 3.860   14.327  8.081   1.00 22.13 ? 7  ASP A OD2 1 
ATOM   69   N N   . LYS A 1 10 ? 0.495   10.305  9.474   1.00 17.77 ? 8  LYS A N   1 
ATOM   70   C CA  . LYS A 1 10 ? 0.168   8.868   9.505   1.00 15.49 ? 8  LYS A CA  1 
ATOM   71   C C   . LYS A 1 10 ? -1.304  8.633   9.286   1.00 11.80 ? 8  LYS A C   1 
ATOM   72   O O   . LYS A 1 10 ? -1.686  7.682   8.606   1.00 15.93 ? 8  LYS A O   1 
ATOM   73   C CB  . LYS A 1 10 ? 0.596   8.213   10.815  1.00 11.70 ? 8  LYS A CB  1 
ATOM   74   C CG  . LYS A 1 10 ? 2.108   8.007   10.960  1.00 22.52 ? 8  LYS A CG  1 
ATOM   75   C CD  . LYS A 1 10 ? 2.405   7.403   12.323  1.00 25.77 ? 8  LYS A CD  1 
ATOM   76   C CE  . LYS A 1 10 ? 3.897   7.126   12.512  1.00 36.76 ? 8  LYS A CE  1 
ATOM   77   N NZ  . LYS A 1 10 ? 4.619   8.366   12.900  1.00 36.90 ? 8  LYS A NZ  1 
ATOM   78   N N   . VAL A 1 11 ? -2.126  9.507   9.870   1.00 14.34 ? 9  VAL A N   1 
ATOM   79   C CA  . VAL A 1 11 ? -3.564  9.391   9.755   1.00 13.69 ? 9  VAL A CA  1 
ATOM   80   C C   . VAL A 1 11 ? -3.956  9.656   8.301   1.00 12.04 ? 9  VAL A C   1 
ATOM   81   O O   . VAL A 1 11 ? -4.757  8.931   7.726   1.00 11.78 ? 9  VAL A O   1 
ATOM   82   C CB  . VAL A 1 11 ? -4.304  10.307  10.772  1.00 10.65 ? 9  VAL A CB  1 
ATOM   83   C CG1 . VAL A 1 11 ? -5.818  10.379  10.444  1.00 11.88 ? 9  VAL A CG1 1 
ATOM   84   C CG2 . VAL A 1 11 ? -4.078  9.792   12.186  1.00 14.36 ? 9  VAL A CG2 1 
ATOM   85   N N   . GLU A 1 12 ? -3.369  10.677  7.695   1.00 14.03 ? 10 GLU A N   1 
ATOM   86   C CA  . GLU A 1 12 ? -3.678  10.950  6.296   1.00 14.04 ? 10 GLU A CA  1 
ATOM   87   C C   . GLU A 1 12 ? -3.272  9.780   5.404   1.00 13.27 ? 10 GLU A C   1 
ATOM   88   O O   . GLU A 1 12 ? -3.994  9.443   4.469   1.00 14.29 ? 10 GLU A O   1 
ATOM   89   C CB  . GLU A 1 12 ? -3.019  12.240  5.825   1.00 16.36 ? 10 GLU A CB  1 
ATOM   90   C CG  . GLU A 1 12 ? -3.662  13.486  6.434   1.00 23.41 ? 10 GLU A CG  1 
ATOM   91   C CD  . GLU A 1 12 ? -5.186  13.498  6.280   1.00 29.93 ? 10 GLU A CD  1 
ATOM   92   O OE1 . GLU A 1 12 ? -5.675  13.330  5.141   1.00 31.28 ? 10 GLU A OE1 1 
ATOM   93   O OE2 . GLU A 1 12 ? -5.893  13.666  7.300   1.00 28.16 ? 10 GLU A OE2 1 
ATOM   94   N N   . GLU A 1 13 ? -2.109  9.195   5.700   1.00 13.34 ? 11 GLU A N   1 
ATOM   95   C CA  . GLU A 1 13 ? -1.637  7.978   5.031   1.00 15.11 ? 11 GLU A CA  1 
ATOM   96   C C   . GLU A 1 13 ? -2.650  6.845   5.151   1.00 12.40 ? 11 GLU A C   1 
ATOM   97   O O   . GLU A 1 13 ? -2.944  6.175   4.164   1.00 12.46 ? 11 GLU A O   1 
ATOM   98   C CB  . GLU A 1 13 ? -0.315  7.511   5.626   1.00 14.92 ? 11 GLU A CB  1 
ATOM   99   C CG  . GLU A 1 13 ? 0.870   8.314   5.150   1.00 19.30 ? 11 GLU A CG  1 
ATOM   100  C CD  . GLU A 1 13 ? 2.101   8.092   5.996   1.00 29.43 ? 11 GLU A CD  1 
ATOM   101  O OE1 . GLU A 1 13 ? 2.213   7.007   6.613   1.00 21.49 ? 11 GLU A OE1 1 
ATOM   102  O OE2 . GLU A 1 13 ? 2.948   9.013   6.049   1.00 21.70 ? 11 GLU A OE2 1 
ATOM   103  N N   . LEU A 1 14 ? -3.165  6.621   6.363   1.00 12.27 ? 12 LEU A N   1 
ATOM   104  C CA  . LEU A 1 14 ? -4.125  5.553   6.602   1.00 14.07 ? 12 LEU A CA  1 
ATOM   105  C C   . LEU A 1 14 ? -5.453  5.783   5.871   1.00 13.45 ? 12 LEU A C   1 
ATOM   106  O O   . LEU A 1 14 ? -6.098  4.841   5.399   1.00 12.17 ? 12 LEU A O   1 
ATOM   107  C CB  . LEU A 1 14 ? -4.372  5.402   8.098   1.00 16.19 ? 12 LEU A CB  1 
ATOM   108  C CG  . LEU A 1 14 ? -3.210  4.739   8.848   1.00 17.62 ? 12 LEU A CG  1 
ATOM   109  C CD1 . LEU A 1 14 ? -3.296  5.070   10.347  1.00 13.92 ? 12 LEU A CD1 1 
ATOM   110  C CD2 . LEU A 1 14 ? -3.134  3.219   8.576   1.00 18.98 ? 12 LEU A CD2 1 
ATOM   111  N N   . LEU A 1 15 ? -5.872  7.039   5.819   1.00 13.65 ? 13 LEU A N   1 
ATOM   112  C CA  . LEU A 1 15 ? -7.116  7.396   5.142   1.00 12.58 ? 13 LEU A CA  1 
ATOM   113  C C   . LEU A 1 15 ? -6.978  7.103   3.640   1.00 13.28 ? 13 LEU A C   1 
ATOM   114  O O   . LEU A 1 15 ? -7.861  6.510   3.037   1.00 11.22 ? 13 LEU A O   1 
ATOM   115  C CB  . LEU A 1 15 ? -7.452  8.858   5.395   1.00 14.61 ? 13 LEU A CB  1 
ATOM   116  C CG  . LEU A 1 15 ? -8.055  9.128   6.783   1.00 13.90 ? 13 LEU A CG  1 
ATOM   117  C CD1 . LEU A 1 15 ? -7.983  10.627  7.115   1.00 17.23 ? 13 LEU A CD1 1 
ATOM   118  C CD2 . LEU A 1 15 ? -9.498  8.598   6.884   1.00 13.76 ? 13 LEU A CD2 1 
ATOM   119  N N   . SER A 1 16 ? -5.856  7.508   3.060   1.00 11.71 ? 14 SER A N   1 
ATOM   120  C CA  . SER A 1 16 ? -5.571  7.206   1.649   1.00 15.05 ? 14 SER A CA  1 
ATOM   121  C C   . SER A 1 16 ? -5.504  5.698   1.434   1.00 13.77 ? 14 SER A C   1 
ATOM   122  O O   . SER A 1 16 ? -6.113  5.145   0.499   1.00 14.58 ? 14 SER A O   1 
ATOM   123  C CB  . SER A 1 16 ? -4.257  7.852   1.209   1.00 14.11 ? 14 SER A CB  1 
ATOM   124  O OG  . SER A 1 16 ? -3.981  7.511   -0.147  1.00 14.26 ? 14 SER A OG  1 
ATOM   125  N N   . LYS A 1 17 ? -4.762  5.028   2.308   1.00 11.18 ? 15 LYS A N   1 
ATOM   126  C CA  . LYS A 1 17 ? -4.538  3.583   2.158   1.00 13.43 ? 15 LYS A CA  1 
ATOM   127  C C   . LYS A 1 17 ? -5.843  2.800   2.254   1.00 13.87 ? 15 LYS A C   1 
ATOM   128  O O   . LYS A 1 17 ? -6.098  1.894   1.458   1.00 13.07 ? 15 LYS A O   1 
ATOM   129  C CB  . LYS A 1 17 ? -3.498  3.091   3.157   1.00 12.99 ? 15 LYS A CB  1 
ATOM   130  C CG  . LYS A 1 17 ? -2.090  3.455   2.708   1.00 11.67 ? 15 LYS A CG  1 
ATOM   131  C CD  . LYS A 1 17 ? -1.030  2.872   3.640   1.00 24.40 ? 15 LYS A CD  1 
ATOM   132  C CE  . LYS A 1 17 ? 0.363   3.246   3.159   1.00 32.13 ? 15 LYS A CE  1 
ATOM   133  N NZ  . LYS A 1 17 ? 1.330   2.086   3.232   1.00 40.32 ? 15 LYS A NZ  1 
ATOM   134  N N   . ASN A 1 18 ? -6.676  3.170   3.213   1.00 13.64 ? 16 ASN A N   1 
ATOM   135  C CA  . ASN A 1 18 ? -7.964  2.508   3.369   1.00 11.89 ? 16 ASN A CA  1 
ATOM   136  C C   . ASN A 1 18 ? -8.856  2.746   2.145   1.00 10.44 ? 16 ASN A C   1 
ATOM   137  O O   . ASN A 1 18 ? -9.508  1.824   1.677   1.00 11.93 ? 16 ASN A O   1 
ATOM   138  C CB  . ASN A 1 18 ? -8.682  2.970   4.634   1.00 13.87 ? 16 ASN A CB  1 
ATOM   139  C CG  . ASN A 1 18 ? -10.075 2.405   4.729   1.00 12.24 ? 16 ASN A CG  1 
ATOM   140  O OD1 . ASN A 1 18 ? -10.248 1.235   5.091   1.00 23.88 ? 16 ASN A OD1 1 
ATOM   141  N ND2 . ASN A 1 18 ? -11.070 3.204   4.374   1.00 15.00 ? 16 ASN A ND2 1 
ATOM   142  N N   . TYR A 1 19 ? -8.883  3.975   1.630   1.00 8.87  ? 17 TYR A N   1 
ATOM   143  C CA  . TYR A 1 19 ? -9.667  4.274   0.411   1.00 13.26 ? 17 TYR A CA  1 
ATOM   144  C C   . TYR A 1 19 ? -9.293  3.313   -0.723  1.00 13.62 ? 17 TYR A C   1 
ATOM   145  O O   . TYR A 1 19 ? -10.142 2.640   -1.344  1.00 9.06  ? 17 TYR A O   1 
ATOM   146  C CB  . TYR A 1 19 ? -9.388  5.715   -0.071  1.00 13.95 ? 17 TYR A CB  1 
ATOM   147  C CG  . TYR A 1 19 ? -9.953  5.935   -1.452  1.00 17.80 ? 17 TYR A CG  1 
ATOM   148  C CD1 . TYR A 1 19 ? -11.337 6.024   -1.642  1.00 20.90 ? 17 TYR A CD1 1 
ATOM   149  C CD2 . TYR A 1 19 ? -9.122  5.992   -2.578  1.00 16.06 ? 17 TYR A CD2 1 
ATOM   150  C CE1 . TYR A 1 19 ? -11.886 6.207   -2.905  1.00 21.40 ? 17 TYR A CE1 1 
ATOM   151  C CE2 . TYR A 1 19 ? -9.673  6.168   -3.860  1.00 22.55 ? 17 TYR A CE2 1 
ATOM   152  C CZ  . TYR A 1 19 ? -11.049 6.278   -3.999  1.00 18.56 ? 17 TYR A CZ  1 
ATOM   153  O OH  . TYR A 1 19 ? -11.607 6.435   -5.227  1.00 19.77 ? 17 TYR A OH  1 
ATOM   154  N N   . HIS A 1 20 ? -7.993  3.280   -1.003  1.00 8.87  ? 18 HIS A N   1 
ATOM   155  C CA  . HIS A 1 20 ? -7.469  2.458   -2.083  1.00 12.56 ? 18 HIS A CA  1 
ATOM   156  C C   . HIS A 1 20 ? -7.646  0.967   -1.842  1.00 8.79  ? 18 HIS A C   1 
ATOM   157  O O   . HIS A 1 20 ? -7.939  0.207   -2.775  1.00 11.76 ? 18 HIS A O   1 
ATOM   158  C CB  . HIS A 1 20 ? -6.006  2.798   -2.332  1.00 13.72 ? 18 HIS A CB  1 
ATOM   159  C CG  . HIS A 1 20 ? -5.816  4.148   -2.958  1.00 12.11 ? 18 HIS A CG  1 
ATOM   160  N ND1 . HIS A 1 20 ? -6.311  4.462   -4.207  1.00 15.75 ? 18 HIS A ND1 1 
ATOM   161  C CD2 . HIS A 1 20 ? -5.191  5.256   -2.508  1.00 12.45 ? 18 HIS A CD2 1 
ATOM   162  C CE1 . HIS A 1 20 ? -6.007  5.715   -4.493  1.00 11.81 ? 18 HIS A CE1 1 
ATOM   163  N NE2 . HIS A 1 20 ? -5.325  6.219   -3.477  1.00 12.39 ? 18 HIS A NE2 1 
ATOM   164  N N   . LEU A 1 21 ? -7.449  0.542   -0.601  1.00 10.75 ? 19 LEU A N   1 
ATOM   165  C CA  . LEU A 1 21 ? -7.574  -0.881  -0.300  1.00 9.54  ? 19 LEU A CA  1 
ATOM   166  C C   . LEU A 1 21 ? -9.027  -1.297  -0.401  1.00 10.55 ? 19 LEU A C   1 
ATOM   167  O O   . LEU A 1 21 ? -9.340  -2.378  -0.894  1.00 10.74 ? 19 LEU A O   1 
ATOM   168  C CB  . LEU A 1 21 ? -7.000  -1.203  1.058   1.00 9.34  ? 19 LEU A CB  1 
ATOM   169  C CG  . LEU A 1 21 ? -6.874  -2.699  1.374   1.00 9.77  ? 19 LEU A CG  1 
ATOM   170  C CD1 . LEU A 1 21 ? -5.909  -3.439  0.341   1.00 12.07 ? 19 LEU A CD1 1 
ATOM   171  C CD2 . LEU A 1 21 ? -6.493  -2.906  2.816   1.00 17.02 ? 19 LEU A CD2 1 
ATOM   172  N N   . GLU A 1 22 ? -9.931  -0.444  0.074   1.00 10.27 ? 20 GLU A N   1 
ATOM   173  C CA  . GLU A 1 22 ? -11.342 -0.776  -0.099  1.00 11.59 ? 20 GLU A CA  1 
ATOM   174  C C   . GLU A 1 22 ? -11.721 -0.927  -1.561  1.00 12.26 ? 20 GLU A C   1 
ATOM   175  O O   . GLU A 1 22 ? -12.516 -1.810  -1.914  1.00 11.26 ? 20 GLU A O   1 
ATOM   176  C CB  . GLU A 1 22 ? -12.266 0.233   0.559   1.00 8.24  ? 20 GLU A CB  1 
ATOM   177  C CG  . GLU A 1 22 ? -13.720 -0.215  0.409   1.00 11.21 ? 20 GLU A CG  1 
ATOM   178  C CD  . GLU A 1 22 ? -14.733 0.678   1.127   1.00 16.03 ? 20 GLU A CD  1 
ATOM   179  O OE1 . GLU A 1 22 ? -14.315 1.614   1.833   1.00 12.71 ? 20 GLU A OE1 1 
ATOM   180  O OE2 . GLU A 1 22 ? -15.958 0.431   0.988   1.00 11.89 ? 20 GLU A OE2 1 
ATOM   181  N N   . ASN A 1 23 ? -11.181 -0.058  -2.420  1.00 12.43 ? 21 ASN A N   1 
ATOM   182  C CA  . ASN A 1 23 ? -11.456 -0.211  -3.850  1.00 13.84 ? 21 ASN A CA  1 
ATOM   183  C C   . ASN A 1 23 ? -10.991 -1.547  -4.411  1.00 11.46 ? 21 ASN A C   1 
ATOM   184  O O   . ASN A 1 23 ? -11.706 -2.179  -5.195  1.00 10.65 ? 21 ASN A O   1 
ATOM   185  C CB  . ASN A 1 23 ? -10.935 0.984   -4.643  1.00 14.35 ? 21 ASN A CB  1 
ATOM   186  C CG  . ASN A 1 23 ? -11.815 2.227   -4.461  1.00 21.61 ? 21 ASN A CG  1 
ATOM   187  O OD1 . ASN A 1 23 ? -12.967 2.140   -4.033  1.00 21.10 ? 21 ASN A OD1 1 
ATOM   188  N ND2 . ASN A 1 23 ? -11.259 3.385   -4.764  1.00 20.37 ? 21 ASN A ND2 1 
ATOM   189  N N   . ARG A 1 24 ? -9.808  -1.993  -3.988  1.00 9.72  ? 22 ARG A N   1 
ATOM   190  C CA  . ARG A 1 24 ? -9.294  -3.315  -4.355  1.00 9.91  ? 22 ARG A CA  1 
ATOM   191  C C   . ARG A 1 24 ? -10.200 -4.447  -3.847  1.00 10.06 ? 22 ARG A C   1 
ATOM   192  O O   . ARG A 1 24 ? -10.419 -5.449  -4.546  1.00 9.90  ? 22 ARG A O   1 
ATOM   193  C CB  . ARG A 1 24 ? -7.874  -3.479  -3.792  1.00 10.36 ? 22 ARG A CB  1 
ATOM   194  C CG  . ARG A 1 24 ? -6.810  -2.754  -4.600  1.00 10.55 ? 22 ARG A CG  1 
ATOM   195  C CD  . ARG A 1 24 ? -5.533  -2.658  -3.815  1.00 8.31  ? 22 ARG A CD  1 
ATOM   196  N NE  . ARG A 1 24 ? -4.898  -3.982  -3.636  1.00 10.26 ? 22 ARG A NE  1 
ATOM   197  C CZ  . ARG A 1 24 ? -3.814  -4.190  -2.896  1.00 13.56 ? 22 ARG A CZ  1 
ATOM   198  N NH1 . ARG A 1 24 ? -3.219  -3.183  -2.269  1.00 14.20 ? 22 ARG A NH1 1 
ATOM   199  N NH2 . ARG A 1 24 ? -3.289  -5.394  -2.821  1.00 8.22  ? 22 ARG A NH2 1 
ATOM   200  N N   . VAL A 1 25 ? -10.741 -4.283  -2.641  1.00 11.27 ? 23 VAL A N   1 
ATOM   201  C CA  . VAL A 1 25 ? -11.636 -5.297  -2.073  1.00 10.68 ? 23 VAL A CA  1 
ATOM   202  C C   . VAL A 1 25 ? -12.954 -5.332  -2.836  1.00 10.85 ? 23 VAL A C   1 
ATOM   203  O O   . VAL A 1 25 ? -13.482 -6.410  -3.137  1.00 10.04 ? 23 VAL A O   1 
ATOM   204  C CB  . VAL A 1 25 ? -11.896 -5.040  -0.555  1.00 10.86 ? 23 VAL A CB  1 
ATOM   205  C CG1 . VAL A 1 25 ? -12.947 -6.020  0.011   1.00 11.77 ? 23 VAL A CG1 1 
ATOM   206  C CG2 . VAL A 1 25 ? -10.583 -5.175  0.236   1.00 8.26  ? 23 VAL A CG2 1 
ATOM   207  N N   . ALA A 1 26 ? -13.490 -4.146  -3.125  1.00 12.63 ? 24 ALA A N   1 
ATOM   208  C CA  . ALA A 1 26 ? -14.719 -4.023  -3.939  1.00 12.29 ? 24 ALA A CA  1 
ATOM   209  C C   . ALA A 1 26 ? -14.541 -4.672  -5.318  1.00 13.98 ? 24 ALA A C   1 
ATOM   210  O O   . ALA A 1 26 ? -15.447 -5.346  -5.815  1.00 15.45 ? 24 ALA A O   1 
ATOM   211  C CB  . ALA A 1 26 ? -15.115 -2.574  -4.072  1.00 14.02 ? 24 ALA A CB  1 
ATOM   212  N N   . ARG A 1 27 ? -13.369 -4.480  -5.915  1.00 9.51  ? 25 ARG A N   1 
ATOM   213  C CA  . ARG A 1 27 ? -13.033 -5.099  -7.190  1.00 12.55 ? 25 ARG A CA  1 
ATOM   214  C C   . ARG A 1 27 ? -13.074 -6.611  -7.082  1.00 11.45 ? 25 ARG A C   1 
ATOM   215  O O   . ARG A 1 27 ? -13.718 -7.279  -7.915  1.00 13.66 ? 25 ARG A O   1 
ATOM   216  C CB  . ARG A 1 27 ? -11.643 -4.665  -7.652  1.00 11.77 ? 25 ARG A CB  1 
ATOM   217  C CG  . ARG A 1 27 ? -11.213 -5.416  -8.876  1.00 16.69 ? 25 ARG A CG  1 
ATOM   218  C CD  . ARG A 1 27 ? -10.141 -4.670  -9.636  1.00 27.53 ? 25 ARG A CD  1 
ATOM   219  N NE  . ARG A 1 27 ? -10.265 -4.938  -11.063 1.00 37.63 ? 25 ARG A NE  1 
ATOM   220  C CZ  . ARG A 1 27 ? -9.684  -5.953  -11.697 1.00 40.33 ? 25 ARG A CZ  1 
ATOM   221  N NH1 . ARG A 1 27 ? -8.916  -6.815  -11.030 1.00 33.05 ? 25 ARG A NH1 1 
ATOM   222  N NH2 . ARG A 1 27 ? -9.873  -6.103  -13.005 1.00 35.45 ? 25 ARG A NH2 1 
ATOM   223  N N   . LEU A 1 28 ? -12.415 -7.150  -6.054  1.00 11.95 ? 26 LEU A N   1 
ATOM   224  C CA  . LEU A 1 28 ? -12.479 -8.591  -5.774  1.00 11.19 ? 26 LEU A CA  1 
ATOM   225  C C   . LEU A 1 28 ? -13.908 -9.078  -5.600  1.00 14.52 ? 26 LEU A C   1 
ATOM   226  O O   . LEU A 1 28 ? -14.260 -10.166 -6.081  1.00 15.23 ? 26 LEU A O   1 
ATOM   227  C CB  . LEU A 1 28 ? -11.674 -8.953  -4.515  1.00 7.75  ? 26 LEU A CB  1 
ATOM   228  C CG  . LEU A 1 28 ? -10.132 -8.908  -4.600  1.00 12.02 ? 26 LEU A CG  1 
ATOM   229  C CD1 . LEU A 1 28 ? -9.498  -9.056  -3.234  1.00 8.54  ? 26 LEU A CD1 1 
ATOM   230  C CD2 . LEU A 1 28 ? -9.596  -9.971  -5.555  1.00 12.48 ? 26 LEU A CD2 1 
ATOM   231  N N   . GLU A 1 29 ? -14.719 -8.299  -4.889  1.00 13.33 ? 27 GLU A N   1 
ATOM   232  C CA  . GLU A 1 29 ? -16.117 -8.676  -4.666  1.00 12.69 ? 27 GLU A CA  1 
ATOM   233  C C   . GLU A 1 29 ? -16.898 -8.737  -5.978  1.00 15.13 ? 27 GLU A C   1 
ATOM   234  O O   . GLU A 1 29 ? -17.742 -9.622  -6.169  1.00 14.47 ? 27 GLU A O   1 
ATOM   235  C CB  . GLU A 1 29 ? -16.782 -7.713  -3.683  1.00 10.53 ? 27 GLU A CB  1 
ATOM   236  C CG  . GLU A 1 29 ? -16.281 -7.867  -2.263  1.00 9.77  ? 27 GLU A CG  1 
ATOM   237  C CD  . GLU A 1 29 ? -16.727 -6.742  -1.344  1.00 11.06 ? 27 GLU A CD  1 
ATOM   238  O OE1 . GLU A 1 29 ? -17.092 -5.643  -1.843  1.00 14.81 ? 27 GLU A OE1 1 
ATOM   239  O OE2 . GLU A 1 29 ? -16.705 -6.973  -0.123  1.00 12.57 ? 27 GLU A OE2 1 
ATOM   240  N N   . LYS A 1 30 ? -16.619 -7.793  -6.875  1.00 15.02 ? 28 LYS A N   1 
ATOM   241  C CA  . LYS A 1 30 ? -17.224 -7.807  -8.221  1.00 20.17 ? 28 LYS A CA  1 
ATOM   242  C C   . LYS A 1 30 ? -16.790 -9.063  -8.981  1.00 21.37 ? 28 LYS A C   1 
ATOM   243  O O   . LYS A 1 30 ? -17.614 -9.742  -9.600  1.00 22.51 ? 28 LYS A O   1 
ATOM   244  C CB  . LYS A 1 30 ? -16.845 -6.546  -9.016  1.00 22.98 ? 28 LYS A CB  1 
ATOM   245  C CG  . LYS A 1 30 ? -17.530 -5.249  -8.567  1.00 36.63 ? 28 LYS A CG  1 
ATOM   246  C CD  . LYS A 1 30 ? -16.619 -4.005  -8.767  1.00 40.05 ? 28 LYS A CD  1 
ATOM   247  C CE  . LYS A 1 30 ? -17.380 -2.655  -8.642  1.00 35.49 ? 28 LYS A CE  1 
ATOM   248  N NZ  . LYS A 1 30 ? -17.589 -2.162  -7.239  1.00 16.54 ? 28 LYS A NZ  1 
ATOM   249  N N   . LEU A 1 31 ? -15.498 -9.387  -8.913  1.00 22.39 ? 29 LEU A N   1 
ATOM   250  C CA  . LEU A 1 31 ? -14.969 -10.559 -9.622  1.00 22.11 ? 29 LEU A CA  1 
ATOM   251  C C   . LEU A 1 31 ? -15.483 -11.888 -9.059  1.00 22.28 ? 29 LEU A C   1 
ATOM   252  O O   . LEU A 1 31 ? -15.883 -12.779 -9.815  1.00 22.80 ? 29 LEU A O   1 
ATOM   253  C CB  . LEU A 1 31 ? -13.440 -10.521 -9.688  1.00 21.40 ? 29 LEU A CB  1 
ATOM   254  C CG  . LEU A 1 31 ? -12.826 -9.371  -10.497 1.00 24.79 ? 29 LEU A CG  1 
ATOM   255  C CD1 . LEU A 1 31 ? -11.302 -9.328  -10.393 1.00 23.70 ? 29 LEU A CD1 1 
ATOM   256  C CD2 . LEU A 1 31 ? -13.256 -9.420  -11.966 1.00 33.86 ? 29 LEU A CD2 1 
ATOM   257  N N   . VAL A 1 32 ? -15.496 -12.013 -7.737  1.00 21.31 ? 30 VAL A N   1 
ATOM   258  C CA  . VAL A 1 32 ? -15.970 -13.233 -7.082  1.00 25.24 ? 30 VAL A CA  1 
ATOM   259  C C   . VAL A 1 32 ? -17.496 -13.387 -7.285  1.00 29.11 ? 30 VAL A C   1 
ATOM   260  O O   . VAL A 1 32 ? -18.034 -14.505 -7.284  1.00 27.31 ? 30 VAL A O   1 
ATOM   261  C CB  . VAL A 1 32 ? -15.509 -13.271 -5.590  1.00 22.37 ? 30 VAL A CB  1 
ATOM   262  C CG1 . VAL A 1 32 ? -16.126 -14.422 -4.819  1.00 30.90 ? 30 VAL A CG1 1 
ATOM   263  C CG2 . VAL A 1 32 ? -13.981 -13.378 -5.523  1.00 23.28 ? 30 VAL A CG2 1 
ATOM   264  N N   . GLY A 1 33 ? -18.172 -12.260 -7.506  1.00 31.08 ? 31 GLY A N   1 
ATOM   265  C CA  . GLY A 1 33 ? -19.597 -12.247 -7.806  1.00 35.57 ? 31 GLY A CA  1 
ATOM   266  C C   . GLY A 1 33 ? -20.369 -12.354 -6.514  1.00 38.88 ? 31 GLY A C   1 
ATOM   267  O O   . GLY A 1 33 ? -21.580 -12.129 -6.472  1.00 42.43 ? 31 GLY A O   1 
ATOM   268  N N   . GLU A 1 34 ? -19.643 -12.708 -5.458  1.00 39.99 ? 32 GLU A N   1 
ATOM   269  C CA  . GLU A 1 34 ? -20.173 -12.760 -4.115  1.00 38.15 ? 32 GLU A CA  1 
ATOM   270  C C   . GLU A 1 34 ? -19.488 -11.671 -3.298  1.00 40.10 ? 32 GLU A C   1 
ATOM   271  O O   . GLU A 1 34 ? -18.268 -11.471 -3.387  1.00 33.51 ? 32 GLU A O   1 
ATOM   272  C CB  . GLU A 1 34 ? -19.901 -14.129 -3.498  1.00 42.83 ? 32 GLU A CB  1 
ATOM   273  C CG  . GLU A 1 34 ? -20.091 -15.325 -4.438  1.00 46.77 ? 32 GLU A CG  1 
ATOM   274  C CD  . GLU A 1 34 ? -21.435 -15.992 -4.271  1.00 50.92 ? 32 GLU A CD  1 
ATOM   275  O OE1 . GLU A 1 34 ? -21.783 -16.357 -3.124  1.00 51.56 ? 32 GLU A OE1 1 
ATOM   276  O OE2 . GLU A 1 34 ? -22.138 -16.165 -5.290  1.00 52.77 ? 32 GLU A OE2 1 
ATOM   277  N N   . MET B 1 4  ? -3.114  11.670  23.228  1.00 33.90 ? 2  MET B N   1 
ATOM   278  C CA  . MET B 1 4  ? -2.076  11.832  22.165  1.00 33.85 ? 2  MET B CA  1 
ATOM   279  C C   . MET B 1 4  ? -1.263  10.556  22.045  1.00 31.83 ? 2  MET B C   1 
ATOM   280  O O   . MET B 1 4  ? -1.027  10.059  20.934  1.00 31.89 ? 2  MET B O   1 
ATOM   281  C CB  . MET B 1 4  ? -1.167  13.019  22.484  1.00 35.42 ? 2  MET B CB  1 
ATOM   282  C CG  . MET B 1 4  ? 0.138   13.091  21.698  1.00 39.08 ? 2  MET B CG  1 
ATOM   283  S SD  . MET B 1 4  ? -0.042  13.760  20.039  1.00 46.05 ? 2  MET B SD  1 
ATOM   284  C CE  . MET B 1 4  ? 1.572   14.502  19.779  1.00 35.75 ? 2  MET B CE  1 
ATOM   285  N N   . LYS B 1 5  ? -0.845  10.026  23.192  1.00 29.83 ? 3  LYS B N   1 
ATOM   286  C CA  . LYS B 1 5  ? -0.131  8.757   23.237  1.00 27.96 ? 3  LYS B CA  1 
ATOM   287  C C   . LYS B 1 5  ? -1.088  7.607   22.912  1.00 26.50 ? 3  LYS B C   1 
ATOM   288  O O   . LYS B 1 5  ? -0.704  6.632   22.255  1.00 21.45 ? 3  LYS B O   1 
ATOM   289  C CB  . LYS B 1 5  ? 0.522   8.552   24.609  1.00 29.82 ? 3  LYS B CB  1 
ATOM   290  C CG  . LYS B 1 5  ? 1.754   7.671   24.567  1.00 30.63 ? 3  LYS B CG  1 
ATOM   291  C CD  . LYS B 1 5  ? 1.415   6.213   24.706  1.00 36.72 ? 3  LYS B CD  1 
ATOM   292  C CE  . LYS B 1 5  ? 2.578   5.337   24.304  1.00 32.99 ? 3  LYS B CE  1 
ATOM   293  N NZ  . LYS B 1 5  ? 2.180   3.911   24.503  1.00 31.10 ? 3  LYS B NZ  1 
ATOM   294  N N   . GLN B 1 6  ? -2.323  7.722   23.395  1.00 24.47 ? 4  GLN B N   1 
ATOM   295  C CA  . GLN B 1 6  ? -3.369  6.739   23.111  1.00 25.31 ? 4  GLN B CA  1 
ATOM   296  C C   . GLN B 1 6  ? -3.736  6.772   21.632  1.00 23.36 ? 4  GLN B C   1 
ATOM   297  O O   . GLN B 1 6  ? -4.062  5.737   21.035  1.00 19.11 ? 4  GLN B O   1 
ATOM   298  C CB  . GLN B 1 6  ? -4.611  6.997   23.978  1.00 29.60 ? 4  GLN B CB  1 
ATOM   299  C CG  . GLN B 1 6  ? -5.939  6.342   23.496  1.00 35.50 ? 4  GLN B CG  1 
ATOM   300  C CD  . GLN B 1 6  ? -5.991  4.802   23.606  1.00 40.96 ? 4  GLN B CD  1 
ATOM   301  O OE1 . GLN B 1 6  ? -6.804  4.253   24.356  1.00 35.14 ? 4  GLN B OE1 1 
ATOM   302  N NE2 . GLN B 1 6  ? -5.149  4.111   22.834  1.00 28.43 ? 4  GLN B NE2 1 
ATOM   303  N N   . LEU B 1 7  ? -3.699  7.967   21.051  1.00 20.91 ? 5  LEU B N   1 
ATOM   304  C CA  . LEU B 1 7  ? -3.965  8.110   19.628  1.00 19.39 ? 5  LEU B CA  1 
ATOM   305  C C   . LEU B 1 7  ? -2.848  7.498   18.789  1.00 15.44 ? 5  LEU B C   1 
ATOM   306  O O   . LEU B 1 7  ? -3.122  6.855   17.780  1.00 15.93 ? 5  LEU B O   1 
ATOM   307  C CB  . LEU B 1 7  ? -4.177  9.580   19.269  1.00 20.15 ? 5  LEU B CB  1 
ATOM   308  C CG  . LEU B 1 7  ? -4.972  9.927   18.013  1.00 28.52 ? 5  LEU B CG  1 
ATOM   309  C CD1 . LEU B 1 7  ? -6.323  9.221   18.000  1.00 27.66 ? 5  LEU B CD1 1 
ATOM   310  C CD2 . LEU B 1 7  ? -5.173  11.423  17.996  1.00 32.05 ? 5  LEU B CD2 1 
ATOM   311  N N   . GLU B 1 8  ? -1.591  7.700   19.200  1.00 14.70 ? 6  GLU B N   1 
ATOM   312  C CA  . GLU B 1 8  ? -0.446  7.083   18.533  1.00 15.80 ? 6  GLU B CA  1 
ATOM   313  C C   . GLU B 1 8  ? -0.532  5.552   18.572  1.00 14.12 ? 6  GLU B C   1 
ATOM   314  O O   . GLU B 1 8  ? -0.226  4.854   17.587  1.00 14.29 ? 6  GLU B O   1 
ATOM   315  C CB  . GLU B 1 8  ? 0.851   7.559   19.189  1.00 16.26 ? 6  GLU B CB  1 
ATOM   316  C CG  . GLU B 1 8  ? 1.271   8.946   18.738  1.00 19.23 ? 6  GLU B CG  1 
ATOM   317  C CD  . GLU B 1 8  ? 2.379   9.525   19.601  1.00 21.06 ? 6  GLU B CD  1 
ATOM   318  O OE1 . GLU B 1 8  ? 2.550   9.070   20.748  1.00 28.26 ? 6  GLU B OE1 1 
ATOM   319  O OE2 . GLU B 1 8  ? 3.065   10.438  19.125  1.00 25.79 ? 6  GLU B OE2 1 
ATOM   320  N N   . ASP B 1 9  ? -0.966  5.033   19.713  1.00 14.90 ? 7  ASP B N   1 
ATOM   321  C CA  . ASP B 1 9  ? -1.148  3.590   19.868  1.00 14.61 ? 7  ASP B CA  1 
ATOM   322  C C   . ASP B 1 9  ? -2.203  3.051   18.896  1.00 16.39 ? 7  ASP B C   1 
ATOM   323  O O   . ASP B 1 9  ? -1.981  2.015   18.268  1.00 16.44 ? 7  ASP B O   1 
ATOM   324  C CB  . ASP B 1 9  ? -1.513  3.252   21.306  1.00 18.67 ? 7  ASP B CB  1 
ATOM   325  C CG  . ASP B 1 9  ? -0.354  3.476   22.282  1.00 19.60 ? 7  ASP B CG  1 
ATOM   326  O OD1 . ASP B 1 9  ? 0.829   3.637   21.866  1.00 16.29 ? 7  ASP B OD1 1 
ATOM   327  O OD2 . ASP B 1 9  ? -0.638  3.473   23.484  1.00 24.29 ? 7  ASP B OD2 1 
ATOM   328  N N   . LYS B 1 10 ? -3.317  3.775   18.754  1.00 14.48 ? 8  LYS B N   1 
ATOM   329  C CA  . LYS B 1 10 ? -4.381  3.377   17.835  1.00 13.22 ? 8  LYS B CA  1 
ATOM   330  C C   . LYS B 1 10 ? -3.902  3.452   16.391  1.00 11.62 ? 8  LYS B C   1 
ATOM   331  O O   . LYS B 1 10 ? -4.281  2.608   15.568  1.00 14.17 ? 8  LYS B O   1 
ATOM   332  C CB  . LYS B 1 10 ? -5.653  4.210   18.032  1.00 16.03 ? 8  LYS B CB  1 
ATOM   333  C CG  . LYS B 1 10 ? -6.449  3.873   19.294  1.00 21.64 ? 8  LYS B CG  1 
ATOM   334  C CD  . LYS B 1 10 ? -6.584  2.350   19.446  1.00 35.31 ? 8  LYS B CD  1 
ATOM   335  C CE  . LYS B 1 10 ? -7.919  1.923   20.049  1.00 43.40 ? 8  LYS B CE  1 
ATOM   336  N NZ  . LYS B 1 10 ? -8.248  0.509   19.679  1.00 31.40 ? 8  LYS B NZ  1 
ATOM   337  N N   . VAL B 1 11 ? -3.097  4.471   16.085  1.00 13.52 ? 9  VAL B N   1 
ATOM   338  C CA  . VAL B 1 11 ? -2.564  4.660   14.740  1.00 10.54 ? 9  VAL B CA  1 
ATOM   339  C C   . VAL B 1 11 ? -1.565  3.542   14.406  1.00 10.70 ? 9  VAL B C   1 
ATOM   340  O O   . VAL B 1 11 ? -1.594  2.988   13.306  1.00 12.29 ? 9  VAL B O   1 
ATOM   341  C CB  . VAL B 1 11 ? -1.987  6.092   14.556  1.00 10.08 ? 9  VAL B CB  1 
ATOM   342  C CG1 . VAL B 1 11 ? -1.213  6.198   13.270  1.00 13.43 ? 9  VAL B CG1 1 
ATOM   343  C CG2 . VAL B 1 11 ? -3.160  7.144   14.612  1.00 7.43  ? 9  VAL B CG2 1 
ATOM   344  N N   . GLU B 1 12 ? -0.719  3.174   15.359  1.00 8.56  ? 10 GLU B N   1 
ATOM   345  C CA  . GLU B 1 12 ? 0.195   2.034   15.157  1.00 14.04 ? 10 GLU B CA  1 
ATOM   346  C C   . GLU B 1 12 ? -0.595  0.757   14.949  1.00 11.63 ? 10 GLU B C   1 
ATOM   347  O O   . GLU B 1 12 ? -0.266  -0.070  14.098  1.00 9.45  ? 10 GLU B O   1 
ATOM   348  C CB  . GLU B 1 12 ? 1.148   1.881   16.342  1.00 15.20 ? 10 GLU B CB  1 
ATOM   349  C CG  . GLU B 1 12 ? 2.228   2.966   16.345  1.00 19.34 ? 10 GLU B CG  1 
ATOM   350  C CD  . GLU B 1 12 ? 2.856   3.172   14.961  1.00 35.94 ? 10 GLU B CD  1 
ATOM   351  O OE1 . GLU B 1 12 ? 3.377   2.184   14.382  1.00 41.56 ? 10 GLU B OE1 1 
ATOM   352  O OE2 . GLU B 1 12 ? 2.823   4.320   14.449  1.00 34.80 ? 10 GLU B OE2 1 
ATOM   353  N N   . GLU B 1 13 ? -1.654  0.601   15.731  1.00 10.97 ? 11 GLU B N   1 
ATOM   354  C CA  . GLU B 1 13 ? -2.580  -0.509  15.515  1.00 12.36 ? 11 GLU B CA  1 
ATOM   355  C C   . GLU B 1 13 ? -3.124  -0.547  14.087  1.00 9.43  ? 11 GLU B C   1 
ATOM   356  O O   . GLU B 1 13 ? -3.038  -1.580  13.419  1.00 10.68 ? 11 GLU B O   1 
ATOM   357  C CB  . GLU B 1 13 ? -3.720  -0.446  16.514  1.00 15.27 ? 11 GLU B CB  1 
ATOM   358  C CG  . GLU B 1 13 ? -4.639  -1.624  16.463  1.00 17.17 ? 11 GLU B CG  1 
ATOM   359  C CD  . GLU B 1 13 ? -5.871  -1.418  17.341  1.00 27.98 ? 11 GLU B CD  1 
ATOM   360  O OE1 . GLU B 1 13 ? -5.723  -0.889  18.467  1.00 25.04 ? 11 GLU B OE1 1 
ATOM   361  O OE2 . GLU B 1 13 ? -6.983  -1.781  16.890  1.00 21.99 ? 11 GLU B OE2 1 
ATOM   362  N N   . LEU B 1 14 ? -3.646  0.590   13.626  1.00 9.94  ? 12 LEU B N   1 
ATOM   363  C CA  . LEU B 1 14 ? -4.157  0.733   12.277  1.00 13.08 ? 12 LEU B CA  1 
ATOM   364  C C   . LEU B 1 14 ? -3.100  0.486   11.206  1.00 10.06 ? 12 LEU B C   1 
ATOM   365  O O   . LEU B 1 14 ? -3.384  -0.154  10.217  1.00 11.18 ? 12 LEU B O   1 
ATOM   366  C CB  . LEU B 1 14 ? -4.754  2.125   12.067  1.00 13.74 ? 12 LEU B CB  1 
ATOM   367  C CG  . LEU B 1 14 ? -6.114  2.325   12.744  1.00 13.03 ? 12 LEU B CG  1 
ATOM   368  C CD1 . LEU B 1 14 ? -6.349  3.837   12.884  1.00 16.07 ? 12 LEU B CD1 1 
ATOM   369  C CD2 . LEU B 1 14 ? -7.218  1.657   11.932  1.00 12.90 ? 12 LEU B CD2 1 
ATOM   370  N N   . LEU B 1 15 ? -1.917  1.063   11.381  1.00 11.49 ? 13 LEU B N   1 
ATOM   371  C CA  . LEU B 1 15 ? -0.817  0.806   10.463  1.00 12.21 ? 13 LEU B CA  1 
ATOM   372  C C   . LEU B 1 15 ? -0.494  -0.702  10.385  1.00 10.81 ? 13 LEU B C   1 
ATOM   373  O O   . LEU B 1 15 ? -0.306  -1.237  9.278   1.00 11.30 ? 13 LEU B O   1 
ATOM   374  C CB  . LEU B 1 15 ? 0.413   1.625   10.874  1.00 13.13 ? 13 LEU B CB  1 
ATOM   375  C CG  . LEU B 1 15 ? 0.334   3.124   10.532  1.00 15.82 ? 13 LEU B CG  1 
ATOM   376  C CD1 . LEU B 1 15 ? 1.356   3.888   11.371  1.00 24.71 ? 13 LEU B CD1 1 
ATOM   377  C CD2 . LEU B 1 15 ? 0.553   3.381   9.020   1.00 18.07 ? 13 LEU B CD2 1 
ATOM   378  N N   . SER B 1 16 ? -0.417  -1.374  11.536  1.00 12.70 ? 14 SER B N   1 
ATOM   379  C CA  . SER B 1 16 ? -0.189  -2.828  11.564  1.00 14.51 ? 14 SER B CA  1 
ATOM   380  C C   . SER B 1 16 ? -1.333  -3.542  10.821  1.00 13.21 ? 14 SER B C   1 
ATOM   381  O O   . SER B 1 16 ? -1.108  -4.359  9.941   1.00 10.44 ? 14 SER B O   1 
ATOM   382  C CB  . SER B 1 16 ? -0.119  -3.352  13.011  1.00 11.43 ? 14 SER B CB  1 
ATOM   383  O OG  . SER B 1 16 ? -0.032  -4.781  13.020  1.00 12.69 ? 14 SER B OG  1 
ATOM   384  N N   . LYS B 1 17 ? -2.561  -3.220  11.196  1.00 14.97 ? 15 LYS B N   1 
ATOM   385  C CA  . LYS B 1 17 ? -3.728  -3.907  10.647  1.00 12.31 ? 15 LYS B CA  1 
ATOM   386  C C   . LYS B 1 17 ? -3.864  -3.678  9.155   1.00 11.23 ? 15 LYS B C   1 
ATOM   387  O O   . LYS B 1 17 ? -4.197  -4.612  8.423   1.00 10.20 ? 15 LYS B O   1 
ATOM   388  C CB  . LYS B 1 17 ? -4.994  -3.550  11.417  1.00 8.98  ? 15 LYS B CB  1 
ATOM   389  C CG  . LYS B 1 17 ? -4.988  -4.229  12.795  1.00 10.33 ? 15 LYS B CG  1 
ATOM   390  C CD  . LYS B 1 17 ? -6.188  -3.869  13.661  1.00 12.77 ? 15 LYS B CD  1 
ATOM   391  C CE  . LYS B 1 17 ? -6.129  -4.700  14.918  1.00 19.84 ? 15 LYS B CE  1 
ATOM   392  N NZ  . LYS B 1 17 ? -7.196  -4.355  15.882  1.00 21.22 ? 15 LYS B NZ  1 
ATOM   393  N N   . ASN B 1 18 ? -3.565  -2.457  8.706   1.00 9.40  ? 16 ASN B N   1 
ATOM   394  C CA  . ASN B 1 18 ? -3.594  -2.169  7.263   1.00 11.10 ? 16 ASN B CA  1 
ATOM   395  C C   . ASN B 1 18 ? -2.550  -2.982  6.506   1.00 9.25  ? 16 ASN B C   1 
ATOM   396  O O   . ASN B 1 18 ? -2.840  -3.509  5.452   1.00 9.79  ? 16 ASN B O   1 
ATOM   397  C CB  . ASN B 1 18 ? -3.378  -0.690  6.978   1.00 12.81 ? 16 ASN B CB  1 
ATOM   398  C CG  . ASN B 1 18 ? -3.227  -0.404  5.483   1.00 14.81 ? 16 ASN B CG  1 
ATOM   399  O OD1 . ASN B 1 18 ? -4.198  -0.393  4.751   1.00 20.56 ? 16 ASN B OD1 1 
ATOM   400  N ND2 . ASN B 1 18 ? -2.013  -0.183  5.048   1.00 12.87 ? 16 ASN B ND2 1 
ATOM   401  N N   . TYR B 1 19 ? -1.334  -3.056  7.047   1.00 10.30 ? 17 TYR B N   1 
ATOM   402  C CA  . TYR B 1 19 ? -0.262  -3.827  6.425   1.00 10.40 ? 17 TYR B CA  1 
ATOM   403  C C   . TYR B 1 19 ? -0.673  -5.290  6.243   1.00 11.46 ? 17 TYR B C   1 
ATOM   404  O O   . TYR B 1 19 ? -0.605  -5.819  5.145   1.00 12.98 ? 17 TYR B O   1 
ATOM   405  C CB  . TYR B 1 19 ? 0.997   -3.754  7.297   1.00 13.47 ? 17 TYR B CB  1 
ATOM   406  C CG  . TYR B 1 19 ? 2.061   -4.733  6.873   1.00 11.74 ? 17 TYR B CG  1 
ATOM   407  C CD1 . TYR B 1 19 ? 2.853   -4.501  5.745   1.00 10.66 ? 17 TYR B CD1 1 
ATOM   408  C CD2 . TYR B 1 19 ? 2.264   -5.910  7.597   1.00 13.99 ? 17 TYR B CD2 1 
ATOM   409  C CE1 . TYR B 1 19 ? 3.835   -5.435  5.365   1.00 14.80 ? 17 TYR B CE1 1 
ATOM   410  C CE2 . TYR B 1 19 ? 3.209   -6.819  7.233   1.00 17.74 ? 17 TYR B CE2 1 
ATOM   411  C CZ  . TYR B 1 19 ? 3.990   -6.588  6.125   1.00 18.19 ? 17 TYR B CZ  1 
ATOM   412  O OH  . TYR B 1 19 ? 4.940   -7.526  5.814   1.00 14.59 ? 17 TYR B OH  1 
ATOM   413  N N   . HIS B 1 20 ? -1.102  -5.936  7.329   1.00 9.60  ? 18 HIS B N   1 
ATOM   414  C CA  . HIS B 1 20 ? -1.542  -7.338  7.268   1.00 7.59  ? 18 HIS B CA  1 
ATOM   415  C C   . HIS B 1 20 ? -2.757  -7.565  6.372   1.00 9.54  ? 18 HIS B C   1 
ATOM   416  O O   . HIS B 1 20 ? -2.809  -8.543  5.605   1.00 10.21 ? 18 HIS B O   1 
ATOM   417  C CB  . HIS B 1 20 ? -1.724  -7.908  8.669   1.00 10.34 ? 18 HIS B CB  1 
ATOM   418  C CG  . HIS B 1 20 ? -0.431  -8.009  9.419   1.00 9.20  ? 18 HIS B CG  1 
ATOM   419  N ND1 . HIS B 1 20 ? 0.591   -8.846  9.020   1.00 8.55  ? 18 HIS B ND1 1 
ATOM   420  C CD2 . HIS B 1 20 ? 0.032   -7.338  10.506  1.00 8.76  ? 18 HIS B CD2 1 
ATOM   421  C CE1 . HIS B 1 20 ? 1.619   -8.705  9.840   1.00 9.80  ? 18 HIS B CE1 1 
ATOM   422  N NE2 . HIS B 1 20 ? 1.300   -7.807  10.757  1.00 13.19 ? 18 HIS B NE2 1 
ATOM   423  N N   . LEU B 1 21 ? -3.723  -6.659  6.457   1.00 8.96  ? 19 LEU B N   1 
ATOM   424  C CA  . LEU B 1 21 ? -4.918  -6.777  5.646   1.00 9.22  ? 19 LEU B CA  1 
ATOM   425  C C   . LEU B 1 21 ? -4.562  -6.658  4.174   1.00 10.74 ? 19 LEU B C   1 
ATOM   426  O O   . LEU B 1 21 ? -5.058  -7.425  3.359   1.00 11.53 ? 19 LEU B O   1 
ATOM   427  C CB  . LEU B 1 21 ? -5.996  -5.779  6.057   1.00 10.84 ? 19 LEU B CB  1 
ATOM   428  C CG  . LEU B 1 21 ? -7.377  -6.049  5.424   1.00 11.06 ? 19 LEU B CG  1 
ATOM   429  C CD1 . LEU B 1 21 ? -7.954  -7.407  5.875   1.00 9.11  ? 19 LEU B CD1 1 
ATOM   430  C CD2 . LEU B 1 21 ? -8.332  -4.935  5.805   1.00 10.89 ? 19 LEU B CD2 1 
ATOM   431  N N   . GLU B 1 22 ? -3.685  -5.714  3.842   1.00 12.08 ? 20 GLU B N   1 
ATOM   432  C CA  . GLU B 1 22 ? -3.312  -5.537  2.447   1.00 10.37 ? 20 GLU B CA  1 
ATOM   433  C C   . GLU B 1 22 ? -2.679  -6.822  1.912   1.00 11.19 ? 20 GLU B C   1 
ATOM   434  O O   . GLU B 1 22 ? -2.937  -7.205  0.772   1.00 9.29  ? 20 GLU B O   1 
ATOM   435  C CB  . GLU B 1 22 ? -2.355  -4.371  2.242   1.00 11.32 ? 20 GLU B CB  1 
ATOM   436  C CG  . GLU B 1 22 ? -1.932  -4.244  0.756   1.00 8.90  ? 20 GLU B CG  1 
ATOM   437  C CD  . GLU B 1 22 ? -1.257  -2.957  0.412   1.00 17.63 ? 20 GLU B CD  1 
ATOM   438  O OE1 . GLU B 1 22 ? -1.026  -2.138  1.331   1.00 11.79 ? 20 GLU B OE1 1 
ATOM   439  O OE2 . GLU B 1 22 ? -0.911  -2.785  -0.777  1.00 14.23 ? 20 GLU B OE2 1 
ATOM   440  N N   . ASN B 1 23 ? -1.839  -7.472  2.714   1.00 9.13  ? 21 ASN B N   1 
ATOM   441  C CA  . ASN B 1 23 ? -1.230  -8.737  2.269   1.00 11.25 ? 21 ASN B CA  1 
ATOM   442  C C   . ASN B 1 23 ? -2.264  -9.827  1.998   1.00 13.00 ? 21 ASN B C   1 
ATOM   443  O O   . ASN B 1 23 ? -2.121  -10.611 1.060   1.00 10.00 ? 21 ASN B O   1 
ATOM   444  C CB  . ASN B 1 23 ? -0.154  -9.212  3.265   1.00 10.85 ? 21 ASN B CB  1 
ATOM   445  C CG  . ASN B 1 23 ? 1.070   -8.324  3.256   1.00 10.10 ? 21 ASN B CG  1 
ATOM   446  O OD1 . ASN B 1 23 ? 1.335   -7.613  2.283   1.00 16.65 ? 21 ASN B OD1 1 
ATOM   447  N ND2 . ASN B 1 23 ? 1.819   -8.333  4.364   1.00 14.48 ? 21 ASN B ND2 1 
ATOM   448  N N   . ARG B 1 24 ? -3.311  -9.864  2.819   1.00 11.66 ? 22 ARG B N   1 
ATOM   449  C CA  . ARG B 1 24 ? -4.427  -10.767 2.574   1.00 10.80 ? 22 ARG B CA  1 
ATOM   450  C C   . ARG B 1 24 ? -5.179  -10.416 1.300   1.00 11.43 ? 22 ARG B C   1 
ATOM   451  O O   . ARG B 1 24 ? -5.565  -11.313 0.541   1.00 8.73  ? 22 ARG B O   1 
ATOM   452  C CB  . ARG B 1 24 ? -5.404  -10.760 3.729   1.00 10.47 ? 22 ARG B CB  1 
ATOM   453  C CG  . ARG B 1 24 ? -4.901  -11.563 4.901   1.00 8.88  ? 22 ARG B CG  1 
ATOM   454  C CD  . ARG B 1 24 ? -5.644  -11.153 6.134   1.00 4.69  ? 22 ARG B CD  1 
ATOM   455  N NE  . ARG B 1 24 ? -7.030  -11.616 6.071   1.00 9.21  ? 22 ARG B NE  1 
ATOM   456  C CZ  . ARG B 1 24 ? -7.945  -11.339 6.997   1.00 10.05 ? 22 ARG B CZ  1 
ATOM   457  N NH1 . ARG B 1 24 ? -7.627  -10.589 8.046   1.00 9.01  ? 22 ARG B NH1 1 
ATOM   458  N NH2 . ARG B 1 24 ? -9.172  -11.820 6.880   1.00 7.70  ? 22 ARG B NH2 1 
ATOM   459  N N   . VAL B 1 25 ? -5.388  -9.119  1.081   1.00 6.02  ? 23 VAL B N   1 
ATOM   460  C CA  . VAL B 1 25 ? -6.003  -8.664  -0.174  1.00 9.79  ? 23 VAL B CA  1 
ATOM   461  C C   . VAL B 1 25 ? -5.127  -9.040  -1.367  1.00 11.65 ? 23 VAL B C   1 
ATOM   462  O O   . VAL B 1 25 ? -5.624  -9.554  -2.374  1.00 7.24  ? 23 VAL B O   1 
ATOM   463  C CB  . VAL B 1 25 ? -6.321  -7.148  -0.149  1.00 10.04 ? 23 VAL B CB  1 
ATOM   464  C CG1 . VAL B 1 25 ? -6.814  -6.645  -1.534  1.00 10.87 ? 23 VAL B CG1 1 
ATOM   465  C CG2 . VAL B 1 25 ? -7.358  -6.875  0.916   1.00 8.94  ? 23 VAL B CG2 1 
ATOM   466  N N   . ALA B 1 26 ? -3.824  -8.824  -1.229  1.00 8.49  ? 24 ALA B N   1 
ATOM   467  C CA  . ALA B 1 26 ? -2.872  -9.196  -2.291  1.00 9.02  ? 24 ALA B CA  1 
ATOM   468  C C   . ALA B 1 26 ? -2.936  -10.702 -2.626  1.00 10.95 ? 24 ALA B C   1 
ATOM   469  O O   . ALA B 1 26 ? -2.913  -11.077 -3.804  1.00 13.07 ? 24 ALA B O   1 
ATOM   470  C CB  . ALA B 1 26 ? -1.450  -8.777  -1.918  1.00 5.90  ? 24 ALA B CB  1 
ATOM   471  N N   . ARG B 1 27 ? -3.031  -11.554 -1.603  1.00 11.32 ? 25 ARG B N   1 
ATOM   472  C CA  . ARG B 1 27 ? -3.147  -13.010 -1.832  1.00 15.08 ? 25 ARG B CA  1 
ATOM   473  C C   . ARG B 1 27 ? -4.419  -13.339 -2.611  1.00 12.15 ? 25 ARG B C   1 
ATOM   474  O O   . ARG B 1 27 ? -4.397  -14.143 -3.556  1.00 8.56  ? 25 ARG B O   1 
ATOM   475  C CB  . ARG B 1 27 ? -3.083  -13.800 -0.513  1.00 16.12 ? 25 ARG B CB  1 
ATOM   476  C CG  . ARG B 1 27 ? -1.708  -13.763 0.165   1.00 27.52 ? 25 ARG B CG  1 
ATOM   477  C CD  . ARG B 1 27 ? -1.677  -14.580 1.457   1.00 25.68 ? 25 ARG B CD  1 
ATOM   478  N NE  . ARG B 1 27 ? -0.329  -14.742 2.001   1.00 47.17 ? 25 ARG B NE  1 
ATOM   479  C CZ  . ARG B 1 27 ? 0.046   -15.728 2.816   1.00 52.14 ? 25 ARG B CZ  1 
ATOM   480  N NH1 . ARG B 1 27 ? -0.816  -16.670 3.186   1.00 55.96 ? 25 ARG B NH1 1 
ATOM   481  N NH2 . ARG B 1 27 ? 1.297   -15.784 3.252   1.00 56.71 ? 25 ARG B NH2 1 
ATOM   482  N N   . LEU B 1 28 ? -5.532  -12.710 -2.239  1.00 10.41 ? 26 LEU B N   1 
ATOM   483  C CA  . LEU B 1 28 ? -6.797  -12.911 -2.971  1.00 12.21 ? 26 LEU B CA  1 
ATOM   484  C C   . LEU B 1 28 ? -6.692  -12.462 -4.419  1.00 14.05 ? 26 LEU B C   1 
ATOM   485  O O   . LEU B 1 28 ? -7.240  -13.121 -5.297  1.00 12.31 ? 26 LEU B O   1 
ATOM   486  C CB  . LEU B 1 28 ? -7.967  -12.166 -2.311  1.00 11.33 ? 26 LEU B CB  1 
ATOM   487  C CG  . LEU B 1 28 ? -8.471  -12.738 -0.990  1.00 8.28  ? 26 LEU B CG  1 
ATOM   488  C CD1 . LEU B 1 28 ? -9.292  -11.692 -0.233  1.00 9.74  ? 26 LEU B CD1 1 
ATOM   489  C CD2 . LEU B 1 28 ? -9.308  -14.012 -1.269  1.00 12.99 ? 26 LEU B CD2 1 
ATOM   490  N N   . GLU B 1 29 ? -5.982  -11.357 -4.663  1.00 10.51 ? 27 GLU B N   1 
ATOM   491  C CA  . GLU B 1 29 ? -5.843  -10.813 -6.035  1.00 10.68 ? 27 GLU B CA  1 
ATOM   492  C C   . GLU B 1 29 ? -5.090  -11.789 -6.943  1.00 14.52 ? 27 GLU B C   1 
ATOM   493  O O   . GLU B 1 29 ? -5.419  -11.944 -8.130  1.00 16.54 ? 27 GLU B O   1 
ATOM   494  C CB  . GLU B 1 29 ? -5.168  -9.445  -6.033  1.00 10.08 ? 27 GLU B CB  1 
ATOM   495  C CG  . GLU B 1 29 ? -6.091  -8.304  -5.512  1.00 9.75  ? 27 GLU B CG  1 
ATOM   496  C CD  . GLU B 1 29 ? -5.348  -7.039  -5.148  1.00 9.65  ? 27 GLU B CD  1 
ATOM   497  O OE1 . GLU B 1 29 ? -4.108  -7.070  -4.942  1.00 12.83 ? 27 GLU B OE1 1 
ATOM   498  O OE2 . GLU B 1 29 ? -6.023  -6.006  -5.036  1.00 9.65  ? 27 GLU B OE2 1 
ATOM   499  N N   . LYS B 1 30 ? -4.116  -12.472 -6.361  1.00 16.97 ? 28 LYS B N   1 
ATOM   500  C CA  . LYS B 1 30 ? -3.367  -13.516 -7.068  1.00 20.89 ? 28 LYS B CA  1 
ATOM   501  C C   . LYS B 1 30 ? -4.246  -14.711 -7.392  1.00 21.40 ? 28 LYS B C   1 
ATOM   502  O O   . LYS B 1 30 ? -4.139  -15.284 -8.480  1.00 22.28 ? 28 LYS B O   1 
ATOM   503  C CB  . LYS B 1 30 ? -2.172  -13.981 -6.238  1.00 22.72 ? 28 LYS B CB  1 
ATOM   504  C CG  . LYS B 1 30 ? -1.005  -13.030 -6.217  1.00 29.94 ? 28 LYS B CG  1 
ATOM   505  C CD  . LYS B 1 30 ? -0.362  -12.897 -7.588  1.00 46.42 ? 28 LYS B CD  1 
ATOM   506  C CE  . LYS B 1 30 ? 1.028   -12.290 -7.487  1.00 50.66 ? 28 LYS B CE  1 
ATOM   507  N NZ  . LYS B 1 30 ? 1.641   -12.132 -8.833  1.00 53.80 ? 28 LYS B NZ  1 
ATOM   508  N N   . LEU B 1 31 ? -5.113  -15.072 -6.451  1.00 20.75 ? 29 LEU B N   1 
ATOM   509  C CA  . LEU B 1 31 ? -5.966  -16.241 -6.571  1.00 23.22 ? 29 LEU B CA  1 
ATOM   510  C C   . LEU B 1 31 ? -7.108  -16.002 -7.547  1.00 25.49 ? 29 LEU B C   1 
ATOM   511  O O   . LEU B 1 31 ? -7.358  -16.821 -8.426  1.00 28.19 ? 29 LEU B O   1 
ATOM   512  C CB  . LEU B 1 31 ? -6.530  -16.638 -5.197  1.00 23.32 ? 29 LEU B CB  1 
ATOM   513  C CG  . LEU B 1 31 ? -5.520  -17.220 -4.203  1.00 25.02 ? 29 LEU B CG  1 
ATOM   514  C CD1 . LEU B 1 31 ? -6.139  -17.333 -2.817  1.00 25.51 ? 29 LEU B CD1 1 
ATOM   515  C CD2 . LEU B 1 31 ? -4.997  -18.577 -4.700  1.00 33.91 ? 29 LEU B CD2 1 
ATOM   516  N N   . VAL B 1 32 ? -7.810  -14.892 -7.359  1.00 24.60 ? 30 VAL B N   1 
ATOM   517  C CA  . VAL B 1 32 ? -8.920  -14.499 -8.218  1.00 26.07 ? 30 VAL B CA  1 
ATOM   518  C C   . VAL B 1 32 ? -8.365  -14.158 -9.600  1.00 31.71 ? 30 VAL B C   1 
ATOM   519  O O   . VAL B 1 32 ? -8.962  -14.512 -10.621 1.00 34.99 ? 30 VAL B O   1 
ATOM   520  C CB  . VAL B 1 32 ? -9.712  -13.322 -7.583  1.00 28.28 ? 30 VAL B CB  1 
ATOM   521  C CG1 . VAL B 1 32 ? -10.838 -12.818 -8.500  1.00 24.88 ? 30 VAL B CG1 1 
ATOM   522  C CG2 . VAL B 1 32 ? -10.282 -13.735 -6.224  1.00 24.58 ? 30 VAL B CG2 1 
ATOM   523  N N   . GLY B 1 33 ? -7.200  -13.513 -9.623  1.00 34.07 ? 31 GLY B N   1 
ATOM   524  C CA  . GLY B 1 33 ? -6.514  -13.150 -10.861 1.00 34.74 ? 31 GLY B CA  1 
ATOM   525  C C   . GLY B 1 33 ? -5.963  -14.350 -11.599 1.00 37.77 ? 31 GLY B C   1 
ATOM   526  O O   . GLY B 1 33 ? -5.999  -14.395 -12.830 1.00 39.46 ? 31 GLY B O   1 
ATOM   527  N N   . ARG C 1 3  ? -8.177  20.222  16.570  1.00 36.06 ? 1  ARG C N   1 
ATOM   528  C CA  . ARG C 1 3  ? -7.046  19.616  15.807  1.00 36.64 ? 1  ARG C CA  1 
ATOM   529  C C   . ARG C 1 3  ? -6.786  18.196  16.313  1.00 34.04 ? 1  ARG C C   1 
ATOM   530  O O   . ARG C 1 3  ? -6.676  17.255  15.525  1.00 30.80 ? 1  ARG C O   1 
ATOM   531  C CB  . ARG C 1 3  ? -5.781  20.477  15.915  1.00 37.97 ? 1  ARG C CB  1 
ATOM   532  C CG  . ARG C 1 3  ? -4.633  19.977  15.047  1.00 37.26 ? 1  ARG C CG  1 
ATOM   533  C CD  . ARG C 1 3  ? -3.423  20.899  15.056  1.00 39.85 ? 1  ARG C CD  1 
ATOM   534  N NE  . ARG C 1 3  ? -2.294  20.261  14.385  1.00 35.65 ? 1  ARG C NE  1 
ATOM   535  C CZ  . ARG C 1 3  ? -1.034  20.693  14.413  1.00 41.96 ? 1  ARG C CZ  1 
ATOM   536  N NH1 . ARG C 1 3  ? -0.703  21.796  15.074  1.00 39.53 ? 1  ARG C NH1 1 
ATOM   537  N NH2 . ARG C 1 3  ? -0.097  20.013  13.766  1.00 35.29 ? 1  ARG C NH2 1 
ATOM   538  N N   . MET C 1 4  ? -6.706  18.058  17.632  1.00 30.14 ? 2  MET C N   1 
ATOM   539  C CA  . MET C 1 4  ? -6.628  16.754  18.259  1.00 30.00 ? 2  MET C CA  1 
ATOM   540  C C   . MET C 1 4  ? -7.966  16.033  18.102  1.00 27.51 ? 2  MET C C   1 
ATOM   541  O O   . MET C 1 4  ? -8.000  14.840  17.822  1.00 23.83 ? 2  MET C O   1 
ATOM   542  C CB  . MET C 1 4  ? -6.254  16.880  19.739  1.00 29.22 ? 2  MET C CB  1 
ATOM   543  C CG  . MET C 1 4  ? -6.143  15.544  20.475  1.00 35.10 ? 2  MET C CG  1 
ATOM   544  S SD  . MET C 1 4  ? -4.900  14.457  19.743  1.00 42.74 ? 2  MET C SD  1 
ATOM   545  C CE  . MET C 1 4  ? -3.391  15.237  20.307  1.00 46.14 ? 2  MET C CE  1 
ATOM   546  N N   . LYS C 1 5  ? -9.065  16.764  18.271  1.00 27.35 ? 3  LYS C N   1 
ATOM   547  C CA  . LYS C 1 5  ? -10.404 16.185  18.101  1.00 27.29 ? 3  LYS C CA  1 
ATOM   548  C C   . LYS C 1 5  ? -10.598 15.681  16.668  1.00 26.61 ? 3  LYS C C   1 
ATOM   549  O O   . LYS C 1 5  ? -11.179 14.617  16.446  1.00 23.19 ? 3  LYS C O   1 
ATOM   550  C CB  . LYS C 1 5  ? -11.489 17.211  18.447  1.00 28.58 ? 3  LYS C CB  1 
ATOM   551  C CG  . LYS C 1 5  ? -12.918 16.647  18.444  1.00 34.78 ? 3  LYS C CG  1 
ATOM   552  C CD  . LYS C 1 5  ? -13.280 16.018  19.780  1.00 42.07 ? 3  LYS C CD  1 
ATOM   553  C CE  . LYS C 1 5  ? -14.776 15.717  19.877  1.00 39.96 ? 3  LYS C CE  1 
ATOM   554  N NZ  . LYS C 1 5  ? -15.179 14.536  19.056  1.00 35.37 ? 3  LYS C NZ  1 
ATOM   555  N N   . GLN C 1 6  ? -10.109 16.459  15.707  1.00 25.88 ? 4  GLN C N   1 
ATOM   556  C CA  . GLN C 1 6  ? -10.140 16.069  14.305  1.00 29.37 ? 4  GLN C CA  1 
ATOM   557  C C   . GLN C 1 6  ? -9.387  14.746  14.088  1.00 25.06 ? 4  GLN C C   1 
ATOM   558  O O   . GLN C 1 6  ? -9.872  13.853  13.384  1.00 22.67 ? 4  GLN C O   1 
ATOM   559  C CB  . GLN C 1 6  ? -9.551  17.179  13.438  1.00 28.98 ? 4  GLN C CB  1 
ATOM   560  C CG  . GLN C 1 6  ? -10.052 17.167  11.998  1.00 38.81 ? 4  GLN C CG  1 
ATOM   561  C CD  . GLN C 1 6  ? -9.513  18.326  11.160  1.00 38.34 ? 4  GLN C CD  1 
ATOM   562  O OE1 . GLN C 1 6  ? -9.087  19.363  11.691  1.00 44.99 ? 4  GLN C OE1 1 
ATOM   563  N NE2 . GLN C 1 6  ? -9.532  18.150  9.840   1.00 44.56 ? 4  GLN C NE2 1 
ATOM   564  N N   . LEU C 1 7  ? -8.216  14.618  14.711  1.00 21.13 ? 5  LEU C N   1 
ATOM   565  C CA  . LEU C 1 7  ? -7.442  13.390  14.626  1.00 20.85 ? 5  LEU C CA  1 
ATOM   566  C C   . LEU C 1 7  ? -8.174  12.220  15.263  1.00 20.70 ? 5  LEU C C   1 
ATOM   567  O O   . LEU C 1 7  ? -8.223  11.145  14.683  1.00 17.88 ? 5  LEU C O   1 
ATOM   568  C CB  . LEU C 1 7  ? -6.074  13.543  15.285  1.00 19.82 ? 5  LEU C CB  1 
ATOM   569  C CG  . LEU C 1 7  ? -4.895  13.973  14.425  1.00 28.02 ? 5  LEU C CG  1 
ATOM   570  C CD1 . LEU C 1 7  ? -3.630  13.694  15.198  1.00 27.20 ? 5  LEU C CD1 1 
ATOM   571  C CD2 . LEU C 1 7  ? -4.872  13.237  13.101  1.00 27.72 ? 5  LEU C CD2 1 
ATOM   572  N N   . GLU C 1 8  ? -8.727  12.436  16.456  1.00 19.10 ? 6  GLU C N   1 
ATOM   573  C CA  . GLU C 1 8  ? -9.415  11.376  17.186  1.00 18.05 ? 6  GLU C CA  1 
ATOM   574  C C   . GLU C 1 8  ? -10.596 10.810  16.381  1.00 18.38 ? 6  GLU C C   1 
ATOM   575  O O   . GLU C 1 8  ? -10.808 9.596   16.337  1.00 15.14 ? 6  GLU C O   1 
ATOM   576  C CB  . GLU C 1 8  ? -9.901  11.905  18.541  1.00 21.59 ? 6  GLU C CB  1 
ATOM   577  C CG  . GLU C 1 8  ? -8.767  12.113  19.539  1.00 23.72 ? 6  GLU C CG  1 
ATOM   578  C CD  . GLU C 1 8  ? -9.212  12.797  20.804  1.00 33.84 ? 6  GLU C CD  1 
ATOM   579  O OE1 . GLU C 1 8  ? -10.140 13.626  20.745  1.00 35.15 ? 6  GLU C OE1 1 
ATOM   580  O OE2 . GLU C 1 8  ? -8.618  12.512  21.861  1.00 42.00 ? 6  GLU C OE2 1 
ATOM   581  N N   . ASP C 1 9  ? -11.348 11.707  15.758  1.00 16.58 ? 7  ASP C N   1 
ATOM   582  C CA  . ASP C 1 9  ? -12.517 11.311  14.962  1.00 21.40 ? 7  ASP C CA  1 
ATOM   583  C C   . ASP C 1 9  ? -12.096 10.495  13.757  1.00 16.61 ? 7  ASP C C   1 
ATOM   584  O O   . ASP C 1 9  ? -12.738 9.504   13.429  1.00 15.57 ? 7  ASP C O   1 
ATOM   585  C CB  . ASP C 1 9  ? -13.317 12.534  14.505  1.00 19.61 ? 7  ASP C CB  1 
ATOM   586  C CG  . ASP C 1 9  ? -14.140 13.161  15.630  1.00 26.56 ? 7  ASP C CG  1 
ATOM   587  O OD1 . ASP C 1 9  ? -14.174 12.608  16.748  1.00 21.50 ? 7  ASP C OD1 1 
ATOM   588  O OD2 . ASP C 1 9  ? -14.754 14.219  15.370  1.00 35.13 ? 7  ASP C OD2 1 
ATOM   589  N N   . LYS C 1 10 ? -11.029 10.930  13.090  1.00 16.24 ? 8  LYS C N   1 
ATOM   590  C CA  . LYS C 1 10 ? -10.563 10.232  11.892  1.00 13.78 ? 8  LYS C CA  1 
ATOM   591  C C   . LYS C 1 10 ? -10.033 8.860   12.276  1.00 12.99 ? 8  LYS C C   1 
ATOM   592  O O   . LYS C 1 10 ? -10.230 7.885   11.543  1.00 13.80 ? 8  LYS C O   1 
ATOM   593  C CB  . LYS C 1 10 ? -9.479  11.023  11.163  1.00 13.16 ? 8  LYS C CB  1 
ATOM   594  C CG  . LYS C 1 10 ? -9.986  12.212  10.363  1.00 22.88 ? 8  LYS C CG  1 
ATOM   595  C CD  . LYS C 1 10 ? -8.838  12.988  9.718   1.00 22.83 ? 8  LYS C CD  1 
ATOM   596  C CE  . LYS C 1 10 ? -9.356  14.229  9.001   1.00 29.25 ? 8  LYS C CE  1 
ATOM   597  N NZ  . LYS C 1 10 ? -8.491  14.612  7.843   1.00 32.89 ? 8  LYS C NZ  1 
ATOM   598  N N   . VAL C 1 11 ? -9.359  8.777   13.424  1.00 11.35 ? 9  VAL C N   1 
ATOM   599  C CA  . VAL C 1 11 ? -8.810  7.481   13.875  1.00 10.76 ? 9  VAL C CA  1 
ATOM   600  C C   . VAL C 1 11 ? -9.939  6.521   14.228  1.00 12.28 ? 9  VAL C C   1 
ATOM   601  O O   . VAL C 1 11 ? -9.901  5.344   13.878  1.00 13.41 ? 9  VAL C O   1 
ATOM   602  C CB  . VAL C 1 11 ? -7.831  7.654   15.038  1.00 11.75 ? 9  VAL C CB  1 
ATOM   603  C CG1 . VAL C 1 11 ? -7.454  6.302   15.645  1.00 14.37 ? 9  VAL C CG1 1 
ATOM   604  C CG2 . VAL C 1 11 ? -6.567  8.377   14.526  1.00 15.07 ? 9  VAL C CG2 1 
ATOM   605  N N   . GLU C 1 12 ? -10.945 7.047   14.906  1.00 10.92 ? 10 GLU C N   1 
ATOM   606  C CA  . GLU C 1 12 ? -12.152 6.278   15.191  1.00 14.19 ? 10 GLU C CA  1 
ATOM   607  C C   . GLU C 1 12 ? -12.831 5.784   13.915  1.00 13.26 ? 10 GLU C C   1 
ATOM   608  O O   . GLU C 1 12 ? -13.215 4.621   13.833  1.00 13.96 ? 10 GLU C O   1 
ATOM   609  C CB  . GLU C 1 12 ? -13.110 7.072   16.068  1.00 14.19 ? 10 GLU C CB  1 
ATOM   610  C CG  . GLU C 1 12 ? -12.690 7.053   17.561  1.00 24.17 ? 10 GLU C CG  1 
ATOM   611  C CD  . GLU C 1 12 ? -12.306 5.661   18.083  1.00 34.68 ? 10 GLU C CD  1 
ATOM   612  O OE1 . GLU C 1 12 ? -13.079 4.689   17.881  1.00 38.57 ? 10 GLU C OE1 1 
ATOM   613  O OE2 . GLU C 1 12 ? -11.231 5.546   18.716  1.00 31.12 ? 10 GLU C OE2 1 
ATOM   614  N N   . GLU C 1 13 ? -12.957 6.660   12.917  1.00 11.92 ? 11 GLU C N   1 
ATOM   615  C CA  . GLU C 1 13 ? -13.499 6.243   11.611  1.00 12.29 ? 11 GLU C CA  1 
ATOM   616  C C   . GLU C 1 13 ? -12.640 5.112   11.014  1.00 13.48 ? 11 GLU C C   1 
ATOM   617  O O   . GLU C 1 13 ? -13.167 4.110   10.518  1.00 12.28 ? 11 GLU C O   1 
ATOM   618  C CB  . GLU C 1 13 ? -13.509 7.403   10.624  1.00 14.81 ? 11 GLU C CB  1 
ATOM   619  C CG  . GLU C 1 13 ? -14.608 8.388   10.834  1.00 21.32 ? 11 GLU C CG  1 
ATOM   620  C CD  . GLU C 1 13 ? -14.399 9.678   10.056  1.00 24.30 ? 11 GLU C CD  1 
ATOM   621  O OE1 . GLU C 1 13 ? -13.547 9.719   9.140   1.00 18.60 ? 11 GLU C OE1 1 
ATOM   622  O OE2 . GLU C 1 13 ? -15.106 10.642  10.378  1.00 19.65 ? 11 GLU C OE2 1 
ATOM   623  N N   . LEU C 1 14 ? -11.321 5.275   11.086  1.00 10.37 ? 12 LEU C N   1 
ATOM   624  C CA  . LEU C 1 14 ? -10.407 4.287   10.533  1.00 13.28 ? 12 LEU C CA  1 
ATOM   625  C C   . LEU C 1 14 ? -10.493 2.943   11.237  1.00 10.34 ? 12 LEU C C   1 
ATOM   626  O O   . LEU C 1 14 ? -10.437 1.901   10.581  1.00 12.88 ? 12 LEU C O   1 
ATOM   627  C CB  . LEU C 1 14 ? -8.975  4.810   10.595  1.00 13.56 ? 12 LEU C CB  1 
ATOM   628  C CG  . LEU C 1 14 ? -8.696  5.872   9.540   1.00 16.69 ? 12 LEU C CG  1 
ATOM   629  C CD1 . LEU C 1 14 ? -7.429  6.641   9.921   1.00 19.12 ? 12 LEU C CD1 1 
ATOM   630  C CD2 . LEU C 1 14 ? -8.547  5.216   8.207   1.00 16.34 ? 12 LEU C CD2 1 
ATOM   631  N N   . LEU C 1 15 ? -10.616 2.972   12.566  1.00 13.29 ? 13 LEU C N   1 
ATOM   632  C CA  . LEU C 1 15 ? -10.769 1.739   13.348  1.00 12.74 ? 13 LEU C CA  1 
ATOM   633  C C   . LEU C 1 15 ? -12.012 0.965   12.917  1.00 11.91 ? 13 LEU C C   1 
ATOM   634  O O   . LEU C 1 15 ? -11.965 -0.251  12.707  1.00 12.01 ? 13 LEU C O   1 
ATOM   635  C CB  . LEU C 1 15 ? -10.776 2.028   14.858  1.00 14.33 ? 13 LEU C CB  1 
ATOM   636  C CG  . LEU C 1 15 ? -9.431  2.467   15.463  1.00 12.10 ? 13 LEU C CG  1 
ATOM   637  C CD1 . LEU C 1 15 ? -9.669  3.014   16.874  1.00 15.38 ? 13 LEU C CD1 1 
ATOM   638  C CD2 . LEU C 1 15 ? -8.374  1.362   15.482  1.00 13.85 ? 13 LEU C CD2 1 
ATOM   639  N N   . SER C 1 16 ? -13.104 1.693   12.737  1.00 11.03 ? 14 SER C N   1 
ATOM   640  C CA  . SER C 1 16 ? -14.367 1.109   12.312  1.00 13.75 ? 14 SER C CA  1 
ATOM   641  C C   . SER C 1 16 ? -14.255 0.585   10.885  1.00 11.52 ? 14 SER C C   1 
ATOM   642  O O   . SER C 1 16 ? -14.629 -0.542  10.600  1.00 10.02 ? 14 SER C O   1 
ATOM   643  C CB  . SER C 1 16 ? -15.470 2.175   12.389  1.00 15.14 ? 14 SER C CB  1 
ATOM   644  O OG  . SER C 1 16 ? -16.701 1.708   11.860  1.00 11.93 ? 14 SER C OG  1 
ATOM   645  N N   . LYS C 1 17 ? -13.750 1.421   9.992   1.00 8.45  ? 15 LYS C N   1 
ATOM   646  C CA  . LYS C 1 17 ? -13.580 1.027   8.584   1.00 10.99 ? 15 LYS C CA  1 
ATOM   647  C C   . LYS C 1 17 ? -12.676 -0.173  8.418   1.00 12.03 ? 15 LYS C C   1 
ATOM   648  O O   . LYS C 1 17 ? -12.991 -1.065  7.629   1.00 10.83 ? 15 LYS C O   1 
ATOM   649  C CB  . LYS C 1 17 ? -13.150 2.210   7.731   1.00 11.14 ? 15 LYS C CB  1 
ATOM   650  C CG  . LYS C 1 17 ? -14.324 3.193   7.587   1.00 12.28 ? 15 LYS C CG  1 
ATOM   651  C CD  . LYS C 1 17 ? -13.982 4.498   6.942   1.00 16.11 ? 15 LYS C CD  1 
ATOM   652  C CE  . LYS C 1 17 ? -15.219 5.412   7.073   1.00 21.31 ? 15 LYS C CE  1 
ATOM   653  N NZ  . LYS C 1 17 ? -15.220 6.637   6.196   1.00 23.55 ? 15 LYS C NZ  1 
ATOM   654  N N   . ASN C 1 18 ? -11.585 -0.231  9.174   1.00 13.40 ? 16 ASN C N   1 
ATOM   655  C CA  . ASN C 1 18 ? -10.697 -1.411  9.099   1.00 12.26 ? 16 ASN C CA  1 
ATOM   656  C C   . ASN C 1 18 ? -11.412 -2.671  9.566   1.00 11.93 ? 16 ASN C C   1 
ATOM   657  O O   . ASN C 1 18 ? -11.263 -3.726  8.978   1.00 12.32 ? 16 ASN C O   1 
ATOM   658  C CB  . ASN C 1 18 ? -9.434  -1.223  9.933   1.00 14.48 ? 16 ASN C CB  1 
ATOM   659  C CG  . ASN C 1 18 ? -8.580  -2.501  9.976   1.00 11.89 ? 16 ASN C CG  1 
ATOM   660  O OD1 . ASN C 1 18 ? -7.860  -2.812  9.022   1.00 22.33 ? 16 ASN C OD1 1 
ATOM   661  N ND2 . ASN C 1 18 ? -8.678  -3.231  11.051  1.00 14.91 ? 16 ASN C ND2 1 
ATOM   662  N N   . TYR C 1 19 ? -12.173 -2.563  10.645  1.00 13.14 ? 17 TYR C N   1 
ATOM   663  C CA  . TYR C 1 19 ? -12.909 -3.701  11.154  1.00 15.72 ? 17 TYR C CA  1 
ATOM   664  C C   . TYR C 1 19 ? -13.862 -4.265  10.076  1.00 12.48 ? 17 TYR C C   1 
ATOM   665  O O   . TYR C 1 19 ? -13.866 -5.463  9.774   1.00 14.49 ? 17 TYR C O   1 
ATOM   666  C CB  . TYR C 1 19 ? -13.699 -3.301  12.415  1.00 16.23 ? 17 TYR C CB  1 
ATOM   667  C CG  . TYR C 1 19 ? -14.651 -4.389  12.825  1.00 14.65 ? 17 TYR C CG  1 
ATOM   668  C CD1 . TYR C 1 19 ? -14.204 -5.486  13.559  1.00 22.57 ? 17 TYR C CD1 1 
ATOM   669  C CD2 . TYR C 1 19 ? -15.999 -4.342  12.465  1.00 16.64 ? 17 TYR C CD2 1 
ATOM   670  C CE1 . TYR C 1 19 ? -15.082 -6.507  13.928  1.00 21.32 ? 17 TYR C CE1 1 
ATOM   671  C CE2 . TYR C 1 19 ? -16.871 -5.363  12.824  1.00 20.71 ? 17 TYR C CE2 1 
ATOM   672  C CZ  . TYR C 1 19 ? -16.398 -6.438  13.561  1.00 24.78 ? 17 TYR C CZ  1 
ATOM   673  O OH  . TYR C 1 19 ? -17.260 -7.453  13.930  1.00 29.57 ? 17 TYR C OH  1 
ATOM   674  N N   . HIS C 1 20 ? -14.671 -3.388  9.510   1.00 11.33 ? 18 HIS C N   1 
ATOM   675  C CA  . HIS C 1 20 ? -15.643 -3.807  8.498   1.00 11.05 ? 18 HIS C CA  1 
ATOM   676  C C   . HIS C 1 20 ? -14.997 -4.260  7.192   1.00 10.47 ? 18 HIS C C   1 
ATOM   677  O O   . HIS C 1 20 ? -15.470 -5.200  6.540   1.00 11.15 ? 18 HIS C O   1 
ATOM   678  C CB  . HIS C 1 20 ? -16.656 -2.707  8.276   1.00 12.48 ? 18 HIS C CB  1 
ATOM   679  C CG  . HIS C 1 20 ? -17.558 -2.522  9.458   1.00 9.61  ? 18 HIS C CG  1 
ATOM   680  N ND1 . HIS C 1 20 ? -18.525 -3.446  9.805   1.00 8.65  ? 18 HIS C ND1 1 
ATOM   681  C CD2 . HIS C 1 20 ? -17.631 -1.534  10.378  1.00 13.58 ? 18 HIS C CD2 1 
ATOM   682  C CE1 . HIS C 1 20 ? -19.157 -3.026  10.888  1.00 11.42 ? 18 HIS C CE1 1 
ATOM   683  N NE2 . HIS C 1 20 ? -18.620 -1.881  11.267  1.00 16.60 ? 18 HIS C NE2 1 
ATOM   684  N N   . LEU C 1 21 ? -13.885 -3.629  6.831   1.00 9.87  ? 19 LEU C N   1 
ATOM   685  C CA  . LEU C 1 21 ? -13.204 -4.059  5.625   1.00 8.33  ? 19 LEU C CA  1 
ATOM   686  C C   . LEU C 1 21 ? -12.607 -5.455  5.817   1.00 10.95 ? 19 LEU C C   1 
ATOM   687  O O   . LEU C 1 21 ? -12.657 -6.278  4.913   1.00 8.81  ? 19 LEU C O   1 
ATOM   688  C CB  . LEU C 1 21 ? -12.163 -3.021  5.174   1.00 9.22  ? 19 LEU C CB  1 
ATOM   689  C CG  . LEU C 1 21 ? -11.581 -3.328  3.787   1.00 7.92  ? 19 LEU C CG  1 
ATOM   690  C CD1 . LEU C 1 21 ? -12.675 -3.258  2.686   1.00 8.91  ? 19 LEU C CD1 1 
ATOM   691  C CD2 . LEU C 1 21 ? -10.433 -2.373  3.481   1.00 11.52 ? 19 LEU C CD2 1 
ATOM   692  N N   . GLU C 1 22 ? -12.061 -5.714  7.000   1.00 11.17 ? 20 GLU C N   1 
ATOM   693  C CA  . GLU C 1 22 ? -11.496 -7.032  7.292   1.00 15.49 ? 20 GLU C CA  1 
ATOM   694  C C   . GLU C 1 22 ? -12.571 -8.118  7.178   1.00 13.43 ? 20 GLU C C   1 
ATOM   695  O O   . GLU C 1 22 ? -12.321 -9.184  6.629   1.00 12.28 ? 20 GLU C O   1 
ATOM   696  C CB  . GLU C 1 22 ? -10.826 -7.087  8.669   1.00 16.62 ? 20 GLU C CB  1 
ATOM   697  C CG  . GLU C 1 22 ? -10.364 -8.522  8.972   1.00 10.03 ? 20 GLU C CG  1 
ATOM   698  C CD  . GLU C 1 22 ? -9.525  -8.721  10.201  1.00 11.33 ? 20 GLU C CD  1 
ATOM   699  O OE1 . GLU C 1 22 ? -9.203  -7.752  10.939  1.00 14.00 ? 20 GLU C OE1 1 
ATOM   700  O OE2 . GLU C 1 22 ? -9.196  -9.907  10.426  1.00 10.26 ? 20 GLU C OE2 1 
ATOM   701  N N   . ASN C 1 23 ? -13.760 -7.850  7.710   1.00 9.68  ? 21 ASN C N   1 
ATOM   702  C CA  . ASN C 1 23 ? -14.873 -8.804  7.576   1.00 14.61 ? 21 ASN C CA  1 
ATOM   703  C C   . ASN C 1 23 ? -15.207 -9.108  6.121   1.00 13.07 ? 21 ASN C C   1 
ATOM   704  O O   . ASN C 1 23 ? -15.538 -10.232 5.787   1.00 10.80 ? 21 ASN C O   1 
ATOM   705  C CB  . ASN C 1 23 ? -16.118 -8.305  8.305   1.00 12.58 ? 21 ASN C CB  1 
ATOM   706  C CG  . ASN C 1 23 ? -16.002 -8.442  9.814   1.00 23.24 ? 21 ASN C CG  1 
ATOM   707  O OD1 . ASN C 1 23 ? -15.124 -9.145  10.336  1.00 17.75 ? 21 ASN C OD1 1 
ATOM   708  N ND2 . ASN C 1 23 ? -16.871 -7.748  10.523  1.00 24.84 ? 21 ASN C ND2 1 
ATOM   709  N N   . ARG C 1 24 ? -15.116 -8.097  5.251   1.00 9.69  ? 22 ARG C N   1 
ATOM   710  C CA  . ARG C 1 24 ? -15.371 -8.315  3.821   1.00 8.89  ? 22 ARG C CA  1 
ATOM   711  C C   . ARG C 1 24 ? -14.244 -9.157  3.229   1.00 10.36 ? 22 ARG C C   1 
ATOM   712  O O   . ARG C 1 24 ? -14.485 -9.981  2.366   1.00 9.82  ? 22 ARG C O   1 
ATOM   713  C CB  . ARG C 1 24 ? -15.453 -6.976  3.091   1.00 9.98  ? 22 ARG C CB  1 
ATOM   714  C CG  . ARG C 1 24 ? -16.800 -6.241  3.326   1.00 9.80  ? 22 ARG C CG  1 
ATOM   715  C CD  . ARG C 1 24 ? -16.664 -4.801  2.916   1.00 13.36 ? 22 ARG C CD  1 
ATOM   716  N NE  . ARG C 1 24 ? -16.426 -4.632  1.478   1.00 9.59  ? 22 ARG C NE  1 
ATOM   717  C CZ  . ARG C 1 24 ? -16.187 -3.455  0.911   1.00 9.75  ? 22 ARG C CZ  1 
ATOM   718  N NH1 . ARG C 1 24 ? -16.133 -2.357  1.664   1.00 11.63 ? 22 ARG C NH1 1 
ATOM   719  N NH2 . ARG C 1 24 ? -16.017 -3.362  -0.404  1.00 7.99  ? 22 ARG C NH2 1 
ATOM   720  N N   . VAL C 1 25 ? -13.007 -8.916  3.680   1.00 8.57  ? 23 VAL C N   1 
ATOM   721  C CA  . VAL C 1 25 ? -11.860 -9.710  3.202   1.00 9.85  ? 23 VAL C CA  1 
ATOM   722  C C   . VAL C 1 25 ? -12.010 -11.164 3.665   1.00 11.86 ? 23 VAL C C   1 
ATOM   723  O O   . VAL C 1 25 ? -11.814 -12.123 2.898   1.00 11.58 ? 23 VAL C O   1 
ATOM   724  C CB  . VAL C 1 25 ? -10.494 -9.102  3.699   1.00 7.26  ? 23 VAL C CB  1 
ATOM   725  C CG1 . VAL C 1 25 ? -9.355  -10.113 3.488   1.00 7.19  ? 23 VAL C CG1 1 
ATOM   726  C CG2 . VAL C 1 25 ? -10.204 -7.779  2.960   1.00 12.15 ? 23 VAL C CG2 1 
ATOM   727  N N   . ALA C 1 26 ? -12.397 -11.330 4.920   1.00 11.52 ? 24 ALA C N   1 
ATOM   728  C CA  . ALA C 1 26 ? -12.657 -12.676 5.430   1.00 8.76  ? 24 ALA C CA  1 
ATOM   729  C C   . ALA C 1 26 ? -13.779 -13.414 4.646   1.00 11.47 ? 24 ALA C C   1 
ATOM   730  O O   . ALA C 1 26 ? -13.684 -14.627 4.390   1.00 13.21 ? 24 ALA C O   1 
ATOM   731  C CB  . ALA C 1 26 ? -12.954 -12.622 6.926   1.00 11.65 ? 24 ALA C CB  1 
ATOM   732  N N   . ARG C 1 27 ? -14.826 -12.697 4.257   1.00 11.28 ? 25 ARG C N   1 
ATOM   733  C CA  . ARG C 1 27 ? -15.886 -13.310 3.423   1.00 12.78 ? 25 ARG C CA  1 
ATOM   734  C C   . ARG C 1 27 ? -15.312 -13.811 2.077   1.00 11.32 ? 25 ARG C C   1 
ATOM   735  O O   . ARG C 1 27 ? -15.577 -14.942 1.657   1.00 12.37 ? 25 ARG C O   1 
ATOM   736  C CB  . ARG C 1 27 ? -17.041 -12.341 3.189   1.00 15.27 ? 25 ARG C CB  1 
ATOM   737  C CG  . ARG C 1 27 ? -18.081 -12.901 2.218   1.00 22.73 ? 25 ARG C CG  1 
ATOM   738  C CD  . ARG C 1 27 ? -19.112 -11.883 1.812   1.00 33.72 ? 25 ARG C CD  1 
ATOM   739  N NE  . ARG C 1 27 ? -19.976 -12.376 0.734   1.00 45.92 ? 25 ARG C NE  1 
ATOM   740  C CZ  . ARG C 1 27 ? -20.819 -11.621 0.034   1.00 50.89 ? 25 ARG C CZ  1 
ATOM   741  N NH1 . ARG C 1 27 ? -20.930 -10.317 0.283   1.00 54.61 ? 25 ARG C NH1 1 
ATOM   742  N NH2 . ARG C 1 27 ? -21.557 -12.172 -0.923  1.00 60.20 ? 25 ARG C NH2 1 
ATOM   743  N N   . LEU C 1 28 ? -14.534 -12.963 1.410   1.00 14.04 ? 26 LEU C N   1 
ATOM   744  C CA  . LEU C 1 28 ? -13.849 -13.324 0.173   1.00 13.41 ? 26 LEU C CA  1 
ATOM   745  C C   . LEU C 1 28 ? -12.962 -14.542 0.368   1.00 15.72 ? 26 LEU C C   1 
ATOM   746  O O   . LEU C 1 28 ? -13.007 -15.481 -0.429  1.00 14.88 ? 26 LEU C O   1 
ATOM   747  C CB  . LEU C 1 28 ? -12.995 -12.162 -0.356  1.00 10.39 ? 26 LEU C CB  1 
ATOM   748  C CG  . LEU C 1 28 ? -13.744 -10.931 -0.887  1.00 10.22 ? 26 LEU C CG  1 
ATOM   749  C CD1 . LEU C 1 28 ? -12.778 -9.764  -1.079  1.00 10.48 ? 26 LEU C CD1 1 
ATOM   750  C CD2 . LEU C 1 28 ? -14.421 -11.288 -2.215  1.00 9.49  ? 26 LEU C CD2 1 
ATOM   751  N N   . GLU C 1 29 ? -12.156 -14.523 1.425   1.00 11.88 ? 27 GLU C N   1 
ATOM   752  C CA  . GLU C 1 29 ? -11.301 -15.681 1.735   1.00 13.25 ? 27 GLU C CA  1 
ATOM   753  C C   . GLU C 1 29 ? -12.130 -16.946 1.908   1.00 13.25 ? 27 GLU C C   1 
ATOM   754  O O   . GLU C 1 29 ? -11.737 -17.995 1.413   1.00 13.65 ? 27 GLU C O   1 
ATOM   755  C CB  . GLU C 1 29 ? -10.470 -15.429 2.984   1.00 10.26 ? 27 GLU C CB  1 
ATOM   756  C CG  . GLU C 1 29 ? -9.433  -14.326 2.773   1.00 9.72  ? 27 GLU C CG  1 
ATOM   757  C CD  . GLU C 1 29 ? -8.754  -13.912 4.041   1.00 12.15 ? 27 GLU C CD  1 
ATOM   758  O OE1 . GLU C 1 29 ? -9.305  -14.166 5.131   1.00 14.01 ? 27 GLU C OE1 1 
ATOM   759  O OE2 . GLU C 1 29 ? -7.653  -13.316 3.949   1.00 10.40 ? 27 GLU C OE2 1 
ATOM   760  N N   . LYS C 1 30 ? -13.279 -16.840 2.570   1.00 14.34 ? 28 LYS C N   1 
ATOM   761  C CA  . LYS C 1 30 ? -14.172 -17.998 2.728   1.00 17.22 ? 28 LYS C CA  1 
ATOM   762  C C   . LYS C 1 30 ? -14.663 -18.503 1.375   1.00 19.54 ? 28 LYS C C   1 
ATOM   763  O O   . LYS C 1 30 ? -14.567 -19.700 1.082   1.00 20.67 ? 28 LYS C O   1 
ATOM   764  C CB  . LYS C 1 30 ? -15.368 -17.639 3.607   1.00 18.86 ? 28 LYS C CB  1 
ATOM   765  C CG  . LYS C 1 30 ? -16.295 -18.843 3.955   1.00 22.97 ? 28 LYS C CG  1 
ATOM   766  C CD  . LYS C 1 30 ? -17.647 -18.329 4.422   1.00 30.96 ? 28 LYS C CD  1 
ATOM   767  C CE  . LYS C 1 30 ? -18.552 -19.460 4.909   1.00 44.96 ? 28 LYS C CE  1 
ATOM   768  N NZ  . LYS C 1 30 ? -19.843 -18.923 5.438   1.00 49.00 ? 28 LYS C NZ  1 
ATOM   769  N N   . LEU C 1 31 ? -15.159 -17.576 0.558   1.00 17.06 ? 29 LEU C N   1 
ATOM   770  C CA  . LEU C 1 31 ? -15.705 -17.892 -0.768  1.00 20.48 ? 29 LEU C CA  1 
ATOM   771  C C   . LEU C 1 31 ? -14.670 -18.505 -1.686  1.00 20.45 ? 29 LEU C C   1 
ATOM   772  O O   . LEU C 1 31 ? -14.915 -19.551 -2.280  1.00 21.04 ? 29 LEU C O   1 
ATOM   773  C CB  . LEU C 1 31 ? -16.283 -16.652 -1.431  1.00 18.16 ? 29 LEU C CB  1 
ATOM   774  C CG  . LEU C 1 31 ? -17.589 -16.123 -0.836  1.00 27.70 ? 29 LEU C CG  1 
ATOM   775  C CD1 . LEU C 1 31 ? -17.838 -14.717 -1.340  1.00 30.91 ? 29 LEU C CD1 1 
ATOM   776  C CD2 . LEU C 1 31 ? -18.775 -17.047 -1.150  1.00 32.90 ? 29 LEU C CD2 1 
ATOM   777  N N   . VAL C 1 32 ? -13.513 -17.854 -1.790  1.00 17.79 ? 30 VAL C N   1 
ATOM   778  C CA  . VAL C 1 32 ? -12.420 -18.336 -2.638  1.00 21.11 ? 30 VAL C CA  1 
ATOM   779  C C   . VAL C 1 32 ? -11.849 -19.668 -2.142  1.00 19.92 ? 30 VAL C C   1 
ATOM   780  O O   . VAL C 1 32 ? -11.464 -20.522 -2.953  1.00 17.33 ? 30 VAL C O   1 
ATOM   781  C CB  . VAL C 1 32 ? -11.282 -17.278 -2.778  1.00 22.10 ? 30 VAL C CB  1 
ATOM   782  C CG1 . VAL C 1 32 ? -10.118 -17.824 -3.590  1.00 24.73 ? 30 VAL C CG1 1 
ATOM   783  C CG2 . VAL C 1 32 ? -11.798 -15.973 -3.410  1.00 17.13 ? 30 VAL C CG2 1 
ATOM   784  N N   . GLY C 1 33 ? -11.792 -19.829 -0.821  1.00 19.99 ? 31 GLY C N   1 
ATOM   785  C CA  . GLY C 1 33 ? -11.217 -21.011 -0.174  1.00 25.19 ? 31 GLY C CA  1 
ATOM   786  C C   . GLY C 1 33 ? -12.090 -22.254 -0.266  1.00 29.32 ? 31 GLY C C   1 
ATOM   787  O O   . GLY C 1 33 ? -11.598 -23.373 -0.112  1.00 29.79 ? 31 GLY C O   1 
ATOM   788  N N   . GLU C 1 34 ? -13.384 -22.066 -0.517  1.00 31.80 ? 32 GLU C N   1 
ATOM   789  C CA  . GLU C 1 34 ? -14.309 -23.202 -0.664  1.00 35.67 ? 32 GLU C CA  1 
ATOM   790  C C   . GLU C 1 34 ? -14.452 -23.681 -2.118  1.00 36.39 ? 32 GLU C C   1 
ATOM   791  O O   . GLU C 1 34 ? -15.128 -24.686 -2.388  1.00 37.47 ? 32 GLU C O   1 
ATOM   792  C CB  . GLU C 1 34 ? -15.672 -22.898 -0.016  1.00 34.60 ? 32 GLU C CB  1 
ATOM   793  C CG  . GLU C 1 34 ? -16.574 -21.922 -0.758  1.00 37.66 ? 32 GLU C CG  1 
ATOM   794  C CD  . GLU C 1 34 ? -17.708 -21.378 0.124   1.00 38.80 ? 32 GLU C CD  1 
ATOM   795  O OE1 . GLU C 1 34 ? -17.800 -21.772 1.309   1.00 45.80 ? 32 GLU C OE1 1 
ATOM   796  O OE2 . GLU C 1 34 ? -18.500 -20.540 -0.359  1.00 37.59 ? 32 GLU C OE2 1 
ATOM   797  N N   . ARG C 1 35 ? -13.811 -22.961 -3.039  1.00 37.63 ? 33 ARG C N   1 
ATOM   798  C CA  . ARG C 1 35 ? -13.797 -23.303 -4.462  1.00 39.64 ? 33 ARG C CA  1 
ATOM   799  C C   . ARG C 1 35 ? -13.175 -24.681 -4.663  1.00 41.46 ? 33 ARG C C   1 
ATOM   800  O O   . ARG C 1 35 ? -12.074 -24.950 -4.172  1.00 42.56 ? 33 ARG C O   1 
ATOM   801  C CB  . ARG C 1 35 ? -12.990 -22.273 -5.260  1.00 39.44 ? 33 ARG C CB  1 
ATOM   802  C CG  . ARG C 1 35 ? -13.680 -20.939 -5.505  1.00 40.13 ? 33 ARG C CG  1 
ATOM   803  C CD  . ARG C 1 35 ? -12.699 -19.948 -6.126  1.00 41.51 ? 33 ARG C CD  1 
ATOM   804  N NE  . ARG C 1 35 ? -13.331 -18.694 -6.545  1.00 43.13 ? 33 ARG C NE  1 
ATOM   805  C CZ  . ARG C 1 35 ? -12.726 -17.738 -7.254  1.00 46.69 ? 33 ARG C CZ  1 
ATOM   806  N NH1 . ARG C 1 35 ? -11.459 -17.870 -7.637  1.00 44.69 ? 33 ARG C NH1 1 
ATOM   807  N NH2 . ARG C 1 35 ? -13.394 -16.644 -7.590  1.00 46.26 ? 33 ARG C NH2 1 
ATOM   808  N N   . SER D 1 2  ? 28.053  -11.331 1.478   1.00 40.65 ? 0  SER D N   1 
ATOM   809  C CA  . SER D 1 2  ? 26.850  -12.209 1.570   1.00 40.82 ? 0  SER D CA  1 
ATOM   810  C C   . SER D 1 2  ? 25.763  -11.750 0.597   1.00 38.94 ? 0  SER D C   1 
ATOM   811  O O   . SER D 1 2  ? 25.233  -10.638 0.726   1.00 38.85 ? 0  SER D O   1 
ATOM   812  C CB  . SER D 1 2  ? 26.322  -12.246 3.020   1.00 41.98 ? 0  SER D CB  1 
ATOM   813  O OG  . SER D 1 2  ? 25.131  -13.013 3.146   1.00 39.52 ? 0  SER D OG  1 
ATOM   814  N N   . ARG D 1 3  ? 25.444  -12.607 -0.378  1.00 37.62 ? 1  ARG D N   1 
ATOM   815  C CA  . ARG D 1 3  ? 24.364  -12.353 -1.339  1.00 35.21 ? 1  ARG D CA  1 
ATOM   816  C C   . ARG D 1 3  ? 23.008  -12.191 -0.668  1.00 33.74 ? 1  ARG D C   1 
ATOM   817  O O   . ARG D 1 3  ? 22.146  -11.468 -1.164  1.00 36.45 ? 1  ARG D O   1 
ATOM   818  C CB  . ARG D 1 3  ? 24.262  -13.487 -2.367  1.00 35.24 ? 1  ARG D CB  1 
ATOM   819  C CG  . ARG D 1 3  ? 24.961  -13.230 -3.680  1.00 33.22 ? 1  ARG D CG  1 
ATOM   820  C CD  . ARG D 1 3  ? 25.023  -14.511 -4.497  1.00 32.28 ? 1  ARG D CD  1 
ATOM   821  N NE  . ARG D 1 3  ? 23.803  -14.783 -5.257  1.00 28.35 ? 1  ARG D NE  1 
ATOM   822  C CZ  . ARG D 1 3  ? 23.595  -15.898 -5.954  1.00 35.87 ? 1  ARG D CZ  1 
ATOM   823  N NH1 . ARG D 1 3  ? 24.515  -16.859 -5.970  1.00 35.21 ? 1  ARG D NH1 1 
ATOM   824  N NH2 . ARG D 1 3  ? 22.463  -16.065 -6.621  1.00 33.37 ? 1  ARG D NH2 1 
ATOM   825  N N   . MET D 1 4  ? 22.812  -12.891 0.444   1.00 32.39 ? 2  MET D N   1 
ATOM   826  C CA  . MET D 1 4  ? 21.546  -12.839 1.161   1.00 31.48 ? 2  MET D CA  1 
ATOM   827  C C   . MET D 1 4  ? 21.408  -11.497 1.879   1.00 30.03 ? 2  MET D C   1 
ATOM   828  O O   . MET D 1 4  ? 20.340  -10.888 1.853   1.00 29.03 ? 2  MET D O   1 
ATOM   829  C CB  . MET D 1 4  ? 21.424  -14.017 2.134   1.00 32.02 ? 2  MET D CB  1 
ATOM   830  C CG  . MET D 1 4  ? 20.053  -14.167 2.755   1.00 35.27 ? 2  MET D CG  1 
ATOM   831  S SD  . MET D 1 4  ? 18.847  -14.859 1.609   1.00 43.16 ? 2  MET D SD  1 
ATOM   832  C CE  . MET D 1 4  ? 19.000  -16.603 1.996   1.00 46.88 ? 2  MET D CE  1 
ATOM   833  N N   . LYS D 1 5  ? 22.494  -11.031 2.499   1.00 30.02 ? 3  LYS D N   1 
ATOM   834  C CA  . LYS D 1 5  ? 22.493  -9.704  3.112   1.00 31.08 ? 3  LYS D CA  1 
ATOM   835  C C   . LYS D 1 5  ? 22.265  -8.597  2.070   1.00 27.91 ? 3  LYS D C   1 
ATOM   836  O O   . LYS D 1 5  ? 21.493  -7.676  2.304   1.00 26.03 ? 3  LYS D O   1 
ATOM   837  C CB  . LYS D 1 5  ? 23.776  -9.444  3.923   1.00 31.26 ? 3  LYS D CB  1 
ATOM   838  C CG  . LYS D 1 5  ? 23.776  -8.093  4.654   1.00 33.88 ? 3  LYS D CG  1 
ATOM   839  C CD  . LYS D 1 5  ? 25.137  -7.728  5.256   1.00 34.90 ? 3  LYS D CD  1 
ATOM   840  C CE  . LYS D 1 5  ? 25.326  -6.211  5.282   1.00 33.49 ? 3  LYS D CE  1 
ATOM   841  N NZ  . LYS D 1 5  ? 26.773  -5.851  5.251   1.00 45.17 ? 3  LYS D NZ  1 
ATOM   842  N N   . GLN D 1 6  ? 22.949  -8.695  0.930   1.00 26.14 ? 4  GLN D N   1 
ATOM   843  C CA  . GLN D 1 6  ? 22.859  -7.690  -0.129  1.00 29.22 ? 4  GLN D CA  1 
ATOM   844  C C   . GLN D 1 6  ? 21.439  -7.585  -0.692  1.00 27.95 ? 4  GLN D C   1 
ATOM   845  O O   . GLN D 1 6  ? 20.957  -6.498  -0.988  1.00 28.64 ? 4  GLN D O   1 
ATOM   846  C CB  . GLN D 1 6  ? 23.864  -8.003  -1.244  1.00 31.01 ? 4  GLN D CB  1 
ATOM   847  C CG  . GLN D 1 6  ? 25.307  -7.638  -0.887  1.00 36.51 ? 4  GLN D CG  1 
ATOM   848  C CD  . GLN D 1 6  ? 26.343  -8.275  -1.803  1.00 34.16 ? 4  GLN D CD  1 
ATOM   849  O OE1 . GLN D 1 6  ? 26.010  -8.847  -2.841  1.00 43.95 ? 4  GLN D OE1 1 
ATOM   850  N NE2 . GLN D 1 6  ? 27.607  -8.183  -1.409  1.00 39.42 ? 4  GLN D NE2 1 
ATOM   851  N N   . LEU D 1 7  ? 20.782  -8.738  -0.796  1.00 27.47 ? 5  LEU D N   1 
ATOM   852  C CA  . LEU D 1 7  ? 19.416  -8.869  -1.267  1.00 28.07 ? 5  LEU D CA  1 
ATOM   853  C C   . LEU D 1 7  ? 18.467  -8.297  -0.223  1.00 27.23 ? 5  LEU D C   1 
ATOM   854  O O   . LEU D 1 7  ? 17.537  -7.557  -0.554  1.00 28.98 ? 5  LEU D O   1 
ATOM   855  C CB  . LEU D 1 7  ? 19.119  -10.351 -1.499  1.00 27.61 ? 5  LEU D CB  1 
ATOM   856  C CG  . LEU D 1 7  ? 17.971  -10.860 -2.357  1.00 34.18 ? 5  LEU D CG  1 
ATOM   857  C CD1 . LEU D 1 7  ? 17.854  -10.084 -3.668  1.00 28.51 ? 5  LEU D CD1 1 
ATOM   858  C CD2 . LEU D 1 7  ? 18.189  -12.352 -2.598  1.00 30.85 ? 5  LEU D CD2 1 
ATOM   859  N N   . GLU D 1 8  ? 18.725  -8.630  1.040   1.00 25.52 ? 6  GLU D N   1 
ATOM   860  C CA  . GLU D 1 8  ? 17.917  -8.147  2.147   1.00 24.46 ? 6  GLU D CA  1 
ATOM   861  C C   . GLU D 1 8  ? 17.972  -6.631  2.251   1.00 23.09 ? 6  GLU D C   1 
ATOM   862  O O   . GLU D 1 8  ? 16.963  -5.988  2.494   1.00 24.16 ? 6  GLU D O   1 
ATOM   863  C CB  . GLU D 1 8  ? 18.352  -8.806  3.457   1.00 25.37 ? 6  GLU D CB  1 
ATOM   864  C CG  . GLU D 1 8  ? 17.914  -10.264 3.562   1.00 28.65 ? 6  GLU D CG  1 
ATOM   865  C CD  . GLU D 1 8  ? 18.494  -10.963 4.760   1.00 29.87 ? 6  GLU D CD  1 
ATOM   866  O OE1 . GLU D 1 8  ? 19.479  -10.448 5.316   1.00 25.38 ? 6  GLU D OE1 1 
ATOM   867  O OE2 . GLU D 1 8  ? 17.967  -12.030 5.142   1.00 34.50 ? 6  GLU D OE2 1 
ATOM   868  N N   . ASP D 1 9  ? 19.155  -6.072  2.028   1.00 25.36 ? 7  ASP D N   1 
ATOM   869  C CA  . ASP D 1 9  ? 19.334  -4.626  2.073   1.00 24.44 ? 7  ASP D CA  1 
ATOM   870  C C   . ASP D 1 9  ? 18.615  -3.898  0.938   1.00 22.42 ? 7  ASP D C   1 
ATOM   871  O O   . ASP D 1 9  ? 18.038  -2.832  1.142   1.00 21.92 ? 7  ASP D O   1 
ATOM   872  C CB  . ASP D 1 9  ? 20.811  -4.298  2.045   1.00 23.52 ? 7  ASP D CB  1 
ATOM   873  C CG  . ASP D 1 9  ? 21.505  -4.629  3.359   1.00 25.68 ? 7  ASP D CG  1 
ATOM   874  O OD1 . ASP D 1 9  ? 20.824  -4.984  4.352   1.00 24.17 ? 7  ASP D OD1 1 
ATOM   875  O OD2 . ASP D 1 9  ? 22.735  -4.517  3.397   1.00 24.48 ? 7  ASP D OD2 1 
ATOM   876  N N   . LYS D 1 10 ? 18.667  -4.457  -0.261  1.00 24.27 ? 8  LYS D N   1 
ATOM   877  C CA  . LYS D 1 10 ? 17.989  -3.821  -1.387  1.00 23.51 ? 8  LYS D CA  1 
ATOM   878  C C   . LYS D 1 10 ? 16.483  -3.814  -1.162  1.00 23.82 ? 8  LYS D C   1 
ATOM   879  O O   . LYS D 1 10 ? 15.820  -2.832  -1.484  1.00 25.97 ? 8  LYS D O   1 
ATOM   880  C CB  . LYS D 1 10 ? 18.348  -4.506  -2.707  1.00 21.82 ? 8  LYS D CB  1 
ATOM   881  C CG  . LYS D 1 10 ? 19.759  -4.199  -3.193  1.00 23.00 ? 8  LYS D CG  1 
ATOM   882  C CD  . LYS D 1 10 ? 19.983  -4.734  -4.590  1.00 23.76 ? 8  LYS D CD  1 
ATOM   883  C CE  . LYS D 1 10 ? 21.310  -4.237  -5.141  1.00 34.82 ? 8  LYS D CE  1 
ATOM   884  N NZ  . LYS D 1 10 ? 21.407  -4.418  -6.614  1.00 31.50 ? 8  LYS D NZ  1 
ATOM   885  N N   . VAL D 1 11 ? 15.967  -4.915  -0.612  1.00 23.88 ? 9  VAL D N   1 
ATOM   886  C CA  . VAL D 1 11 ? 14.542  -5.076  -0.327  1.00 23.10 ? 9  VAL D CA  1 
ATOM   887  C C   . VAL D 1 11 ? 14.090  -4.028  0.692   1.00 22.12 ? 9  VAL D C   1 
ATOM   888  O O   . VAL D 1 11 ? 13.046  -3.409  0.523   1.00 20.17 ? 9  VAL D O   1 
ATOM   889  C CB  . VAL D 1 11 ? 14.192  -6.536  0.124   1.00 23.85 ? 9  VAL D CB  1 
ATOM   890  C CG1 . VAL D 1 11 ? 12.806  -6.606  0.807   1.00 21.07 ? 9  VAL D CG1 1 
ATOM   891  C CG2 . VAL D 1 11 ? 14.231  -7.486  -1.078  1.00 23.08 ? 9  VAL D CG2 1 
ATOM   892  N N   . GLU D 1 12 ? 14.890  -3.811  1.734   1.00 23.04 ? 10 GLU D N   1 
ATOM   893  C CA  . GLU D 1 12 ? 14.582  -2.741  2.693   1.00 25.11 ? 10 GLU D CA  1 
ATOM   894  C C   . GLU D 1 12 ? 14.583  -1.354  2.043   1.00 23.23 ? 10 GLU D C   1 
ATOM   895  O O   . GLU D 1 12 ? 13.683  -0.555  2.286   1.00 19.96 ? 10 GLU D O   1 
ATOM   896  C CB  . GLU D 1 12 ? 15.514  -2.791  3.910   1.00 24.64 ? 10 GLU D CB  1 
ATOM   897  C CG  . GLU D 1 12 ? 15.299  -4.041  4.779   1.00 33.56 ? 10 GLU D CG  1 
ATOM   898  C CD  . GLU D 1 12 ? 13.836  -4.271  5.124   1.00 40.15 ? 10 GLU D CD  1 
ATOM   899  O OE1 . GLU D 1 12 ? 13.245  -3.400  5.795   1.00 43.29 ? 10 GLU D OE1 1 
ATOM   900  O OE2 . GLU D 1 12 ? 13.273  -5.315  4.718   1.00 37.12 ? 10 GLU D OE2 1 
ATOM   901  N N   . GLU D 1 13 ? 15.577  -1.090  1.194   1.00 23.36 ? 11 GLU D N   1 
ATOM   902  C CA  . GLU D 1 13 ? 15.641  0.161   0.414   1.00 26.61 ? 11 GLU D CA  1 
ATOM   903  C C   . GLU D 1 13 ? 14.415  0.363   -0.492  1.00 20.72 ? 11 GLU D C   1 
ATOM   904  O O   . GLU D 1 13 ? 13.939  1.492   -0.663  1.00 20.79 ? 11 GLU D O   1 
ATOM   905  C CB  . GLU D 1 13 ? 16.934  0.214   -0.427  1.00 26.22 ? 11 GLU D CB  1 
ATOM   906  C CG  . GLU D 1 13 ? 17.062  1.433   -1.343  1.00 34.07 ? 11 GLU D CG  1 
ATOM   907  C CD  . GLU D 1 13 ? 18.142  1.274   -2.423  1.00 37.78 ? 11 GLU D CD  1 
ATOM   908  O OE1 . GLU D 1 13 ? 19.333  1.079   -2.072  1.00 47.79 ? 11 GLU D OE1 1 
ATOM   909  O OE2 . GLU D 1 13 ? 17.799  1.362   -3.627  1.00 44.23 ? 11 GLU D OE2 1 
ATOM   910  N N   . LEU D 1 14 ? 13.936  -0.734  -1.075  1.00 21.53 ? 12 LEU D N   1 
ATOM   911  C CA  . LEU D 1 14 ? 12.759  -0.728  -1.950  1.00 20.30 ? 12 LEU D CA  1 
ATOM   912  C C   . LEU D 1 14 ? 11.457  -0.531  -1.163  1.00 19.07 ? 12 LEU D C   1 
ATOM   913  O O   . LEU D 1 14 ? 10.539  0.163   -1.614  1.00 20.23 ? 12 LEU D O   1 
ATOM   914  C CB  . LEU D 1 14 ? 12.682  -2.035  -2.736  1.00 22.43 ? 12 LEU D CB  1 
ATOM   915  C CG  . LEU D 1 14 ? 13.552  -2.204  -3.976  1.00 18.01 ? 12 LEU D CG  1 
ATOM   916  C CD1 . LEU D 1 14 ? 13.573  -3.674  -4.381  1.00 15.41 ? 12 LEU D CD1 1 
ATOM   917  C CD2 . LEU D 1 14 ? 12.995  -1.310  -5.094  1.00 16.42 ? 12 LEU D CD2 1 
ATOM   918  N N   . LEU D 1 15 ? 11.364  -1.173  -0.004  1.00 19.26 ? 13 LEU D N   1 
ATOM   919  C CA  . LEU D 1 15 ? 10.228  -0.938  0.905   1.00 19.67 ? 13 LEU D CA  1 
ATOM   920  C C   . LEU D 1 15 ? 10.163  0.542   1.289   1.00 20.31 ? 13 LEU D C   1 
ATOM   921  O O   . LEU D 1 15 ? 9.081   1.129   1.387   1.00 19.82 ? 13 LEU D O   1 
ATOM   922  C CB  . LEU D 1 15 ? 10.344  -1.832  2.148   1.00 20.20 ? 13 LEU D CB  1 
ATOM   923  C CG  . LEU D 1 15 ? 10.106  -3.328  1.869   1.00 22.68 ? 13 LEU D CG  1 
ATOM   924  C CD1 . LEU D 1 15 ? 10.678  -4.238  2.991   1.00 21.48 ? 13 LEU D CD1 1 
ATOM   925  C CD2 . LEU D 1 15 ? 8.650   -3.635  1.619   1.00 21.25 ? 13 LEU D CD2 1 
ATOM   926  N N   . SER D 1 16 ? 11.334  1.146   1.485   1.00 17.31 ? 14 SER D N   1 
ATOM   927  C CA  . SER D 1 16 ? 11.420  2.554   1.845   1.00 19.60 ? 14 SER D CA  1 
ATOM   928  C C   . SER D 1 16 ? 11.061  3.466   0.668   1.00 20.27 ? 14 SER D C   1 
ATOM   929  O O   . SER D 1 16 ? 10.369  4.475   0.840   1.00 19.08 ? 14 SER D O   1 
ATOM   930  C CB  . SER D 1 16 ? 12.823  2.869   2.385   1.00 23.27 ? 14 SER D CB  1 
ATOM   931  O OG  . SER D 1 16 ? 12.826  4.090   3.097   1.00 31.61 ? 14 SER D OG  1 
ATOM   932  N N   . LYS D 1 17 ? 11.531  3.101   -0.526  1.00 19.96 ? 15 LYS D N   1 
ATOM   933  C CA  . LYS D 1 17 ? 11.249  3.862   -1.736  1.00 19.04 ? 15 LYS D CA  1 
ATOM   934  C C   . LYS D 1 17 ? 9.763   3.816   -1.993  1.00 16.84 ? 15 LYS D C   1 
ATOM   935  O O   . LYS D 1 17 ? 9.172   4.800   -2.401  1.00 16.15 ? 15 LYS D O   1 
ATOM   936  C CB  . LYS D 1 17 ? 11.986  3.266   -2.942  1.00 19.84 ? 15 LYS D CB  1 
ATOM   937  C CG  . LYS D 1 17 ? 13.501  3.433   -2.909  1.00 19.87 ? 15 LYS D CG  1 
ATOM   938  C CD  . LYS D 1 17 ? 14.031  4.293   -4.011  1.00 34.05 ? 15 LYS D CD  1 
ATOM   939  C CE  . LYS D 1 17 ? 15.471  3.907   -4.312  1.00 27.02 ? 15 LYS D CE  1 
ATOM   940  N NZ  . LYS D 1 17 ? 16.069  4.758   -5.357  1.00 41.50 ? 15 LYS D NZ  1 
ATOM   941  N N   . ASN D 1 18 ? 9.153   2.668   -1.738  1.00 19.85 ? 16 ASN D N   1 
ATOM   942  C CA  . ASN D 1 18 ? 7.697   2.537   -1.946  1.00 18.64 ? 16 ASN D CA  1 
ATOM   943  C C   . ASN D 1 18 ? 6.879   3.463   -1.052  1.00 19.08 ? 16 ASN D C   1 
ATOM   944  O O   . ASN D 1 18 ? 5.921   4.092   -1.503  1.00 17.74 ? 16 ASN D O   1 
ATOM   945  C CB  . ASN D 1 18 ? 7.235   1.108   -1.731  1.00 22.02 ? 16 ASN D CB  1 
ATOM   946  C CG  . ASN D 1 18 ? 5.736   0.975   -1.891  1.00 17.85 ? 16 ASN D CG  1 
ATOM   947  O OD1 . ASN D 1 18 ? 5.199   1.232   -2.969  1.00 23.11 ? 16 ASN D OD1 1 
ATOM   948  N ND2 . ASN D 1 18 ? 5.054   0.627   -0.813  1.00 17.95 ? 16 ASN D ND2 1 
ATOM   949  N N   . TYR D 1 19 ? 7.279   3.547   0.215   1.00 18.57 ? 17 TYR D N   1 
ATOM   950  C CA  . TYR D 1 19 ? 6.630   4.416   1.185   1.00 20.32 ? 17 TYR D CA  1 
ATOM   951  C C   . TYR D 1 19 ? 6.682   5.889   0.749   1.00 17.37 ? 17 TYR D C   1 
ATOM   952  O O   . TYR D 1 19 ? 5.651   6.543   0.682   1.00 17.88 ? 17 TYR D O   1 
ATOM   953  C CB  . TYR D 1 19 ? 7.248   4.223   2.577   1.00 18.08 ? 17 TYR D CB  1 
ATOM   954  C CG  . TYR D 1 19 ? 6.823   5.278   3.573   1.00 26.23 ? 17 TYR D CG  1 
ATOM   955  C CD1 . TYR D 1 19 ? 5.516   5.314   4.063   1.00 23.55 ? 17 TYR D CD1 1 
ATOM   956  C CD2 . TYR D 1 19 ? 7.725   6.252   4.017   1.00 20.74 ? 17 TYR D CD2 1 
ATOM   957  C CE1 . TYR D 1 19 ? 5.115   6.274   4.979   1.00 25.27 ? 17 TYR D CE1 1 
ATOM   958  C CE2 . TYR D 1 19 ? 7.332   7.225   4.940   1.00 29.03 ? 17 TYR D CE2 1 
ATOM   959  C CZ  . TYR D 1 19 ? 6.024   7.228   5.411   1.00 26.98 ? 17 TYR D CZ  1 
ATOM   960  O OH  . TYR D 1 19 ? 5.620   8.182   6.319   1.00 26.46 ? 17 TYR D OH  1 
ATOM   961  N N   . HIS D 1 20 ? 7.872   6.402   0.429   1.00 16.65 ? 18 HIS D N   1 
ATOM   962  C CA  . HIS D 1 20 ? 8.001   7.818   0.036   1.00 16.08 ? 18 HIS D CA  1 
ATOM   963  C C   . HIS D 1 20 ? 7.276   8.161   -1.271  1.00 16.81 ? 18 HIS D C   1 
ATOM   964  O O   . HIS D 1 20 ? 6.665   9.237   -1.398  1.00 14.55 ? 18 HIS D O   1 
ATOM   965  C CB  . HIS D 1 20 ? 9.480   8.227   -0.058  1.00 16.40 ? 18 HIS D CB  1 
ATOM   966  C CG  . HIS D 1 20 ? 10.147  8.361   1.278   1.00 19.03 ? 18 HIS D CG  1 
ATOM   967  N ND1 . HIS D 1 20 ? 9.693   9.225   2.254   1.00 31.19 ? 18 HIS D ND1 1 
ATOM   968  C CD2 . HIS D 1 20 ? 11.225  7.736   1.806   1.00 25.67 ? 18 HIS D CD2 1 
ATOM   969  C CE1 . HIS D 1 20 ? 10.462  9.126   3.323   1.00 23.80 ? 18 HIS D CE1 1 
ATOM   970  N NE2 . HIS D 1 20 ? 11.402  8.234   3.076   1.00 25.90 ? 18 HIS D NE2 1 
ATOM   971  N N   . LEU D 1 21 ? 7.380   7.258   -2.241  1.00 13.94 ? 19 LEU D N   1 
ATOM   972  C CA  . LEU D 1 21 ? 6.774   7.442   -3.552  1.00 15.67 ? 19 LEU D CA  1 
ATOM   973  C C   . LEU D 1 21 ? 5.259   7.458   -3.438  1.00 14.42 ? 19 LEU D C   1 
ATOM   974  O O   . LEU D 1 21 ? 4.600   8.324   -4.008  1.00 16.17 ? 19 LEU D O   1 
ATOM   975  C CB  . LEU D 1 21 ? 7.212   6.323   -4.515  1.00 14.25 ? 19 LEU D CB  1 
ATOM   976  C CG  . LEU D 1 21 ? 7.624   6.649   -5.954  1.00 25.17 ? 19 LEU D CG  1 
ATOM   977  C CD1 . LEU D 1 21 ? 7.446   5.430   -6.869  1.00 15.74 ? 19 LEU D CD1 1 
ATOM   978  C CD2 . LEU D 1 21 ? 6.925   7.870   -6.510  1.00 21.94 ? 19 LEU D CD2 1 
ATOM   979  N N   . GLU D 1 22 ? 4.708   6.519   -2.672  1.00 15.57 ? 20 GLU D N   1 
ATOM   980  C CA  . GLU D 1 22 ? 3.261   6.506   -2.455  1.00 15.44 ? 20 GLU D CA  1 
ATOM   981  C C   . GLU D 1 22 ? 2.746   7.834   -1.860  1.00 15.56 ? 20 GLU D C   1 
ATOM   982  O O   . GLU D 1 22 ? 1.720   8.372   -2.290  1.00 16.51 ? 20 GLU D O   1 
ATOM   983  C CB  . GLU D 1 22 ? 2.842   5.314   -1.593  1.00 16.12 ? 20 GLU D CB  1 
ATOM   984  C CG  . GLU D 1 22 ? 1.339   5.224   -1.486  1.00 14.45 ? 20 GLU D CG  1 
ATOM   985  C CD  . GLU D 1 22 ? 0.831   3.990   -0.788  1.00 16.49 ? 20 GLU D CD  1 
ATOM   986  O OE1 . GLU D 1 22 ? 1.628   3.082   -0.467  1.00 14.03 ? 20 GLU D OE1 1 
ATOM   987  O OE2 . GLU D 1 22 ? -0.397  3.940   -0.560  1.00 11.93 ? 20 GLU D OE2 1 
ATOM   988  N N   . ASN D 1 23 ? 3.478   8.377   -0.895  1.00 17.28 ? 21 ASN D N   1 
ATOM   989  C CA  . ASN D 1 23 ? 3.124   9.675   -0.310  1.00 17.25 ? 21 ASN D CA  1 
ATOM   990  C C   . ASN D 1 23 ? 3.062   10.804  -1.345  1.00 15.64 ? 21 ASN D C   1 
ATOM   991  O O   . ASN D 1 23 ? 2.176   11.671  -1.294  1.00 15.64 ? 21 ASN D O   1 
ATOM   992  C CB  . ASN D 1 23 ? 4.080   10.029  0.838   1.00 18.53 ? 21 ASN D CB  1 
ATOM   993  C CG  . ASN D 1 23 ? 3.897   9.119   2.048   1.00 23.58 ? 21 ASN D CG  1 
ATOM   994  O OD1 . ASN D 1 23 ? 2.841   8.505   2.235   1.00 24.11 ? 21 ASN D OD1 1 
ATOM   995  N ND2 . ASN D 1 23 ? 4.933   9.013   2.864   1.00 27.72 ? 21 ASN D ND2 1 
ATOM   996  N N   . ARG D 1 24 ? 3.987   10.772  -2.294  1.00 15.57 ? 22 ARG D N   1 
ATOM   997  C CA  . ARG D 1 24 ? 3.995   11.747  -3.376  1.00 15.57 ? 22 ARG D CA  1 
ATOM   998  C C   . ARG D 1 24 ? 2.795   11.543  -4.283  1.00 15.32 ? 22 ARG D C   1 
ATOM   999  O O   . ARG D 1 24 ? 2.178   12.499  -4.726  1.00 13.73 ? 22 ARG D O   1 
ATOM   1000 C CB  . ARG D 1 24 ? 5.304   11.654  -4.162  1.00 17.64 ? 22 ARG D CB  1 
ATOM   1001 C CG  . ARG D 1 24 ? 6.506   12.159  -3.363  1.00 16.10 ? 22 ARG D CG  1 
ATOM   1002 C CD  . ARG D 1 24 ? 7.775   11.682  -4.021  1.00 12.32 ? 22 ARG D CD  1 
ATOM   1003 N NE  . ARG D 1 24 ? 7.959   12.315  -5.326  1.00 18.51 ? 22 ARG D NE  1 
ATOM   1004 C CZ  . ARG D 1 24 ? 8.959   12.049  -6.161  1.00 18.16 ? 22 ARG D CZ  1 
ATOM   1005 N NH1 . ARG D 1 24 ? 9.869   11.152  -5.828  1.00 18.99 ? 22 ARG D NH1 1 
ATOM   1006 N NH2 . ARG D 1 24 ? 9.039   12.679  -7.336  1.00 15.06 ? 22 ARG D NH2 1 
ATOM   1007 N N   . VAL D 1 25 ? 2.463   10.279  -4.550  1.00 18.26 ? 23 VAL D N   1 
ATOM   1008 C CA  . VAL D 1 25 ? 1.290   9.950   -5.337  1.00 15.14 ? 23 VAL D CA  1 
ATOM   1009 C C   . VAL D 1 25 ? 0.037   10.449  -4.608  1.00 14.88 ? 23 VAL D C   1 
ATOM   1010 O O   . VAL D 1 25 ? -0.829  11.077  -5.205  1.00 15.56 ? 23 VAL D O   1 
ATOM   1011 C CB  . VAL D 1 25 ? 1.230   8.445   -5.616  1.00 15.24 ? 23 VAL D CB  1 
ATOM   1012 C CG1 . VAL D 1 25 ? -0.109  8.049   -6.275  1.00 14.73 ? 23 VAL D CG1 1 
ATOM   1013 C CG2 . VAL D 1 25 ? 2.416   8.042   -6.520  1.00 16.25 ? 23 VAL D CG2 1 
ATOM   1014 N N   . ALA D 1 26 ? -0.050  10.141  -3.323  1.00 16.14 ? 24 ALA D N   1 
ATOM   1015 C CA  . ALA D 1 26 ? -1.189  10.574  -2.515  1.00 18.17 ? 24 ALA D CA  1 
ATOM   1016 C C   . ALA D 1 26 ? -1.359  12.104  -2.552  1.00 16.39 ? 24 ALA D C   1 
ATOM   1017 O O   . ALA D 1 26 ? -2.481  12.606  -2.656  1.00 19.04 ? 24 ALA D O   1 
ATOM   1018 C CB  . ALA D 1 26 ? -1.047  10.079  -1.105  1.00 14.95 ? 24 ALA D CB  1 
ATOM   1019 N N   . ARG D 1 27 ? -0.251  12.836  -2.466  1.00 20.46 ? 25 ARG D N   1 
ATOM   1020 C CA  . ARG D 1 27 ? -0.291  14.292  -2.592  1.00 20.81 ? 25 ARG D CA  1 
ATOM   1021 C C   . ARG D 1 27 ? -0.928  14.743  -3.913  1.00 21.05 ? 25 ARG D C   1 
ATOM   1022 O O   . ARG D 1 27 ? -1.747  15.666  -3.933  1.00 19.85 ? 25 ARG D O   1 
ATOM   1023 C CB  . ARG D 1 27 ? 1.115   14.879  -2.435  1.00 22.94 ? 25 ARG D CB  1 
ATOM   1024 C CG  . ARG D 1 27 ? 1.141   16.397  -2.234  1.00 29.48 ? 25 ARG D CG  1 
ATOM   1025 C CD  . ARG D 1 27 ? 2.521   16.895  -1.761  1.00 29.41 ? 25 ARG D CD  1 
ATOM   1026 N NE  . ARG D 1 27 ? 3.286   15.823  -1.109  1.00 43.14 ? 25 ARG D NE  1 
ATOM   1027 C CZ  . ARG D 1 27 ? 4.486   15.395  -1.502  1.00 40.70 ? 25 ARG D CZ  1 
ATOM   1028 N NH1 . ARG D 1 27 ? 5.104   15.967  -2.530  1.00 31.91 ? 25 ARG D NH1 1 
ATOM   1029 N NH2 . ARG D 1 27 ? 5.079   14.402  -0.847  1.00 38.79 ? 25 ARG D NH2 1 
ATOM   1030 N N   . LEU D 1 28 ? -0.583  14.068  -5.009  1.00 17.41 ? 26 LEU D N   1 
ATOM   1031 C CA  . LEU D 1 28 ? -1.127  14.431  -6.320  1.00 16.31 ? 26 LEU D CA  1 
ATOM   1032 C C   . LEU D 1 28 ? -2.608  14.105  -6.395  1.00 17.43 ? 26 LEU D C   1 
ATOM   1033 O O   . LEU D 1 28 ? -3.397  14.891  -6.916  1.00 19.08 ? 26 LEU D O   1 
ATOM   1034 C CB  . LEU D 1 28 ? -0.339  13.723  -7.434  1.00 16.73 ? 26 LEU D CB  1 
ATOM   1035 C CG  . LEU D 1 28 ? 1.111   14.198  -7.590  1.00 14.91 ? 26 LEU D CG  1 
ATOM   1036 C CD1 . LEU D 1 28 ? 1.970   13.223  -8.383  1.00 10.75 ? 26 LEU D CD1 1 
ATOM   1037 C CD2 . LEU D 1 28 ? 1.158   15.586  -8.233  1.00 22.77 ? 26 LEU D CD2 1 
ATOM   1038 N N   . GLU D 1 29 ? -2.989  12.949  -5.859  1.00 11.49 ? 27 GLU D N   1 
ATOM   1039 C CA  . GLU D 1 29 ? -4.391  12.522  -5.863  1.00 12.90 ? 27 GLU D CA  1 
ATOM   1040 C C   . GLU D 1 29 ? -5.330  13.545  -5.208  1.00 18.14 ? 27 GLU D C   1 
ATOM   1041 O O   . GLU D 1 29 ? -6.465  13.782  -5.666  1.00 18.71 ? 27 GLU D O   1 
ATOM   1042 C CB  . GLU D 1 29 ? -4.501  11.172  -5.172  1.00 13.69 ? 27 GLU D CB  1 
ATOM   1043 C CG  . GLU D 1 29 ? -3.946  10.058  -6.070  1.00 13.93 ? 27 GLU D CG  1 
ATOM   1044 C CD  . GLU D 1 29 ? -3.819  8.709   -5.376  1.00 16.20 ? 27 GLU D CD  1 
ATOM   1045 O OE1 . GLU D 1 29 ? -3.820  8.654   -4.132  1.00 20.24 ? 27 GLU D OE1 1 
ATOM   1046 O OE2 . GLU D 1 29 ? -3.725  7.694   -6.093  1.00 13.38 ? 27 GLU D OE2 1 
ATOM   1047 N N   . LYS D 1 30 ? -4.845  14.120  -4.123  1.00 16.40 ? 28 LYS D N   1 
ATOM   1048 C CA  . LYS D 1 30 ? -5.586  15.122  -3.372  1.00 23.67 ? 28 LYS D CA  1 
ATOM   1049 C C   . LYS D 1 30 ? -5.795  16.414  -4.170  1.00 25.69 ? 28 LYS D C   1 
ATOM   1050 O O   . LYS D 1 30 ? -6.897  16.979  -4.174  1.00 27.51 ? 28 LYS D O   1 
ATOM   1051 C CB  . LYS D 1 30 ? -4.873  15.413  -2.058  1.00 24.48 ? 28 LYS D CB  1 
ATOM   1052 C CG  . LYS D 1 30 ? -5.410  14.594  -0.890  1.00 36.22 ? 28 LYS D CG  1 
ATOM   1053 C CD  . LYS D 1 30 ? -6.854  15.011  -0.539  1.00 43.92 ? 28 LYS D CD  1 
ATOM   1054 C CE  . LYS D 1 30 ? -7.464  14.123  0.530   1.00 46.08 ? 28 LYS D CE  1 
ATOM   1055 N NZ  . LYS D 1 30 ? -6.898  14.436  1.867   1.00 50.08 ? 28 LYS D NZ  1 
ATOM   1056 N N   . LEU D 1 31 ? -4.740  16.850  -4.850  1.00 24.37 ? 29 LEU D N   1 
ATOM   1057 C CA  . LEU D 1 31 ? -4.767  18.079  -5.646  1.00 28.55 ? 29 LEU D CA  1 
ATOM   1058 C C   . LEU D 1 31 ? -5.634  17.926  -6.892  1.00 31.74 ? 29 LEU D C   1 
ATOM   1059 O O   . LEU D 1 31 ? -6.490  18.770  -7.175  1.00 31.61 ? 29 LEU D O   1 
ATOM   1060 C CB  . LEU D 1 31 ? -3.343  18.470  -6.047  1.00 26.81 ? 29 LEU D CB  1 
ATOM   1061 C CG  . LEU D 1 31 ? -3.170  19.693  -6.956  1.00 30.79 ? 29 LEU D CG  1 
ATOM   1062 C CD1 . LEU D 1 31 ? -3.574  21.003  -6.243  1.00 22.25 ? 29 LEU D CD1 1 
ATOM   1063 C CD2 . LEU D 1 31 ? -1.737  19.758  -7.436  1.00 31.87 ? 29 LEU D CD2 1 
ATOM   1064 N N   . VAL D 1 32 ? -5.392  16.849  -7.633  1.00 34.75 ? 30 VAL D N   1 
ATOM   1065 C CA  . VAL D 1 32 ? -6.092  16.565  -8.879  1.00 39.90 ? 30 VAL D CA  1 
ATOM   1066 C C   . VAL D 1 32 ? -7.566  16.231  -8.614  1.00 42.33 ? 30 VAL D C   1 
ATOM   1067 O O   . VAL D 1 32 ? -8.461  16.855  -9.195  1.00 45.24 ? 30 VAL D O   1 
ATOM   1068 C CB  . VAL D 1 32 ? -5.388  15.420  -9.654  1.00 42.46 ? 30 VAL D CB  1 
ATOM   1069 C CG1 . VAL D 1 32 ? -6.193  15.007  -10.872 1.00 46.37 ? 30 VAL D CG1 1 
ATOM   1070 C CG2 . VAL D 1 32 ? -3.976  15.842  -10.058 1.00 41.44 ? 30 VAL D CG2 1 
ATOM   1071 N N   . GLY D 1 33 ? -7.811  15.255  -7.737  1.00 43.72 ? 31 GLY D N   1 
ATOM   1072 C CA  . GLY D 1 33 ? -9.171  14.889  -7.328  1.00 42.27 ? 31 GLY D CA  1 
ATOM   1073 C C   . GLY D 1 33 ? -9.440  13.406  -7.462  1.00 42.43 ? 31 GLY D C   1 
ATOM   1074 O O   . GLY D 1 33 ? -9.221  12.820  -8.521  1.00 40.32 ? 31 GLY D O   1 
ATOM   1075 N N   . ARG E 1 3  ? 16.449  -20.168 -6.267  1.00 32.52 ? 1  ARG E N   1 
ATOM   1076 C CA  . ARG E 1 3  ? 15.639  -19.317 -5.349  1.00 32.80 ? 1  ARG E CA  1 
ATOM   1077 C C   . ARG E 1 3  ? 16.301  -17.958 -5.110  1.00 31.56 ? 1  ARG E C   1 
ATOM   1078 O O   . ARG E 1 3  ? 15.689  -16.929 -5.357  1.00 27.86 ? 1  ARG E O   1 
ATOM   1079 C CB  . ARG E 1 3  ? 15.376  -20.043 -4.035  1.00 35.42 ? 1  ARG E CB  1 
ATOM   1080 C CG  . ARG E 1 3  ? 14.043  -19.728 -3.418  1.00 31.73 ? 1  ARG E CG  1 
ATOM   1081 C CD  . ARG E 1 3  ? 13.662  -20.816 -2.431  1.00 38.14 ? 1  ARG E CD  1 
ATOM   1082 N NE  . ARG E 1 3  ? 12.640  -20.358 -1.497  1.00 36.10 ? 1  ARG E NE  1 
ATOM   1083 C CZ  . ARG E 1 3  ? 12.470  -20.838 -0.268  1.00 43.11 ? 1  ARG E CZ  1 
ATOM   1084 N NH1 . ARG E 1 3  ? 13.260  -21.800 0.192   1.00 41.24 ? 1  ARG E NH1 1 
ATOM   1085 N NH2 . ARG E 1 3  ? 11.508  -20.343 0.510   1.00 37.63 ? 1  ARG E NH2 1 
ATOM   1086 N N   . MET E 1 4  ? 17.557  -17.953 -4.663  1.00 29.16 ? 2  MET E N   1 
ATOM   1087 C CA  . MET E 1 4  ? 18.279  -16.690 -4.465  1.00 30.54 ? 2  MET E CA  1 
ATOM   1088 C C   . MET E 1 4  ? 18.464  -15.896 -5.765  1.00 29.62 ? 2  MET E C   1 
ATOM   1089 O O   . MET E 1 4  ? 18.272  -14.673 -5.790  1.00 28.81 ? 2  MET E O   1 
ATOM   1090 C CB  . MET E 1 4  ? 19.631  -16.952 -3.823  1.00 29.66 ? 2  MET E CB  1 
ATOM   1091 C CG  . MET E 1 4  ? 20.158  -15.808 -2.987  1.00 33.54 ? 2  MET E CG  1 
ATOM   1092 S SD  . MET E 1 4  ? 21.449  -16.409 -1.874  1.00 39.04 ? 2  MET E SD  1 
ATOM   1093 C CE  . MET E 1 4  ? 22.590  -17.177 -3.010  1.00 26.19 ? 2  MET E CE  1 
ATOM   1094 N N   . LYS E 1 5  ? 18.836  -16.590 -6.838  1.00 26.90 ? 3  LYS E N   1 
ATOM   1095 C CA  . LYS E 1 5  ? 18.968  -15.954 -8.155  1.00 29.25 ? 3  LYS E CA  1 
ATOM   1096 C C   . LYS E 1 5  ? 17.633  -15.346 -8.620  1.00 26.53 ? 3  LYS E C   1 
ATOM   1097 O O   . LYS E 1 5  ? 17.596  -14.205 -9.101  1.00 26.25 ? 3  LYS E O   1 
ATOM   1098 C CB  . LYS E 1 5  ? 19.534  -16.953 -9.180  1.00 31.92 ? 3  LYS E CB  1 
ATOM   1099 C CG  . LYS E 1 5  ? 19.542  -16.482 -10.637 1.00 38.33 ? 3  LYS E CG  1 
ATOM   1100 C CD  . LYS E 1 5  ? 20.358  -15.208 -10.829 1.00 49.78 ? 3  LYS E CD  1 
ATOM   1101 C CE  . LYS E 1 5  ? 20.278  -14.721 -12.269 1.00 54.04 ? 3  LYS E CE  1 
ATOM   1102 N NZ  . LYS E 1 5  ? 20.629  -13.280 -12.372 1.00 59.63 ? 3  LYS E NZ  1 
ATOM   1103 N N   . GLN E 1 6  ? 16.547  -16.105 -8.444  1.00 27.79 ? 4  GLN E N   1 
ATOM   1104 C CA  . GLN E 1 6  ? 15.188  -15.644 -8.757  1.00 29.73 ? 4  GLN E CA  1 
ATOM   1105 C C   . GLN E 1 6  ? 14.835  -14.363 -8.003  1.00 27.88 ? 4  GLN E C   1 
ATOM   1106 O O   . GLN E 1 6  ? 14.208  -13.459 -8.561  1.00 25.08 ? 4  GLN E O   1 
ATOM   1107 C CB  . GLN E 1 6  ? 14.145  -16.700 -8.387  1.00 28.62 ? 4  GLN E CB  1 
ATOM   1108 C CG  . GLN E 1 6  ? 14.211  -18.004 -9.168  1.00 38.66 ? 4  GLN E CG  1 
ATOM   1109 C CD  . GLN E 1 6  ? 13.302  -19.072 -8.563  1.00 38.48 ? 4  GLN E CD  1 
ATOM   1110 O OE1 . GLN E 1 6  ? 12.077  -18.901 -8.491  1.00 44.98 ? 4  GLN E OE1 1 
ATOM   1111 N NE2 . GLN E 1 6  ? 13.901  -20.180 -8.126  1.00 43.11 ? 4  GLN E NE2 1 
ATOM   1112 N N   . LEU E 1 7  ? 15.208  -14.318 -6.726  1.00 24.71 ? 5  LEU E N   1 
ATOM   1113 C CA  . LEU E 1 7  ? 14.950  -13.162 -5.878  1.00 23.74 ? 5  LEU E CA  1 
ATOM   1114 C C   . LEU E 1 7  ? 15.771  -11.965 -6.344  1.00 23.24 ? 5  LEU E C   1 
ATOM   1115 O O   . LEU E 1 7  ? 15.268  -10.845 -6.396  1.00 22.73 ? 5  LEU E O   1 
ATOM   1116 C CB  . LEU E 1 7  ? 15.270  -13.492 -4.415  1.00 23.52 ? 5  LEU E CB  1 
ATOM   1117 C CG  . LEU E 1 7  ? 14.201  -14.057 -3.473  1.00 30.34 ? 5  LEU E CG  1 
ATOM   1118 C CD1 . LEU E 1 7  ? 13.615  -15.384 -3.927  1.00 34.46 ? 5  LEU E CD1 1 
ATOM   1119 C CD2 . LEU E 1 7  ? 14.804  -14.215 -2.104  1.00 28.07 ? 5  LEU E CD2 1 
ATOM   1120 N N   . GLU E 1 8  ? 17.032  -12.206 -6.687  1.00 20.22 ? 6  GLU E N   1 
ATOM   1121 C CA  . GLU E 1 8  ? 17.905  -11.145 -7.219  1.00 18.05 ? 6  GLU E CA  1 
ATOM   1122 C C   . GLU E 1 8  ? 17.328  -10.514 -8.470  1.00 17.49 ? 6  GLU E C   1 
ATOM   1123 O O   . GLU E 1 8  ? 17.309  -9.291  -8.589  1.00 17.86 ? 6  GLU E O   1 
ATOM   1124 C CB  . GLU E 1 8  ? 19.311  -11.673 -7.482  1.00 17.44 ? 6  GLU E CB  1 
ATOM   1125 C CG  . GLU E 1 8  ? 20.064  -11.884 -6.179  1.00 15.56 ? 6  GLU E CG  1 
ATOM   1126 C CD  . GLU E 1 8  ? 21.328  -12.700 -6.327  1.00 28.50 ? 6  GLU E CD  1 
ATOM   1127 O OE1 . GLU E 1 8  ? 21.489  -13.406 -7.348  1.00 28.68 ? 6  GLU E OE1 1 
ATOM   1128 O OE2 . GLU E 1 8  ? 22.153  -12.636 -5.398  1.00 27.25 ? 6  GLU E OE2 1 
ATOM   1129 N N   . ASP E 1 9  ? 16.835  -11.353 -9.379  1.00 18.27 ? 7  ASP E N   1 
ATOM   1130 C CA  . ASP E 1 9  ? 16.221  -10.879 -10.613 1.00 18.44 ? 7  ASP E CA  1 
ATOM   1131 C C   . ASP E 1 9  ? 14.984  -10.049 -10.316 1.00 18.76 ? 7  ASP E C   1 
ATOM   1132 O O   . ASP E 1 9  ? 14.796  -8.991  -10.898 1.00 16.48 ? 7  ASP E O   1 
ATOM   1133 C CB  . ASP E 1 9  ? 15.839  -12.044 -11.526 1.00 18.38 ? 7  ASP E CB  1 
ATOM   1134 C CG  . ASP E 1 9  ? 17.046  -12.709 -12.171 1.00 22.50 ? 7  ASP E CG  1 
ATOM   1135 O OD1 . ASP E 1 9  ? 18.169  -12.162 -12.100 1.00 28.34 ? 7  ASP E OD1 1 
ATOM   1136 O OD2 . ASP E 1 9  ? 16.864  -13.800 -12.734 1.00 28.60 ? 7  ASP E OD2 1 
ATOM   1137 N N   . LYS E 1 10 ? 14.145  -10.540 -9.411  1.00 18.30 ? 8  LYS E N   1 
ATOM   1138 C CA  . LYS E 1 10 ? 12.930  -9.816  -9.034  1.00 19.00 ? 8  LYS E CA  1 
ATOM   1139 C C   . LYS E 1 10 ? 13.239  -8.473  -8.395  1.00 17.84 ? 8  LYS E C   1 
ATOM   1140 O O   . LYS E 1 10 ? 12.551  -7.485  -8.648  1.00 17.08 ? 8  LYS E O   1 
ATOM   1141 C CB  . LYS E 1 10 ? 12.058  -10.668 -8.112  1.00 18.93 ? 8  LYS E CB  1 
ATOM   1142 C CG  . LYS E 1 10 ? 11.277  -11.735 -8.841  1.00 23.17 ? 8  LYS E CG  1 
ATOM   1143 C CD  . LYS E 1 10 ? 10.354  -12.511 -7.916  1.00 25.35 ? 8  LYS E CD  1 
ATOM   1144 C CE  . LYS E 1 10 ? 9.228   -13.157 -8.732  1.00 28.90 ? 8  LYS E CE  1 
ATOM   1145 N NZ  . LYS E 1 10 ? 8.184   -13.855 -7.921  1.00 36.36 ? 8  LYS E NZ  1 
ATOM   1146 N N   . VAL E 1 11 ? 14.280  -8.442  -7.560  1.00 17.15 ? 9  VAL E N   1 
ATOM   1147 C CA  . VAL E 1 11 ? 14.727  -7.198  -6.928  1.00 16.82 ? 9  VAL E CA  1 
ATOM   1148 C C   . VAL E 1 11 ? 15.254  -6.197  -7.970  1.00 17.95 ? 9  VAL E C   1 
ATOM   1149 O O   . VAL E 1 11 ? 14.931  -5.006  -7.932  1.00 15.77 ? 9  VAL E O   1 
ATOM   1150 C CB  . VAL E 1 11 ? 15.748  -7.483  -5.795  1.00 17.13 ? 9  VAL E CB  1 
ATOM   1151 C CG1 . VAL E 1 11 ? 16.526  -6.236  -5.408  1.00 15.87 ? 9  VAL E CG1 1 
ATOM   1152 C CG2 . VAL E 1 11 ? 15.009  -8.050  -4.578  1.00 17.35 ? 9  VAL E CG2 1 
ATOM   1153 N N   . GLU E 1 12 ? 16.028  -6.688  -8.923  1.00 18.56 ? 10 GLU E N   1 
ATOM   1154 C CA  . GLU E 1 12 ? 16.488  -5.824  -10.003 1.00 18.10 ? 10 GLU E CA  1 
ATOM   1155 C C   . GLU E 1 12 ? 15.309  -5.276  -10.820 1.00 14.82 ? 10 GLU E C   1 
ATOM   1156 O O   . GLU E 1 12 ? 15.310  -4.105  -11.212 1.00 16.93 ? 10 GLU E O   1 
ATOM   1157 C CB  . GLU E 1 12 ? 17.510  -6.544  -10.880 1.00 20.59 ? 10 GLU E CB  1 
ATOM   1158 C CG  . GLU E 1 12 ? 18.842  -6.831  -10.152 1.00 26.81 ? 10 GLU E CG  1 
ATOM   1159 C CD  . GLU E 1 12 ? 19.434  -5.588  -9.491  1.00 26.52 ? 10 GLU E CD  1 
ATOM   1160 O OE1 . GLU E 1 12 ? 19.477  -4.520  -10.147 1.00 27.94 ? 10 GLU E OE1 1 
ATOM   1161 O OE2 . GLU E 1 12 ? 19.837  -5.680  -8.310  1.00 26.01 ? 10 GLU E OE2 1 
ATOM   1162 N N   . GLU E 1 13 ? 14.305  -6.113  -11.050 1.00 16.55 ? 11 GLU E N   1 
ATOM   1163 C CA  . GLU E 1 13 ? 13.079  -5.667  -11.711 1.00 14.50 ? 11 GLU E CA  1 
ATOM   1164 C C   . GLU E 1 13 ? 12.372  -4.577  -10.906 1.00 13.80 ? 11 GLU E C   1 
ATOM   1165 O O   . GLU E 1 13 ? 11.919  -3.591  -11.452 1.00 13.81 ? 11 GLU E O   1 
ATOM   1166 C CB  . GLU E 1 13 ? 12.167  -6.851  -11.946 1.00 16.08 ? 11 GLU E CB  1 
ATOM   1167 C CG  . GLU E 1 13 ? 10.760  -6.474  -12.363 1.00 19.53 ? 11 GLU E CG  1 
ATOM   1168 C CD  . GLU E 1 13 ? 9.857   -7.693  -12.414 1.00 25.78 ? 11 GLU E CD  1 
ATOM   1169 O OE1 . GLU E 1 13 ? 10.388  -8.812  -12.581 1.00 28.24 ? 11 GLU E OE1 1 
ATOM   1170 O OE2 . GLU E 1 13 ? 8.630   -7.524  -12.311 1.00 23.53 ? 11 GLU E OE2 1 
ATOM   1171 N N   . LEU E 1 14 ? 12.287  -4.750  -9.594  1.00 14.80 ? 12 LEU E N   1 
ATOM   1172 C CA  . LEU E 1 14 ? 11.617  -3.755  -8.747  1.00 13.80 ? 12 LEU E CA  1 
ATOM   1173 C C   . LEU E 1 14 ? 12.394  -2.446  -8.677  1.00 15.52 ? 12 LEU E C   1 
ATOM   1174 O O   . LEU E 1 14 ? 11.811  -1.355  -8.613  1.00 12.73 ? 12 LEU E O   1 
ATOM   1175 C CB  . LEU E 1 14 ? 11.447  -4.332  -7.343  1.00 16.03 ? 12 LEU E CB  1 
ATOM   1176 C CG  . LEU E 1 14 ? 10.355  -5.394  -7.227  1.00 17.80 ? 12 LEU E CG  1 
ATOM   1177 C CD1 . LEU E 1 14 ? 10.580  -6.246  -5.971  1.00 19.44 ? 12 LEU E CD1 1 
ATOM   1178 C CD2 . LEU E 1 14 ? 8.986   -4.731  -7.196  1.00 19.01 ? 12 LEU E CD2 1 
ATOM   1179 N N   . LEU E 1 15 ? 13.716  -2.550  -8.645  1.00 14.16 ? 13 LEU E N   1 
ATOM   1180 C CA  . LEU E 1 15 ? 14.557  -1.335  -8.647  1.00 15.55 ? 13 LEU E CA  1 
ATOM   1181 C C   . LEU E 1 15 ? 14.362  -0.556  -9.961  1.00 12.66 ? 13 LEU E C   1 
ATOM   1182 O O   . LEU E 1 15 ? 14.185  0.682   -9.956  1.00 12.75 ? 13 LEU E O   1 
ATOM   1183 C CB  . LEU E 1 15 ? 16.031  -1.683  -8.411  1.00 17.98 ? 13 LEU E CB  1 
ATOM   1184 C CG  . LEU E 1 15 ? 16.479  -2.044  -6.991  1.00 15.48 ? 13 LEU E CG  1 
ATOM   1185 C CD1 . LEU E 1 15 ? 17.886  -2.706  -7.029  1.00 19.05 ? 13 LEU E CD1 1 
ATOM   1186 C CD2 . LEU E 1 15 ? 16.490  -0.814  -6.101  1.00 18.90 ? 13 LEU E CD2 1 
ATOM   1187 N N   . SER E 1 16 ? 14.376  -1.288  -11.074 1.00 11.66 ? 14 SER E N   1 
ATOM   1188 C CA  . SER E 1 16 ? 14.092  -0.708  -12.388 1.00 12.82 ? 14 SER E CA  1 
ATOM   1189 C C   . SER E 1 16 ? 12.722  -0.042  -12.405 1.00 13.55 ? 14 SER E C   1 
ATOM   1190 O O   . SER E 1 16 ? 12.574  1.129   -12.784 1.00 12.02 ? 14 SER E O   1 
ATOM   1191 C CB  . SER E 1 16 ? 14.159  -1.767  -13.483 1.00 12.02 ? 14 SER E CB  1 
ATOM   1192 O OG  . SER E 1 16 ? 13.883  -1.149  -14.731 1.00 12.47 ? 14 SER E OG  1 
ATOM   1193 N N   . LYS E 1 17 ? 11.717  -0.794  -11.969 1.00 14.07 ? 15 LYS E N   1 
ATOM   1194 C CA  . LYS E 1 17 ? 10.355  -0.286  -11.990 1.00 15.30 ? 15 LYS E CA  1 
ATOM   1195 C C   . LYS E 1 17 ? 10.173  0.919   -11.117 1.00 14.75 ? 15 LYS E C   1 
ATOM   1196 O O   . LYS E 1 17 ? 9.543   1.874   -11.534 1.00 13.14 ? 15 LYS E O   1 
ATOM   1197 C CB  . LYS E 1 17 ? 9.360   -1.387  -11.661 1.00 13.06 ? 15 LYS E CB  1 
ATOM   1198 C CG  . LYS E 1 17 ? 9.422   -2.453  -12.713 1.00 13.96 ? 15 LYS E CG  1 
ATOM   1199 C CD  . LYS E 1 17 ? 8.218   -3.352  -12.665 1.00 15.65 ? 15 LYS E CD  1 
ATOM   1200 C CE  . LYS E 1 17 ? 8.261   -4.298  -13.861 1.00 24.07 ? 15 LYS E CE  1 
ATOM   1201 N NZ  . LYS E 1 17 ? 6.980   -5.046  -14.031 1.00 30.90 ? 15 LYS E NZ  1 
ATOM   1202 N N   . ASN E 1 18 ? 10.778  0.899   -9.937  1.00 16.06 ? 16 ASN E N   1 
ATOM   1203 C CA  . ASN E 1 18 ? 10.689  2.068   -9.055  1.00 16.26 ? 16 ASN E CA  1 
ATOM   1204 C C   . ASN E 1 18 ? 11.314  3.295   -9.695  1.00 14.54 ? 16 ASN E C   1 
ATOM   1205 O O   . ASN E 1 18 ? 10.745  4.403   -9.656  1.00 13.68 ? 16 ASN E O   1 
ATOM   1206 C CB  . ASN E 1 18 ? 11.388  1.791   -7.735  1.00 12.56 ? 16 ASN E CB  1 
ATOM   1207 C CG  . ASN E 1 18 ? 11.499  3.040   -6.898  1.00 21.14 ? 16 ASN E CG  1 
ATOM   1208 O OD1 . ASN E 1 18 ? 12.520  3.711   -6.919  1.00 22.93 ? 16 ASN E OD1 1 
ATOM   1209 N ND2 . ASN E 1 18 ? 10.418  3.401   -6.232  1.00 22.73 ? 16 ASN E ND2 1 
ATOM   1210 N N   . TYR E 1 19 ? 12.501  3.099   -10.261 1.00 13.23 ? 17 TYR E N   1 
ATOM   1211 C CA  . TYR E 1 19 ? 13.197  4.160   -10.970 1.00 14.22 ? 17 TYR E CA  1 
ATOM   1212 C C   . TYR E 1 19 ? 12.284  4.852   -11.998 1.00 13.16 ? 17 TYR E C   1 
ATOM   1213 O O   . TYR E 1 19 ? 12.076  6.079   -11.941 1.00 14.08 ? 17 TYR E O   1 
ATOM   1214 C CB  . TYR E 1 19 ? 14.496  3.654   -11.630 1.00 13.60 ? 17 TYR E CB  1 
ATOM   1215 C CG  . TYR E 1 19 ? 15.107  4.712   -12.497 1.00 16.24 ? 17 TYR E CG  1 
ATOM   1216 C CD1 . TYR E 1 19 ? 15.789  5.795   -11.928 1.00 21.65 ? 17 TYR E CD1 1 
ATOM   1217 C CD2 . TYR E 1 19 ? 14.972  4.669   -13.882 1.00 17.71 ? 17 TYR E CD2 1 
ATOM   1218 C CE1 . TYR E 1 19 ? 16.330  6.796   -12.715 1.00 22.65 ? 17 TYR E CE1 1 
ATOM   1219 C CE2 . TYR E 1 19 ? 15.529  5.688   -14.686 1.00 20.77 ? 17 TYR E CE2 1 
ATOM   1220 C CZ  . TYR E 1 19 ? 16.200  6.735   -14.084 1.00 24.99 ? 17 TYR E CZ  1 
ATOM   1221 O OH  . TYR E 1 19 ? 16.733  7.741   -14.853 1.00 27.35 ? 17 TYR E OH  1 
ATOM   1222 N N   . HIS E 1 20 ? 11.722  4.079   -12.917 1.00 13.64 ? 18 HIS E N   1 
ATOM   1223 C CA  . HIS E 1 20 ? 10.901  4.648   -13.967 1.00 12.97 ? 18 HIS E CA  1 
ATOM   1224 C C   . HIS E 1 20 ? 9.572   5.183   -13.431 1.00 14.04 ? 18 HIS E C   1 
ATOM   1225 O O   . HIS E 1 20 ? 9.041   6.168   -13.952 1.00 13.45 ? 18 HIS E O   1 
ATOM   1226 C CB  . HIS E 1 20 ? 10.691  3.643   -15.097 1.00 13.85 ? 18 HIS E CB  1 
ATOM   1227 C CG  . HIS E 1 20 ? 11.967  3.263   -15.781 1.00 12.53 ? 18 HIS E CG  1 
ATOM   1228 N ND1 . HIS E 1 20 ? 12.680  4.147   -16.564 1.00 14.30 ? 18 HIS E ND1 1 
ATOM   1229 C CD2 . HIS E 1 20 ? 12.669  2.107   -15.778 1.00 18.14 ? 18 HIS E CD2 1 
ATOM   1230 C CE1 . HIS E 1 20 ? 13.769  3.547   -17.013 1.00 10.82 ? 18 HIS E CE1 1 
ATOM   1231 N NE2 . HIS E 1 20 ? 13.776  2.305   -16.564 1.00 15.88 ? 18 HIS E NE2 1 
ATOM   1232 N N   . LEU E 1 21 ? 9.040   4.556   -12.395 1.00 11.99 ? 19 LEU E N   1 
ATOM   1233 C CA  . LEU E 1 21 ? 7.785   5.071   -11.818 1.00 11.54 ? 19 LEU E CA  1 
ATOM   1234 C C   . LEU E 1 21 ? 7.980   6.427   -11.174 1.00 12.85 ? 19 LEU E C   1 
ATOM   1235 O O   . LEU E 1 21 ? 7.150   7.340   -11.325 1.00 13.19 ? 19 LEU E O   1 
ATOM   1236 C CB  . LEU E 1 21 ? 7.142   4.076   -10.861 1.00 13.07 ? 19 LEU E CB  1 
ATOM   1237 C CG  . LEU E 1 21 ? 5.662   4.382   -10.531 1.00 12.53 ? 19 LEU E CG  1 
ATOM   1238 C CD1 . LEU E 1 21 ? 4.720   4.426   -11.785 1.00 17.73 ? 19 LEU E CD1 1 
ATOM   1239 C CD2 . LEU E 1 21 ? 5.180   3.367   -9.497  1.00 11.35 ? 19 LEU E CD2 1 
ATOM   1240 N N   . GLU E 1 22 ? 9.098   6.566   -10.495 1.00 13.35 ? 20 GLU E N   1 
ATOM   1241 C CA  . GLU E 1 22 ? 9.434   7.818   -9.841  1.00 15.22 ? 20 GLU E CA  1 
ATOM   1242 C C   . GLU E 1 22 ? 9.585   8.925   -10.871 1.00 15.52 ? 20 GLU E C   1 
ATOM   1243 O O   . GLU E 1 22 ? 9.128   10.038  -10.641 1.00 14.11 ? 20 GLU E O   1 
ATOM   1244 C CB  . GLU E 1 22 ? 10.681  7.647   -8.964  1.00 15.62 ? 20 GLU E CB  1 
ATOM   1245 C CG  . GLU E 1 22 ? 10.960  8.841   -8.017  1.00 12.45 ? 20 GLU E CG  1 
ATOM   1246 C CD  . GLU E 1 22 ? 11.642  10.027  -8.714  1.00 30.30 ? 20 GLU E CD  1 
ATOM   1247 O OE1 . GLU E 1 22 ? 12.200  9.841   -9.826  1.00 29.72 ? 20 GLU E OE1 1 
ATOM   1248 O OE2 . GLU E 1 22 ? 11.621  11.155  -8.145  1.00 23.96 ? 20 GLU E OE2 1 
ATOM   1249 N N   . ASN E 1 23 ? 10.220  8.631   -12.006 1.00 12.57 ? 21 ASN E N   1 
ATOM   1250 C CA  . ASN E 1 23 ? 10.277  9.611   -13.103 1.00 15.81 ? 21 ASN E CA  1 
ATOM   1251 C C   . ASN E 1 23 ? 8.902   10.081  -13.562 1.00 15.07 ? 21 ASN E C   1 
ATOM   1252 O O   . ASN E 1 23 ? 8.715   11.266  -13.861 1.00 16.33 ? 21 ASN E O   1 
ATOM   1253 C CB  . ASN E 1 23 ? 11.050  9.072   -14.304 1.00 16.98 ? 21 ASN E CB  1 
ATOM   1254 C CG  . ASN E 1 23 ? 12.535  9.091   -14.093 1.00 22.96 ? 21 ASN E CG  1 
ATOM   1255 O OD1 . ASN E 1 23 ? 13.263  8.260   -14.642 1.00 29.76 ? 21 ASN E OD1 1 
ATOM   1256 N ND2 . ASN E 1 23 ? 13.004  10.049  -13.303 1.00 19.00 ? 21 ASN E ND2 1 
ATOM   1257 N N   . ARG E 1 24 ? 7.951   9.148   -13.642 1.00 14.74 ? 22 ARG E N   1 
ATOM   1258 C CA  . ARG E 1 24 ? 6.578   9.493   -14.000 1.00 15.12 ? 22 ARG E CA  1 
ATOM   1259 C C   . ARG E 1 24 ? 5.902   10.390  -12.967 1.00 14.44 ? 22 ARG E C   1 
ATOM   1260 O O   . ARG E 1 24 ? 5.185   11.323  -13.331 1.00 15.00 ? 22 ARG E O   1 
ATOM   1261 C CB  . ARG E 1 24 ? 5.747   8.231   -14.229 1.00 11.56 ? 22 ARG E CB  1 
ATOM   1262 C CG  . ARG E 1 24 ? 6.116   7.518   -15.521 1.00 11.41 ? 22 ARG E CG  1 
ATOM   1263 C CD  . ARG E 1 24 ? 5.597   6.106   -15.526 1.00 8.32  ? 22 ARG E CD  1 
ATOM   1264 N NE  . ARG E 1 24 ? 4.134   6.056   -15.556 1.00 10.07 ? 22 ARG E NE  1 
ATOM   1265 C CZ  . ARG E 1 24 ? 3.425   4.927   -15.503 1.00 12.74 ? 22 ARG E CZ  1 
ATOM   1266 N NH1 . ARG E 1 24 ? 4.041   3.748   -15.421 1.00 11.17 ? 22 ARG E NH1 1 
ATOM   1267 N NH2 . ARG E 1 24 ? 2.100   4.970   -15.571 1.00 11.08 ? 22 ARG E NH2 1 
ATOM   1268 N N   . VAL E 1 25 ? 6.162   10.115  -11.696 1.00 15.92 ? 23 VAL E N   1 
ATOM   1269 C CA  . VAL E 1 25 ? 5.585   10.898  -10.593 1.00 15.65 ? 23 VAL E CA  1 
ATOM   1270 C C   . VAL E 1 25 ? 6.212   12.293  -10.580 1.00 16.27 ? 23 VAL E C   1 
ATOM   1271 O O   . VAL E 1 25 ? 5.508   13.307  -10.452 1.00 15.24 ? 23 VAL E O   1 
ATOM   1272 C CB  . VAL E 1 25 ? 5.759   10.170  -9.239  1.00 15.16 ? 23 VAL E CB  1 
ATOM   1273 C CG1 . VAL E 1 25 ? 5.434   11.096  -8.041  1.00 11.59 ? 23 VAL E CG1 1 
ATOM   1274 C CG2 . VAL E 1 25 ? 4.874   8.911   -9.206  1.00 10.26 ? 23 VAL E CG2 1 
ATOM   1275 N N   . ALA E 1 26 ? 7.533   12.344  -10.742 1.00 16.62 ? 24 ALA E N   1 
ATOM   1276 C CA  . ALA E 1 26 ? 8.240   13.622  -10.855 1.00 17.53 ? 24 ALA E CA  1 
ATOM   1277 C C   . ALA E 1 26 ? 7.669   14.482  -11.998 1.00 17.12 ? 24 ALA E C   1 
ATOM   1278 O O   . ALA E 1 26 ? 7.497   15.689  -11.836 1.00 20.90 ? 24 ALA E O   1 
ATOM   1279 C CB  . ALA E 1 26 ? 9.771   13.400  -11.008 1.00 15.18 ? 24 ALA E CB  1 
ATOM   1280 N N   . ARG E 1 27 ? 7.342   13.853  -13.124 1.00 17.30 ? 25 ARG E N   1 
ATOM   1281 C CA  . ARG E 1 27 ? 6.758   14.548  -14.275 1.00 19.16 ? 25 ARG E CA  1 
ATOM   1282 C C   . ARG E 1 27 ? 5.392   15.181  -13.937 1.00 21.39 ? 25 ARG E C   1 
ATOM   1283 O O   . ARG E 1 27 ? 5.172   16.368  -14.193 1.00 20.92 ? 25 ARG E O   1 
ATOM   1284 C CB  . ARG E 1 27 ? 6.614   13.588  -15.466 1.00 20.67 ? 25 ARG E CB  1 
ATOM   1285 C CG  . ARG E 1 27 ? 7.921   13.184  -16.108 1.00 30.43 ? 25 ARG E CG  1 
ATOM   1286 C CD  . ARG E 1 27 ? 7.697   12.594  -17.497 1.00 33.30 ? 25 ARG E CD  1 
ATOM   1287 N NE  . ARG E 1 27 ? 7.491   13.664  -18.463 1.00 44.61 ? 25 ARG E NE  1 
ATOM   1288 C CZ  . ARG E 1 27 ? 8.455   14.178  -19.217 1.00 46.29 ? 25 ARG E CZ  1 
ATOM   1289 N NH1 . ARG E 1 27 ? 9.692   13.699  -19.139 1.00 47.31 ? 25 ARG E NH1 1 
ATOM   1290 N NH2 . ARG E 1 27 ? 8.182   15.169  -20.052 1.00 46.43 ? 25 ARG E NH2 1 
ATOM   1291 N N   . LEU E 1 28 ? 4.494   14.388  -13.354 1.00 18.05 ? 26 LEU E N   1 
ATOM   1292 C CA  . LEU E 1 28 ? 3.195   14.880  -12.855 1.00 16.03 ? 26 LEU E CA  1 
ATOM   1293 C C   . LEU E 1 28 ? 3.318   16.075  -11.906 1.00 19.17 ? 26 LEU E C   1 
ATOM   1294 O O   . LEU E 1 28 ? 2.569   17.047  -12.018 1.00 16.90 ? 26 LEU E O   1 
ATOM   1295 C CB  . LEU E 1 28 ? 2.454   13.759  -12.131 1.00 17.92 ? 26 LEU E CB  1 
ATOM   1296 C CG  . LEU E 1 28 ? 1.974   12.589  -12.981 1.00 14.80 ? 26 LEU E CG  1 
ATOM   1297 C CD1 . LEU E 1 28 ? 1.730   11.378  -12.099 1.00 17.65 ? 26 LEU E CD1 1 
ATOM   1298 C CD2 . LEU E 1 28 ? 0.729   12.985  -13.778 1.00 21.83 ? 26 LEU E CD2 1 
ATOM   1299 N N   . GLU E 1 29 ? 4.256   15.977  -10.967 1.00 17.35 ? 27 GLU E N   1 
ATOM   1300 C CA  . GLU E 1 29 ? 4.522   17.049  -10.022 1.00 20.75 ? 27 GLU E CA  1 
ATOM   1301 C C   . GLU E 1 29 ? 4.929   18.336  -10.713 1.00 22.35 ? 27 GLU E C   1 
ATOM   1302 O O   . GLU E 1 29 ? 4.551   19.422  -10.274 1.00 23.07 ? 27 GLU E O   1 
ATOM   1303 C CB  . GLU E 1 29 ? 5.619   16.628  -9.062  1.00 22.02 ? 27 GLU E CB  1 
ATOM   1304 C CG  . GLU E 1 29 ? 5.155   15.603  -8.080  1.00 15.71 ? 27 GLU E CG  1 
ATOM   1305 C CD  . GLU E 1 29 ? 6.282   14.985  -7.309  1.00 17.60 ? 27 GLU E CD  1 
ATOM   1306 O OE1 . GLU E 1 29 ? 7.462   15.094  -7.737  1.00 20.11 ? 27 GLU E OE1 1 
ATOM   1307 O OE2 . GLU E 1 29 ? 5.993   14.406  -6.258  1.00 15.05 ? 27 GLU E OE2 1 
ATOM   1308 N N   . LYS E 1 30 ? 5.718   18.208  -11.781 1.00 23.03 ? 28 LYS E N   1 
ATOM   1309 C CA  . LYS E 1 30 ? 6.125   19.360  -12.581 1.00 25.46 ? 28 LYS E CA  1 
ATOM   1310 C C   . LYS E 1 30 ? 4.961   19.931  -13.399 1.00 28.74 ? 28 LYS E C   1 
ATOM   1311 O O   . LYS E 1 30 ? 4.812   21.155  -13.506 1.00 28.75 ? 28 LYS E O   1 
ATOM   1312 C CB  . LYS E 1 30 ? 7.299   18.991  -13.497 1.00 26.35 ? 28 LYS E CB  1 
ATOM   1313 C CG  . LYS E 1 30 ? 8.587   18.631  -12.758 1.00 26.02 ? 28 LYS E CG  1 
ATOM   1314 C CD  . LYS E 1 30 ? 9.075   19.760  -11.865 1.00 36.64 ? 28 LYS E CD  1 
ATOM   1315 C CE  . LYS E 1 30 ? 10.405  19.422  -11.204 1.00 44.73 ? 28 LYS E CE  1 
ATOM   1316 N NZ  . LYS E 1 30 ? 10.795  20.453  -10.193 1.00 44.73 ? 28 LYS E NZ  1 
ATOM   1317 N N   . LEU E 1 31 ? 4.155   19.038  -13.974 1.00 26.99 ? 29 LEU E N   1 
ATOM   1318 C CA  . LEU E 1 31 ? 2.975   19.399  -14.760 1.00 31.08 ? 29 LEU E CA  1 
ATOM   1319 C C   . LEU E 1 31 ? 1.958   20.224  -13.979 1.00 31.66 ? 29 LEU E C   1 
ATOM   1320 O O   . LEU E 1 31 ? 1.360   21.148  -14.534 1.00 34.34 ? 29 LEU E O   1 
ATOM   1321 C CB  . LEU E 1 31 ? 2.292   18.147  -15.321 1.00 30.49 ? 29 LEU E CB  1 
ATOM   1322 C CG  . LEU E 1 31 ? 3.002   17.475  -16.500 1.00 37.22 ? 29 LEU E CG  1 
ATOM   1323 C CD1 . LEU E 1 31 ? 2.642   15.995  -16.582 1.00 36.42 ? 29 LEU E CD1 1 
ATOM   1324 C CD2 . LEU E 1 31 ? 2.688   18.196  -17.812 1.00 46.39 ? 29 LEU E CD2 1 
ATOM   1325 N N   . VAL E 1 32 ? 1.760   19.890  -12.707 1.00 32.60 ? 30 VAL E N   1 
ATOM   1326 C CA  . VAL E 1 32 ? 0.845   20.659  -11.855 1.00 35.68 ? 30 VAL E CA  1 
ATOM   1327 C C   . VAL E 1 32 ? 1.479   21.964  -11.350 1.00 38.08 ? 30 VAL E C   1 
ATOM   1328 O O   . VAL E 1 32 ? 0.770   22.922  -11.020 1.00 38.16 ? 30 VAL E O   1 
ATOM   1329 C CB  . VAL E 1 32 ? 0.259   19.815  -10.687 1.00 35.64 ? 30 VAL E CB  1 
ATOM   1330 C CG1 . VAL E 1 32 ? -0.586  18.651  -11.224 1.00 36.66 ? 30 VAL E CG1 1 
ATOM   1331 C CG2 . VAL E 1 32 ? 1.351   19.313  -9.760  1.00 35.24 ? 30 VAL E CG2 1 
ATOM   1332 N N   . GLY E 1 33 ? 2.814   21.997  -11.311 1.00 38.69 ? 31 GLY E N   1 
ATOM   1333 C CA  . GLY E 1 33 ? 3.565   23.206  -10.971 1.00 39.80 ? 31 GLY E CA  1 
ATOM   1334 C C   . GLY E 1 33 ? 4.088   23.200  -9.549  1.00 41.28 ? 31 GLY E C   1 
ATOM   1335 O O   . GLY E 1 33 ? 3.984   22.194  -8.849  1.00 43.56 ? 31 GLY E O   1 
ATOM   1336 N N   . ARG F 1 3  ? 15.206  -16.692 6.521   1.00 29.21 ? 1  ARG F N   1 
ATOM   1337 C CA  . ARG F 1 3  ? 15.672  -15.554 5.676   1.00 28.04 ? 1  ARG F CA  1 
ATOM   1338 C C   . ARG F 1 3  ? 15.104  -15.560 4.255   1.00 26.92 ? 1  ARG F C   1 
ATOM   1339 O O   . ARG F 1 3  ? 14.574  -14.550 3.811   1.00 27.34 ? 1  ARG F O   1 
ATOM   1340 C CB  . ARG F 1 3  ? 17.199  -15.480 5.633   1.00 29.07 ? 1  ARG F CB  1 
ATOM   1341 C CG  . ARG F 1 3  ? 17.807  -15.144 6.978   1.00 28.03 ? 1  ARG F CG  1 
ATOM   1342 C CD  . ARG F 1 3  ? 19.301  -15.023 6.883   1.00 22.41 ? 1  ARG F CD  1 
ATOM   1343 N NE  . ARG F 1 3  ? 19.732  -13.729 6.364   1.00 24.30 ? 1  ARG F NE  1 
ATOM   1344 C CZ  . ARG F 1 3  ? 21.004  -13.410 6.143   1.00 20.85 ? 1  ARG F CZ  1 
ATOM   1345 N NH1 . ARG F 1 3  ? 21.956  -14.293 6.393   1.00 26.84 ? 1  ARG F NH1 1 
ATOM   1346 N NH2 . ARG F 1 3  ? 21.325  -12.214 5.670   1.00 25.20 ? 1  ARG F NH2 1 
ATOM   1347 N N   . MET F 1 4  ? 15.228  -16.687 3.551   1.00 27.71 ? 2  MET F N   1 
ATOM   1348 C CA  . MET F 1 4  ? 14.807  -16.785 2.145   1.00 27.15 ? 2  MET F CA  1 
ATOM   1349 C C   . MET F 1 4  ? 13.294  -16.592 1.970   1.00 27.37 ? 2  MET F C   1 
ATOM   1350 O O   . MET F 1 4  ? 12.854  -15.887 1.063   1.00 25.36 ? 2  MET F O   1 
ATOM   1351 C CB  . MET F 1 4  ? 15.231  -18.122 1.546   1.00 27.47 ? 2  MET F CB  1 
ATOM   1352 C CG  . MET F 1 4  ? 15.224  -18.166 0.019   1.00 32.29 ? 2  MET F CG  1 
ATOM   1353 S SD  . MET F 1 4  ? 16.830  -17.702 -0.668  1.00 47.86 ? 2  MET F SD  1 
ATOM   1354 C CE  . MET F 1 4  ? 16.708  -15.933 -0.796  1.00 47.46 ? 2  MET F CE  1 
ATOM   1355 N N   . LYS F 1 5  ? 12.508  -17.228 2.836   1.00 26.67 ? 3  LYS F N   1 
ATOM   1356 C CA  . LYS F 1 5  ? 11.050  -17.103 2.785   1.00 28.31 ? 3  LYS F CA  1 
ATOM   1357 C C   . LYS F 1 5  ? 10.590  -15.689 3.145   1.00 26.21 ? 3  LYS F C   1 
ATOM   1358 O O   . LYS F 1 5  ? 9.647   -15.176 2.550   1.00 24.64 ? 3  LYS F O   1 
ATOM   1359 C CB  . LYS F 1 5  ? 10.372  -18.146 3.695   1.00 30.03 ? 3  LYS F CB  1 
ATOM   1360 C CG  . LYS F 1 5  ? 8.842   -18.199 3.584   1.00 34.14 ? 3  LYS F CG  1 
ATOM   1361 C CD  . LYS F 1 5  ? 8.375   -18.497 2.153   1.00 36.82 ? 3  LYS F CD  1 
ATOM   1362 C CE  . LYS F 1 5  ? 6.843   -18.443 2.015   1.00 37.89 ? 3  LYS F CE  1 
ATOM   1363 N NZ  . LYS F 1 5  ? 6.107   -19.638 2.549   1.00 36.46 ? 3  LYS F NZ  1 
ATOM   1364 N N   . GLN F 1 6  ? 11.235  -15.080 4.142   1.00 27.63 ? 4  GLN F N   1 
ATOM   1365 C CA  . GLN F 1 6  ? 10.976  -13.680 4.500   1.00 27.48 ? 4  GLN F CA  1 
ATOM   1366 C C   . GLN F 1 6  ? 11.248  -12.757 3.311   1.00 24.54 ? 4  GLN F C   1 
ATOM   1367 O O   . GLN F 1 6  ? 10.456  -11.865 3.002   1.00 23.72 ? 4  GLN F O   1 
ATOM   1368 C CB  . GLN F 1 6  ? 11.876  -13.261 5.658   1.00 27.13 ? 4  GLN F CB  1 
ATOM   1369 C CG  . GLN F 1 6  ? 11.191  -13.156 6.986   1.00 32.53 ? 4  GLN F CG  1 
ATOM   1370 C CD  . GLN F 1 6  ? 10.978  -11.714 7.415   1.00 38.91 ? 4  GLN F CD  1 
ATOM   1371 O OE1 . GLN F 1 6  ? 9.847   -11.255 7.522   1.00 34.65 ? 4  GLN F OE1 1 
ATOM   1372 N NE2 . GLN F 1 6  ? 12.074  -10.991 7.665   1.00 39.37 ? 4  GLN F NE2 1 
ATOM   1373 N N   . LEU F 1 7  ? 12.385  -12.976 2.665   1.00 22.07 ? 5  LEU F N   1 
ATOM   1374 C CA  . LEU F 1 7  ? 12.768  -12.213 1.490   1.00 21.96 ? 5  LEU F CA  1 
ATOM   1375 C C   . LEU F 1 7  ? 11.729  -12.392 0.382   1.00 20.82 ? 5  LEU F C   1 
ATOM   1376 O O   . LEU F 1 7  ? 11.298  -11.429 -0.247  1.00 21.30 ? 5  LEU F O   1 
ATOM   1377 C CB  . LEU F 1 7  ? 14.149  -12.678 1.033   1.00 22.79 ? 5  LEU F CB  1 
ATOM   1378 C CG  . LEU F 1 7  ? 15.157  -11.654 0.517   1.00 29.81 ? 5  LEU F CG  1 
ATOM   1379 C CD1 . LEU F 1 7  ? 15.016  -10.301 1.179   1.00 20.60 ? 5  LEU F CD1 1 
ATOM   1380 C CD2 . LEU F 1 7  ? 16.560  -12.225 0.720   1.00 27.79 ? 5  LEU F CD2 1 
ATOM   1381 N N   . GLU F 1 8  ? 11.300  -13.632 0.188   1.00 23.20 ? 6  GLU F N   1 
ATOM   1382 C CA  . GLU F 1 8  ? 10.307  -13.976 -0.818  1.00 23.38 ? 6  GLU F CA  1 
ATOM   1383 C C   . GLU F 1 8  ? 8.985   -13.233 -0.568  1.00 23.67 ? 6  GLU F C   1 
ATOM   1384 O O   . GLU F 1 8  ? 8.393   -12.653 -1.481  1.00 18.51 ? 6  GLU F O   1 
ATOM   1385 C CB  . GLU F 1 8  ? 10.087  -15.472 -0.769  1.00 23.89 ? 6  GLU F CB  1 
ATOM   1386 C CG  . GLU F 1 8  ? 9.696   -16.106 -2.077  1.00 37.13 ? 6  GLU F CG  1 
ATOM   1387 C CD  . GLU F 1 8  ? 9.401   -17.581 -1.903  1.00 47.87 ? 6  GLU F CD  1 
ATOM   1388 O OE1 . GLU F 1 8  ? 10.239  -18.291 -1.299  1.00 52.36 ? 6  GLU F OE1 1 
ATOM   1389 O OE2 . GLU F 1 8  ? 8.329   -18.025 -2.362  1.00 55.76 ? 6  GLU F OE2 1 
ATOM   1390 N N   . ASP F 1 9  ? 8.535   -13.254 0.681   1.00 22.13 ? 7  ASP F N   1 
ATOM   1391 C CA  . ASP F 1 9  ? 7.305   -12.579 1.053   1.00 21.09 ? 7  ASP F CA  1 
ATOM   1392 C C   . ASP F 1 9  ? 7.386   -11.081 0.801   1.00 18.12 ? 7  ASP F C   1 
ATOM   1393 O O   . ASP F 1 9  ? 6.464   -10.496 0.257   1.00 18.84 ? 7  ASP F O   1 
ATOM   1394 C CB  . ASP F 1 9  ? 6.954   -12.878 2.507   1.00 24.02 ? 7  ASP F CB  1 
ATOM   1395 C CG  . ASP F 1 9  ? 6.555   -14.331 2.716   1.00 27.13 ? 7  ASP F CG  1 
ATOM   1396 O OD1 . ASP F 1 9  ? 6.452   -15.083 1.717   1.00 26.68 ? 7  ASP F OD1 1 
ATOM   1397 O OD2 . ASP F 1 9  ? 6.335   -14.714 3.877   1.00 32.48 ? 7  ASP F OD2 1 
ATOM   1398 N N   . LYS F 1 10 ? 8.508   -10.472 1.168   1.00 15.61 ? 8  LYS F N   1 
ATOM   1399 C CA  . LYS F 1 10 ? 8.659   -9.034  0.999   1.00 15.07 ? 8  LYS F CA  1 
ATOM   1400 C C   . LYS F 1 10 ? 8.726   -8.610  -0.459  1.00 13.90 ? 8  LYS F C   1 
ATOM   1401 O O   . LYS F 1 10 ? 8.148   -7.590  -0.832  1.00 14.65 ? 8  LYS F O   1 
ATOM   1402 C CB  . LYS F 1 10 ? 9.884   -8.542  1.733   1.00 12.67 ? 8  LYS F CB  1 
ATOM   1403 C CG  . LYS F 1 10 ? 9.698   -8.574  3.248   1.00 18.03 ? 8  LYS F CG  1 
ATOM   1404 C CD  . LYS F 1 10 ? 11.007  -8.311  3.942   1.00 24.49 ? 8  LYS F CD  1 
ATOM   1405 C CE  . LYS F 1 10 ? 10.796  -8.164  5.454   1.00 27.11 ? 8  LYS F CE  1 
ATOM   1406 N NZ  . LYS F 1 10 ? 12.081  -8.140  6.196   1.00 34.38 ? 8  LYS F NZ  1 
ATOM   1407 N N   . VAL F 1 11 ? 9.453   -9.381  -1.261  1.00 14.76 ? 9  VAL F N   1 
ATOM   1408 C CA  . VAL F 1 11 ? 9.496   -9.151  -2.708  1.00 15.17 ? 9  VAL F CA  1 
ATOM   1409 C C   . VAL F 1 11 ? 8.103   -9.278  -3.313  1.00 15.34 ? 9  VAL F C   1 
ATOM   1410 O O   . VAL F 1 11 ? 7.728   -8.466  -4.152  1.00 16.71 ? 9  VAL F O   1 
ATOM   1411 C CB  . VAL F 1 11 ? 10.503  -10.094 -3.395  1.00 15.95 ? 9  VAL F CB  1 
ATOM   1412 C CG1 . VAL F 1 11 ? 10.314  -10.098 -4.912  1.00 18.94 ? 9  VAL F CG1 1 
ATOM   1413 C CG2 . VAL F 1 11 ? 11.927  -9.667  -3.036  1.00 13.44 ? 9  VAL F CG2 1 
ATOM   1414 N N   . GLU F 1 12 ? 7.331   -10.278 -2.885  1.00 14.28 ? 10 GLU F N   1 
ATOM   1415 C CA  . GLU F 1 12 ? 5.957   -10.395 -3.371  1.00 15.63 ? 10 GLU F CA  1 
ATOM   1416 C C   . GLU F 1 12 ? 5.133   -9.174  -2.975  1.00 16.03 ? 10 GLU F C   1 
ATOM   1417 O O   . GLU F 1 12 ? 4.364   -8.668  -3.800  1.00 14.83 ? 10 GLU F O   1 
ATOM   1418 C CB  . GLU F 1 12 ? 5.290   -11.694 -2.900  1.00 16.77 ? 10 GLU F CB  1 
ATOM   1419 C CG  . GLU F 1 12 ? 5.831   -12.931 -3.627  1.00 32.36 ? 10 GLU F CG  1 
ATOM   1420 C CD  . GLU F 1 12 ? 5.891   -12.757 -5.150  1.00 36.95 ? 10 GLU F CD  1 
ATOM   1421 O OE1 . GLU F 1 12 ? 4.856   -12.390 -5.758  1.00 43.23 ? 10 GLU F OE1 1 
ATOM   1422 O OE2 . GLU F 1 12 ? 6.975   -12.991 -5.738  1.00 37.00 ? 10 GLU F OE2 1 
ATOM   1423 N N   . GLU F 1 13 ? 5.339   -8.670  -1.745  1.00 15.99 ? 11 GLU F N   1 
ATOM   1424 C CA  . GLU F 1 13 ? 4.628   -7.461  -1.296  1.00 16.32 ? 11 GLU F CA  1 
ATOM   1425 C C   . GLU F 1 13 ? 4.979   -6.293  -2.200  1.00 15.28 ? 11 GLU F C   1 
ATOM   1426 O O   . GLU F 1 13 ? 4.100   -5.545  -2.619  1.00 12.83 ? 11 GLU F O   1 
ATOM   1427 C CB  . GLU F 1 13 ? 4.955   -7.073  0.150   1.00 15.27 ? 11 GLU F CB  1 
ATOM   1428 C CG  . GLU F 1 13 ? 4.567   -8.100  1.184   1.00 18.89 ? 11 GLU F CG  1 
ATOM   1429 C CD  . GLU F 1 13 ? 5.157   -7.797  2.557   1.00 18.69 ? 11 GLU F CD  1 
ATOM   1430 O OE1 . GLU F 1 13 ? 5.878   -6.776  2.712   1.00 17.24 ? 11 GLU F OE1 1 
ATOM   1431 O OE2 . GLU F 1 13 ? 4.895   -8.594  3.472   1.00 24.34 ? 11 GLU F OE2 1 
ATOM   1432 N N   . LEU F 1 14 ? 6.273   -6.141  -2.488  1.00 14.00 ? 12 LEU F N   1 
ATOM   1433 C CA  . LEU F 1 14 ? 6.772   -5.070  -3.325  1.00 16.34 ? 12 LEU F CA  1 
ATOM   1434 C C   . LEU F 1 14 ? 6.258   -5.129  -4.753  1.00 15.40 ? 12 LEU F C   1 
ATOM   1435 O O   . LEU F 1 14 ? 5.931   -4.084  -5.323  1.00 16.23 ? 12 LEU F O   1 
ATOM   1436 C CB  . LEU F 1 14 ? 8.305   -5.100  -3.354  1.00 18.65 ? 12 LEU F CB  1 
ATOM   1437 C CG  . LEU F 1 14 ? 8.976   -4.627  -2.073  1.00 21.67 ? 12 LEU F CG  1 
ATOM   1438 C CD1 . LEU F 1 14 ? 10.463  -4.958  -2.153  1.00 14.90 ? 12 LEU F CD1 1 
ATOM   1439 C CD2 . LEU F 1 14 ? 8.723   -3.135  -1.880  1.00 20.02 ? 12 LEU F CD2 1 
ATOM   1440 N N   . LEU F 1 15 ? 6.220   -6.336  -5.324  1.00 13.33 ? 13 LEU F N   1 
ATOM   1441 C CA  . LEU F 1 15 ? 5.648   -6.547  -6.658  1.00 15.92 ? 13 LEU F CA  1 
ATOM   1442 C C   . LEU F 1 15 ? 4.179   -6.068  -6.695  1.00 14.34 ? 13 LEU F C   1 
ATOM   1443 O O   . LEU F 1 15 ? 3.772   -5.326  -7.608  1.00 13.14 ? 13 LEU F O   1 
ATOM   1444 C CB  . LEU F 1 15 ? 5.763   -8.017  -7.079  1.00 15.98 ? 13 LEU F CB  1 
ATOM   1445 C CG  . LEU F 1 15 ? 7.169   -8.556  -7.405  1.00 21.83 ? 13 LEU F CG  1 
ATOM   1446 C CD1 . LEU F 1 15 ? 7.100   -10.015 -7.717  1.00 24.37 ? 13 LEU F CD1 1 
ATOM   1447 C CD2 . LEU F 1 15 ? 7.818   -7.814  -8.574  1.00 26.60 ? 13 LEU F CD2 1 
ATOM   1448 N N   . SER F 1 16 ? 3.402   -6.472  -5.699  1.00 13.93 ? 14 SER F N   1 
ATOM   1449 C CA  . SER F 1 16 ? 1.995   -6.058  -5.606  1.00 14.16 ? 14 SER F CA  1 
ATOM   1450 C C   . SER F 1 16 ? 1.877   -4.541  -5.413  1.00 12.46 ? 14 SER F C   1 
ATOM   1451 O O   . SER F 1 16 ? 1.056   -3.863  -6.055  1.00 12.83 ? 14 SER F O   1 
ATOM   1452 C CB  . SER F 1 16 ? 1.282   -6.792  -4.471  1.00 15.77 ? 14 SER F CB  1 
ATOM   1453 O OG  . SER F 1 16 ? -0.020  -6.255  -4.291  1.00 15.00 ? 14 SER F OG  1 
ATOM   1454 N N   . LYS F 1 17 ? 2.690   -4.003  -4.519  1.00 12.66 ? 15 LYS F N   1 
ATOM   1455 C CA  . LYS F 1 17 ? 2.593   -2.573  -4.236  1.00 12.02 ? 15 LYS F CA  1 
ATOM   1456 C C   . LYS F 1 17 ? 2.987   -1.745  -5.438  1.00 12.59 ? 15 LYS F C   1 
ATOM   1457 O O   . LYS F 1 17 ? 2.323   -0.761  -5.743  1.00 12.82 ? 15 LYS F O   1 
ATOM   1458 C CB  . LYS F 1 17 ? 3.356   -2.212  -2.978  1.00 7.40  ? 15 LYS F CB  1 
ATOM   1459 C CG  . LYS F 1 17 ? 2.655   -2.891  -1.775  1.00 9.04  ? 15 LYS F CG  1 
ATOM   1460 C CD  . LYS F 1 17 ? 3.274   -2.655  -0.432  1.00 17.90 ? 15 LYS F CD  1 
ATOM   1461 C CE  . LYS F 1 17 ? 2.322   -3.215  0.611   1.00 21.14 ? 15 LYS F CE  1 
ATOM   1462 N NZ  . LYS F 1 17 ? 2.936   -3.387  1.974   1.00 25.49 ? 15 LYS F NZ  1 
ATOM   1463 N N   . ASN F 1 18 ? 4.004   -2.192  -6.162  1.00 12.79 ? 16 ASN F N   1 
ATOM   1464 C CA  . ASN F 1 18 ? 4.414   -1.493  -7.378  1.00 12.84 ? 16 ASN F CA  1 
ATOM   1465 C C   . ASN F 1 18 ? 3.297   -1.495  -8.424  1.00 11.45 ? 16 ASN F C   1 
ATOM   1466 O O   . ASN F 1 18 ? 3.024   -0.464  -9.005  1.00 12.82 ? 16 ASN F O   1 
ATOM   1467 C CB  . ASN F 1 18 ? 5.668   -2.101  -7.994  1.00 15.44 ? 16 ASN F CB  1 
ATOM   1468 C CG  . ASN F 1 18 ? 5.942   -1.555  -9.401  1.00 13.62 ? 16 ASN F CG  1 
ATOM   1469 O OD1 . ASN F 1 18 ? 6.257   -0.380  -9.568  1.00 19.24 ? 16 ASN F OD1 1 
ATOM   1470 N ND2 . ASN F 1 18 ? 5.748   -2.390  -10.406 1.00 19.25 ? 16 ASN F ND2 1 
ATOM   1471 N N   . TYR F 1 19 ? 2.675   -2.653  -8.639  1.00 9.39  ? 17 TYR F N   1 
ATOM   1472 C CA  . TYR F 1 19 ? 1.536   -2.808  -9.569  1.00 12.10 ? 17 TYR F CA  1 
ATOM   1473 C C   . TYR F 1 19 ? 0.416   -1.825  -9.262  1.00 12.91 ? 17 TYR F C   1 
ATOM   1474 O O   . TYR F 1 19 ? -0.061  -1.097  -10.147 1.00 12.49 ? 17 TYR F O   1 
ATOM   1475 C CB  . TYR F 1 19 ? 0.956   -4.229  -9.490  1.00 14.08 ? 17 TYR F CB  1 
ATOM   1476 C CG  . TYR F 1 19 ? -0.371  -4.391  -10.223 1.00 15.60 ? 17 TYR F CG  1 
ATOM   1477 C CD1 . TYR F 1 19 ? -0.433  -4.434  -11.625 1.00 20.31 ? 17 TYR F CD1 1 
ATOM   1478 C CD2 . TYR F 1 19 ? -1.574  -4.503  -9.504  1.00 16.87 ? 17 TYR F CD2 1 
ATOM   1479 C CE1 . TYR F 1 19 ? -1.663  -4.558  -12.290 1.00 13.37 ? 17 TYR F CE1 1 
ATOM   1480 C CE2 . TYR F 1 19 ? -2.789  -4.649  -10.153 1.00 21.31 ? 17 TYR F CE2 1 
ATOM   1481 C CZ  . TYR F 1 19 ? -2.831  -4.682  -11.538 1.00 20.06 ? 17 TYR F CZ  1 
ATOM   1482 O OH  . TYR F 1 19 ? -4.052  -4.816  -12.144 1.00 19.59 ? 17 TYR F OH  1 
ATOM   1483 N N   . HIS F 1 20 ? 0.000   -1.807  -8.000  1.00 10.71 ? 18 HIS F N   1 
ATOM   1484 C CA  . HIS F 1 20 ? -1.092  -0.938  -7.587  1.00 10.21 ? 18 HIS F CA  1 
ATOM   1485 C C   . HIS F 1 20 ? -0.681  0.537   -7.583  1.00 11.11 ? 18 HIS F C   1 
ATOM   1486 O O   . HIS F 1 20 ? -1.454  1.400   -7.982  1.00 10.37 ? 18 HIS F O   1 
ATOM   1487 C CB  . HIS F 1 20 ? -1.683  -1.390  -6.252  1.00 11.20 ? 18 HIS F CB  1 
ATOM   1488 C CG  . HIS F 1 20 ? -2.416  -2.700  -6.335  1.00 10.22 ? 18 HIS F CG  1 
ATOM   1489 N ND1 . HIS F 1 20 ? -3.603  -2.849  -7.020  1.00 11.15 ? 18 HIS F ND1 1 
ATOM   1490 C CD2 . HIS F 1 20 ? -2.125  -3.921  -5.824  1.00 12.38 ? 18 HIS F CD2 1 
ATOM   1491 C CE1 . HIS F 1 20 ? -4.008  -4.106  -6.940  1.00 10.73 ? 18 HIS F CE1 1 
ATOM   1492 N NE2 . HIS F 1 20 ? -3.125  -4.777  -6.223  1.00 10.42 ? 18 HIS F NE2 1 
ATOM   1493 N N   . LEU F 1 21 ? 0.530   0.842   -7.127  1.00 11.38 ? 19 LEU F N   1 
ATOM   1494 C CA  . LEU F 1 21 ? 0.965   2.218   -7.178  1.00 9.44  ? 19 LEU F CA  1 
ATOM   1495 C C   . LEU F 1 21 ? 1.073   2.682   -8.626  1.00 9.66  ? 19 LEU F C   1 
ATOM   1496 O O   . LEU F 1 21 ? 0.653   3.800   -8.952  1.00 11.47 ? 19 LEU F O   1 
ATOM   1497 C CB  . LEU F 1 21 ? 2.277   2.425   -6.426  1.00 8.22  ? 19 LEU F CB  1 
ATOM   1498 C CG  . LEU F 1 21 ? 2.632   3.894   -6.201  1.00 11.32 ? 19 LEU F CG  1 
ATOM   1499 C CD1 . LEU F 1 21 ? 1.567   4.657   -5.364  1.00 9.95  ? 19 LEU F CD1 1 
ATOM   1500 C CD2 . LEU F 1 21 ? 3.986   3.941   -5.550  1.00 10.71 ? 19 LEU F CD2 1 
ATOM   1501 N N   . GLU F 1 22 ? 1.560   1.820   -9.509  1.00 10.50 ? 20 GLU F N   1 
ATOM   1502 C CA  . GLU F 1 22 ? 1.635   2.220   -10.911 1.00 10.28 ? 20 GLU F CA  1 
ATOM   1503 C C   . GLU F 1 22 ? 0.263   2.572   -11.505 1.00 12.79 ? 20 GLU F C   1 
ATOM   1504 O O   . GLU F 1 22 ? 0.134   3.578   -12.205 1.00 9.75  ? 20 GLU F O   1 
ATOM   1505 C CB  . GLU F 1 22 ? 2.346   1.181   -11.778 1.00 12.06 ? 20 GLU F CB  1 
ATOM   1506 C CG  . GLU F 1 22 ? 2.318   1.611   -13.259 1.00 11.03 ? 20 GLU F CG  1 
ATOM   1507 C CD  . GLU F 1 22 ? 3.186   0.765   -14.162 1.00 12.93 ? 20 GLU F CD  1 
ATOM   1508 O OE1 . GLU F 1 22 ? 3.795   -0.223  -13.672 1.00 13.63 ? 20 GLU F OE1 1 
ATOM   1509 O OE2 . GLU F 1 22 ? 3.235   1.089   -15.381 1.00 10.81 ? 20 GLU F OE2 1 
ATOM   1510 N N   . ASN F 1 23 ? -0.748  1.753   -11.216 1.00 12.83 ? 21 ASN F N   1 
ATOM   1511 C CA  . ASN F 1 23 ? -2.112  2.053   -11.654 1.00 13.29 ? 21 ASN F CA  1 
ATOM   1512 C C   . ASN F 1 23 ? -2.612  3.389   -11.146 1.00 10.74 ? 21 ASN F C   1 
ATOM   1513 O O   . ASN F 1 23 ? -3.346  4.087   -11.840 1.00 9.17  ? 21 ASN F O   1 
ATOM   1514 C CB  . ASN F 1 23 ? -3.089  0.953   -11.251 1.00 15.49 ? 21 ASN F CB  1 
ATOM   1515 C CG  . ASN F 1 23 ? -2.862  -0.321  -12.022 1.00 17.03 ? 21 ASN F CG  1 
ATOM   1516 O OD1 . ASN F 1 23 ? -2.214  -0.329  -13.084 1.00 17.59 ? 21 ASN F OD1 1 
ATOM   1517 N ND2 . ASN F 1 23 ? -3.370  -1.408  -11.492 1.00 15.71 ? 21 ASN F ND2 1 
ATOM   1518 N N   . ARG F 1 24 ? -2.234  3.742   -9.934  1.00 11.82 ? 22 ARG F N   1 
ATOM   1519 C CA  . ARG F 1 24 ? -2.646  5.035   -9.401  1.00 9.49  ? 22 ARG F CA  1 
ATOM   1520 C C   . ARG F 1 24 ? -1.939  6.180   -10.143 1.00 12.61 ? 22 ARG F C   1 
ATOM   1521 O O   . ARG F 1 24 ? -2.544  7.216   -10.444 1.00 14.07 ? 22 ARG F O   1 
ATOM   1522 C CB  . ARG F 1 24 ? -2.332  5.112   -7.926  1.00 11.11 ? 22 ARG F CB  1 
ATOM   1523 C CG  . ARG F 1 24 ? -3.341  4.375   -7.099  1.00 8.54  ? 22 ARG F CG  1 
ATOM   1524 C CD  . ARG F 1 24 ? -2.829  4.153   -5.693  1.00 11.93 ? 22 ARG F CD  1 
ATOM   1525 N NE  . ARG F 1 24 ? -2.593  5.427   -4.995  1.00 14.31 ? 22 ARG F NE  1 
ATOM   1526 C CZ  . ARG F 1 24 ? -2.009  5.522   -3.804  1.00 11.42 ? 22 ARG F CZ  1 
ATOM   1527 N NH1 . ARG F 1 24 ? -1.604  4.419   -3.170  1.00 15.30 ? 22 ARG F NH1 1 
ATOM   1528 N NH2 . ARG F 1 24 ? -1.856  6.709   -3.223  1.00 11.20 ? 22 ARG F NH2 1 
ATOM   1529 N N   . VAL F 1 25 ? -0.649  6.000   -10.388 1.00 11.98 ? 23 VAL F N   1 
ATOM   1530 C CA  . VAL F 1 25 ? 0.114   6.918   -11.243 1.00 11.94 ? 23 VAL F CA  1 
ATOM   1531 C C   . VAL F 1 25 ? -0.508  7.007   -12.639 1.00 11.48 ? 23 VAL F C   1 
ATOM   1532 O O   . VAL F 1 25 ? -0.644  8.102   -13.204 1.00 11.54 ? 23 VAL F O   1 
ATOM   1533 C CB  . VAL F 1 25 ? 1.599   6.498   -11.332 1.00 12.42 ? 23 VAL F CB  1 
ATOM   1534 C CG1 . VAL F 1 25 ? 2.387   7.383   -12.341 1.00 13.11 ? 23 VAL F CG1 1 
ATOM   1535 C CG2 . VAL F 1 25 ? 2.227   6.515   -9.953  1.00 13.71 ? 23 VAL F CG2 1 
ATOM   1536 N N   . ALA F 1 26 ? -0.893  5.871   -13.209 1.00 12.13 ? 24 ALA F N   1 
ATOM   1537 C CA  . ALA F 1 26 ? -1.532  5.900   -14.538 1.00 13.83 ? 24 ALA F CA  1 
ATOM   1538 C C   . ALA F 1 26 ? -2.857  6.670   -14.506 1.00 14.09 ? 24 ALA F C   1 
ATOM   1539 O O   . ALA F 1 26 ? -3.199  7.390   -15.451 1.00 12.91 ? 24 ALA F O   1 
ATOM   1540 C CB  . ALA F 1 26 ? -1.731  4.486   -15.084 1.00 13.64 ? 24 ALA F CB  1 
ATOM   1541 N N   . ARG F 1 27 ? -3.609  6.522   -13.418 1.00 18.73 ? 25 ARG F N   1 
ATOM   1542 C CA  . ARG F 1 27 ? -4.855  7.276   -13.257 1.00 16.74 ? 25 ARG F CA  1 
ATOM   1543 C C   . ARG F 1 27 ? -4.577  8.798   -13.271 1.00 15.44 ? 25 ARG F C   1 
ATOM   1544 O O   . ARG F 1 27 ? -5.279  9.584   -13.935 1.00 15.23 ? 25 ARG F O   1 
ATOM   1545 C CB  . ARG F 1 27 ? -5.554  6.845   -11.962 1.00 20.04 ? 25 ARG F CB  1 
ATOM   1546 C CG  . ARG F 1 27 ? -6.972  7.338   -11.860 1.00 27.69 ? 25 ARG F CG  1 
ATOM   1547 C CD  . ARG F 1 27 ? -7.868  6.406   -11.060 1.00 44.03 ? 25 ARG F CD  1 
ATOM   1548 N NE  . ARG F 1 27 ? -9.243  6.476   -11.551 1.00 49.72 ? 25 ARG F NE  1 
ATOM   1549 C CZ  . ARG F 1 27 ? -10.106 7.443   -11.249 1.00 56.65 ? 25 ARG F CZ  1 
ATOM   1550 N NH1 . ARG F 1 27 ? -9.755  8.436   -10.437 1.00 55.51 ? 25 ARG F NH1 1 
ATOM   1551 N NH2 . ARG F 1 27 ? -11.331 7.413   -11.762 1.00 59.70 ? 25 ARG F NH2 1 
ATOM   1552 N N   . LEU F 1 28 ? -3.552  9.202   -12.532 1.00 13.33 ? 26 LEU F N   1 
ATOM   1553 C CA  . LEU F 1 28 ? -3.144  10.606  -12.471 1.00 15.43 ? 26 LEU F CA  1 
ATOM   1554 C C   . LEU F 1 28 ? -2.740  11.110  -13.846 1.00 16.49 ? 26 LEU F C   1 
ATOM   1555 O O   . LEU F 1 28 ? -3.105  12.209  -14.237 1.00 15.96 ? 26 LEU F O   1 
ATOM   1556 C CB  . LEU F 1 28 ? -2.003  10.815  -11.468 1.00 16.09 ? 26 LEU F CB  1 
ATOM   1557 C CG  . LEU F 1 28 ? -2.332  10.658  -9.979  1.00 16.25 ? 26 LEU F CG  1 
ATOM   1558 C CD1 . LEU F 1 28 ? -1.067  10.553  -9.165  1.00 12.40 ? 26 LEU F CD1 1 
ATOM   1559 C CD2 . LEU F 1 28 ? -3.211  11.833  -9.479  1.00 19.67 ? 26 LEU F CD2 1 
ATOM   1560 N N   . GLU F 1 29 ? -1.998  10.294  -14.588 1.00 14.84 ? 27 GLU F N   1 
ATOM   1561 C CA  . GLU F 1 29 ? -1.607  10.688  -15.945 1.00 15.19 ? 27 GLU F CA  1 
ATOM   1562 C C   . GLU F 1 29 ? -2.812  10.945  -16.829 1.00 18.26 ? 27 GLU F C   1 
ATOM   1563 O O   . GLU F 1 29 ? -2.826  11.905  -17.602 1.00 21.55 ? 27 GLU F O   1 
ATOM   1564 C CB  . GLU F 1 29 ? -0.676  9.640   -16.548 1.00 13.94 ? 27 GLU F CB  1 
ATOM   1565 C CG  . GLU F 1 29 ? 0.636   9.656   -15.848 1.00 9.88  ? 27 GLU F CG  1 
ATOM   1566 C CD  . GLU F 1 29 ? 1.496   8.471   -16.149 1.00 20.25 ? 27 GLU F CD  1 
ATOM   1567 O OE1 . GLU F 1 29 ? 0.983   7.425   -16.616 1.00 17.78 ? 27 GLU F OE1 1 
ATOM   1568 O OE2 . GLU F 1 29 ? 2.697   8.602   -15.887 1.00 11.51 ? 27 GLU F OE2 1 
ATOM   1569 N N   . LYS F 1 30 ? -3.824  10.091  -16.695 1.00 22.56 ? 28 LYS F N   1 
ATOM   1570 C CA  . LYS F 1 30 ? -5.086  10.248  -17.421 1.00 26.83 ? 28 LYS F CA  1 
ATOM   1571 C C   . LYS F 1 30 ? -5.804  11.527  -17.003 1.00 27.94 ? 28 LYS F C   1 
ATOM   1572 O O   . LYS F 1 30 ? -6.283  12.281  -17.848 1.00 26.74 ? 28 LYS F O   1 
ATOM   1573 C CB  . LYS F 1 30 ? -5.982  9.030   -17.208 1.00 27.95 ? 28 LYS F CB  1 
ATOM   1574 C CG  . LYS F 1 30 ? -7.182  8.977   -18.138 1.00 36.97 ? 28 LYS F CG  1 
ATOM   1575 C CD  . LYS F 1 30 ? -7.571  7.545   -18.458 1.00 45.33 ? 28 LYS F CD  1 
ATOM   1576 C CE  . LYS F 1 30 ? -6.635  6.929   -19.490 1.00 41.52 ? 28 LYS F CE  1 
ATOM   1577 N NZ  . LYS F 1 30 ? -6.926  5.482   -19.659 1.00 48.00 ? 28 LYS F NZ  1 
ATOM   1578 N N   . LEU F 1 31 ? -5.844  11.767  -15.694 1.00 28.83 ? 29 LEU F N   1 
ATOM   1579 C CA  . LEU F 1 31 ? -6.506  12.935  -15.120 1.00 31.30 ? 29 LEU F CA  1 
ATOM   1580 C C   . LEU F 1 31 ? -5.796  14.259  -15.435 1.00 33.20 ? 29 LEU F C   1 
ATOM   1581 O O   . LEU F 1 31 ? -6.448  15.284  -15.640 1.00 35.60 ? 29 LEU F O   1 
ATOM   1582 C CB  . LEU F 1 31 ? -6.648  12.763  -13.613 1.00 28.96 ? 29 LEU F CB  1 
ATOM   1583 C CG  . LEU F 1 31 ? -7.811  11.932  -13.066 1.00 30.42 ? 29 LEU F CG  1 
ATOM   1584 C CD1 . LEU F 1 31 ? -7.474  11.466  -11.665 1.00 23.51 ? 29 LEU F CD1 1 
ATOM   1585 C CD2 . LEU F 1 31 ? -9.083  12.758  -13.045 1.00 36.02 ? 29 LEU F CD2 1 
ATOM   1586 N N   . VAL F 1 32 ? -4.467  14.243  -15.464 1.00 34.51 ? 30 VAL F N   1 
ATOM   1587 C CA  . VAL F 1 32 ? -3.707  15.439  -15.827 1.00 35.46 ? 30 VAL F CA  1 
ATOM   1588 C C   . VAL F 1 32 ? -3.612  15.551  -17.354 1.00 37.09 ? 30 VAL F C   1 
ATOM   1589 O O   . VAL F 1 32 ? -3.120  16.547  -17.885 1.00 38.88 ? 30 VAL F O   1 
ATOM   1590 C CB  . VAL F 1 32 ? -2.308  15.468  -15.155 1.00 35.71 ? 30 VAL F CB  1 
ATOM   1591 C CG1 . VAL F 1 32 ? -1.572  16.763  -15.485 1.00 39.28 ? 30 VAL F CG1 1 
ATOM   1592 C CG2 . VAL F 1 32 ? -2.440  15.329  -13.643 1.00 35.63 ? 30 VAL F CG2 1 
ATOM   1593 N N   . GLY F 1 33 ? -4.113  14.530  -18.046 1.00 37.68 ? 31 GLY F N   1 
ATOM   1594 C CA  . GLY F 1 33 ? -4.105  14.478  -19.504 1.00 38.71 ? 31 GLY F CA  1 
ATOM   1595 C C   . GLY F 1 33 ? -2.706  14.409  -20.087 1.00 39.76 ? 31 GLY F C   1 
ATOM   1596 O O   . GLY F 1 33 ? -2.513  14.682  -21.273 1.00 40.13 ? 31 GLY F O   1 
HETATM 1597 O O   . HOH G 2 .  ? -16.517 -0.687  -1.534  1.00 12.68 ? 34 HOH A O   1 
HETATM 1598 O O   . HOH G 2 .  ? -3.723  -0.161  -2.717  1.00 17.28 ? 35 HOH A O   1 
HETATM 1599 O O   . HOH G 2 .  ? -15.459 0.789   -3.710  1.00 14.68 ? 36 HOH A O   1 
HETATM 1600 O O   . HOH G 2 .  ? -16.719 -9.483  0.815   1.00 13.21 ? 37 HOH A O   1 
HETATM 1601 O O   . HOH G 2 .  ? -4.851  9.363   -1.773  1.00 21.31 ? 38 HOH A O   1 
HETATM 1602 O O   . HOH G 2 .  ? -3.870  0.944   -0.075  1.00 15.47 ? 39 HOH A O   1 
HETATM 1603 O O   . HOH G 2 .  ? -7.604  0.501   -5.413  1.00 17.91 ? 40 HOH A O   1 
HETATM 1604 O O   . HOH G 2 .  ? -10.500 6.360   3.680   1.00 18.87 ? 41 HOH A O   1 
HETATM 1605 O O   . HOH G 2 .  ? -8.288  3.211   -5.716  1.00 18.48 ? 42 HOH A O   1 
HETATM 1606 O O   . HOH G 2 .  ? -5.278  11.045  3.081   1.00 21.79 ? 43 HOH A O   1 
HETATM 1607 O O   . HOH G 2 .  ? -13.271 -1.017  -7.174  1.00 14.72 ? 44 HOH A O   1 
HETATM 1608 O O   . HOH G 2 .  ? -5.446  17.119  13.082  1.00 28.62 ? 45 HOH A O   1 
HETATM 1609 O O   . HOH G 2 .  ? 3.543   11.000  16.379  1.00 23.37 ? 46 HOH A O   1 
HETATM 1610 O O   . HOH G 2 .  ? 2.460   -0.421  2.250   1.00 27.98 ? 47 HOH A O   1 
HETATM 1611 O O   . HOH G 2 .  ? -12.949 0.600   4.123   1.00 17.48 ? 48 HOH A O   1 
HETATM 1612 O O   . HOH G 2 .  ? -8.746  -7.686  -8.498  1.00 26.24 ? 49 HOH A O   1 
HETATM 1613 O O   . HOH G 2 .  ? -18.016 -4.562  -5.839  1.00 21.46 ? 50 HOH A O   1 
HETATM 1614 O O   . HOH G 2 .  ? 4.130   5.977   8.484   1.00 30.67 ? 51 HOH A O   1 
HETATM 1615 O O   . HOH G 2 .  ? 2.857   8.771   15.079  1.00 30.88 ? 52 HOH A O   1 
HETATM 1616 O O   . HOH G 2 .  ? -8.221  -6.580  -15.143 1.00 35.60 ? 53 HOH A O   1 
HETATM 1617 O O   . HOH G 2 .  ? 8.358   11.534  17.127  1.00 38.58 ? 54 HOH A O   1 
HETATM 1618 O O   . HOH G 2 .  ? -13.411 4.154   0.752   1.00 31.47 ? 55 HOH A O   1 
HETATM 1619 O O   . HOH G 2 .  ? -4.532  13.909  9.701   1.00 20.07 ? 56 HOH A O   1 
HETATM 1620 O O   . HOH G 2 .  ? -8.743  -1.140  -7.126  1.00 25.95 ? 57 HOH A O   1 
HETATM 1621 O O   . HOH G 2 .  ? 4.693   10.023  10.064  1.00 35.90 ? 58 HOH A O   1 
HETATM 1622 O O   . HOH G 2 .  ? -4.683  16.439  6.431   1.00 41.07 ? 59 HOH A O   1 
HETATM 1623 O O   . HOH G 2 .  ? -15.940 -0.018  -6.485  1.00 21.03 ? 60 HOH A O   1 
HETATM 1624 O O   . HOH G 2 .  ? 1.681   4.568   5.949   1.00 26.26 ? 61 HOH A O   1 
HETATM 1625 O O   . HOH G 2 .  ? 4.680   1.817   2.736   1.00 34.98 ? 62 HOH A O   1 
HETATM 1626 O O   . HOH G 2 .  ? 0.330   11.649  4.765   1.00 31.47 ? 63 HOH A O   1 
HETATM 1627 O O   . HOH G 2 .  ? 2.816   11.066  4.722   1.00 31.76 ? 64 HOH A O   1 
HETATM 1628 O O   . HOH G 2 .  ? 3.854   17.798  18.764  1.00 31.37 ? 65 HOH A O   1 
HETATM 1629 O O   . HOH G 2 .  ? 6.575   17.340  19.253  1.00 20.81 ? 66 HOH A O   1 
HETATM 1630 O O   . HOH G 2 .  ? -17.892 -11.113 -0.899  1.00 30.25 ? 67 HOH A O   1 
HETATM 1631 O O   . HOH G 2 .  ? 3.075   3.547   1.775   1.00 26.70 ? 68 HOH A O   1 
HETATM 1632 O O   . HOH G 2 .  ? 6.132   10.712  16.711  1.00 45.93 ? 69 HOH A O   1 
HETATM 1633 O O   . HOH G 2 .  ? -12.861 3.033   -1.612  1.00 20.00 ? 70 HOH A O   1 
HETATM 1634 O O   . HOH H 2 .  ? -8.367  -5.963  -6.341  1.00 10.47 ? 34 HOH B O   1 
HETATM 1635 O O   . HOH H 2 .  ? -2.732  -18.145 -7.292  1.00 39.84 ? 35 HOH B O   1 
HETATM 1636 O O   . HOH H 2 .  ? 0.939   -4.961  3.085   1.00 15.84 ? 36 HOH B O   1 
HETATM 1637 O O   . HOH H 2 .  ? -1.878  -5.794  14.578  1.00 13.20 ? 37 HOH B O   1 
HETATM 1638 O O   . HOH H 2 .  ? 0.835   -10.261 6.623   1.00 16.36 ? 38 HOH B O   1 
HETATM 1639 O O   . HOH H 2 .  ? -3.261  -0.784  2.100   1.00 11.89 ? 39 HOH B O   1 
HETATM 1640 O O   . HOH H 2 .  ? 2.553   -0.255  13.522  1.00 21.75 ? 40 HOH B O   1 
HETATM 1641 O O   . HOH H 2 .  ? 2.658   -5.251  12.902  1.00 12.74 ? 41 HOH B O   1 
HETATM 1642 O O   . HOH H 2 .  ? -1.629  -11.027 6.190   1.00 17.53 ? 42 HOH B O   1 
HETATM 1643 O O   . HOH H 2 .  ? 0.269   0.123   6.928   1.00 17.20 ? 43 HOH B O   1 
HETATM 1644 O O   . HOH H 2 .  ? -0.136  -0.512  -1.428  1.00 18.18 ? 44 HOH B O   1 
HETATM 1645 O O   . HOH H 2 .  ? 1.069   -7.352  -0.407  1.00 16.77 ? 45 HOH B O   1 
HETATM 1646 O O   . HOH H 2 .  ? 1.508   6.282   15.787  1.00 19.16 ? 46 HOH B O   1 
HETATM 1647 O O   . HOH H 2 .  ? 1.786   -9.737  -1.315  1.00 26.30 ? 47 HOH B O   1 
HETATM 1648 O O   . HOH H 2 .  ? -1.709  -7.881  -5.754  1.00 18.38 ? 48 HOH B O   1 
HETATM 1649 O O   . HOH H 2 .  ? -0.728  0.009   19.223  1.00 24.57 ? 49 HOH B O   1 
HETATM 1650 O O   . HOH H 2 .  ? 0.231   -11.494 0.231   1.00 15.63 ? 50 HOH B O   1 
HETATM 1651 O O   . HOH H 2 .  ? -5.927  -0.061  9.230   1.00 26.54 ? 51 HOH B O   1 
HETATM 1652 O O   . HOH H 2 .  ? -1.105  -10.048 -5.293  1.00 31.86 ? 52 HOH B O   1 
HETATM 1653 O O   . HOH H 2 .  ? -7.245  -9.803  -8.983  1.00 27.41 ? 53 HOH B O   1 
HETATM 1654 O O   . HOH H 2 .  ? -10.431 -0.150  18.710  1.00 41.56 ? 54 HOH B O   1 
HETATM 1655 O O   . HOH H 2 .  ? 5.237   2.651   12.319  1.00 48.40 ? 55 HOH B O   1 
HETATM 1656 O O   . HOH H 2 .  ? -1.958  -3.981  16.594  1.00 17.62 ? 56 HOH B O   1 
HETATM 1657 O O   . HOH H 2 .  ? 2.575   -1.957  15.908  1.00 30.98 ? 57 HOH B O   1 
HETATM 1658 O O   . HOH H 2 .  ? -1.561  -12.871 4.017   1.00 18.90 ? 58 HOH B O   1 
HETATM 1659 O O   . HOH H 2 .  ? -2.907  -11.267 8.927   0.50 21.95 ? 59 HOH B O   1 
HETATM 1660 O O   . HOH H 2 .  ? -4.921  -9.760  9.193   1.00 22.84 ? 60 HOH B O   1 
HETATM 1661 O O   . HOH H 2 .  ? 1.095   -10.837 -4.094  1.00 28.19 ? 61 HOH B O   1 
HETATM 1662 O O   . HOH I 2 .  ? -6.129  -13.752 1.827   1.00 10.55 ? 34 HOH C O   1 
HETATM 1663 O O   . HOH I 2 .  ? -9.233  2.012   8.084   1.00 23.67 ? 35 HOH C O   1 
HETATM 1664 O O   . HOH I 2 .  ? -12.808 -16.471 6.004   1.00 19.75 ? 36 HOH C O   1 
HETATM 1665 O O   . HOH I 2 .  ? -14.793 -0.554  5.776   1.00 11.59 ? 37 HOH C O   1 
HETATM 1666 O O   . HOH I 2 .  ? -18.644 -6.141  9.031   1.00 20.56 ? 38 HOH C O   1 
HETATM 1667 O O   . HOH I 2 .  ? -16.636 -1.897  4.521   1.00 19.27 ? 39 HOH C O   1 
HETATM 1668 O O   . HOH I 2 .  ? -13.146 8.061   7.298   1.00 23.32 ? 40 HOH C O   1 
HETATM 1669 O O   . HOH I 2 .  ? -10.032 -1.838  13.598  1.00 28.84 ? 41 HOH C O   1 
HETATM 1670 O O   . HOH I 2 .  ? -7.679  -5.820  9.634   1.00 21.64 ? 42 HOH C O   1 
HETATM 1671 O O   . HOH I 2 .  ? -4.019  -14.664 3.512   1.00 21.37 ? 43 HOH C O   1 
HETATM 1672 O O   . HOH I 2 .  ? -8.728  -17.821 0.566   1.00 26.16 ? 44 HOH C O   1 
HETATM 1673 O O   . HOH I 2 .  ? -14.254 3.152   15.856  1.00 18.71 ? 45 HOH C O   1 
HETATM 1674 O O   . HOH I 2 .  ? -17.984 0.430   13.740  1.00 17.45 ? 46 HOH C O   1 
HETATM 1675 O O   . HOH I 2 .  ? -18.134 -5.968  6.421   1.00 31.61 ? 47 HOH C O   1 
HETATM 1676 O O   . HOH I 2 .  ? -15.305 8.933   14.072  1.00 20.99 ? 48 HOH C O   1 
HETATM 1677 O O   . HOH I 2 .  ? -16.684 -12.117 7.069   1.00 17.14 ? 49 HOH C O   1 
HETATM 1678 O O   . HOH I 2 .  ? -16.483 10.818  12.377  1.00 28.57 ? 50 HOH C O   1 
HETATM 1679 O O   . HOH I 2 .  ? -9.798  8.137   18.388  1.00 29.64 ? 51 HOH C O   1 
HETATM 1680 O O   . HOH I 2 .  ? -12.303 11.845  7.863   1.00 29.04 ? 52 HOH C O   1 
HETATM 1681 O O   . HOH I 2 .  ? -14.187 0.616   15.784  1.00 27.57 ? 53 HOH C O   1 
HETATM 1682 O O   . HOH I 2 .  ? 2.387   21.084  14.932  1.00 38.36 ? 54 HOH C O   1 
HETATM 1683 O O   . HOH I 2 .  ? -19.006 -8.962  2.346   1.00 20.85 ? 55 HOH C O   1 
HETATM 1684 O O   . HOH I 2 .  ? -15.467 -13.500 9.196   1.00 17.20 ? 56 HOH C O   1 
HETATM 1685 O O   . HOH I 2 .  ? -18.982 -8.376  5.184   1.00 23.87 ? 57 HOH C O   1 
HETATM 1686 O O   . HOH I 2 .  ? -13.064 -7.600  11.292  1.00 20.38 ? 58 HOH C O   1 
HETATM 1687 O O   . HOH I 2 .  ? -6.912  -1.612  7.232   1.00 29.90 ? 59 HOH C O   1 
HETATM 1688 O O   . HOH I 2 .  ? -15.855 8.599   16.961  1.00 31.06 ? 60 HOH C O   1 
HETATM 1689 O O   . HOH I 2 .  ? -6.556  -16.268 0.891   1.00 26.68 ? 61 HOH C O   1 
HETATM 1690 O O   . HOH J 2 .  ? 9.878   0.253   -4.211  1.00 25.39 ? 34 HOH D O   1 
HETATM 1691 O O   . HOH J 2 .  ? -1.390  6.495   -0.176  1.00 16.80 ? 35 HOH D O   1 
HETATM 1692 O O   . HOH J 2 .  ? -0.035  8.062   1.688   1.00 21.49 ? 36 HOH D O   1 
HETATM 1693 O O   . HOH J 2 .  ? 7.201   11.376  -0.017  1.00 34.84 ? 37 HOH D O   1 
HETATM 1694 O O   . HOH J 2 .  ? 2.212   0.521   -0.133  1.00 25.67 ? 38 HOH D O   1 
HETATM 1695 O O   . HOH J 2 .  ? -4.381  11.642  -0.986  1.00 23.74 ? 39 HOH D O   1 
HETATM 1696 O O   . HOH J 2 .  ? 6.719   0.290   1.571   1.00 27.75 ? 40 HOH D O   1 
HETATM 1697 O O   . HOH J 2 .  ? -1.443  1.564   -0.234  1.00 18.44 ? 41 HOH D O   1 
HETATM 1698 O O   . HOH J 2 .  ? 6.044   0.781   -5.437  1.00 27.17 ? 42 HOH D O   1 
HETATM 1699 O O   . HOH J 2 .  ? 2.424   1.989   -2.846  1.00 19.20 ? 43 HOH D O   1 
HETATM 1700 O O   . HOH J 2 .  ? 2.732   6.013   2.170   1.00 36.95 ? 44 HOH D O   1 
HETATM 1701 O O   . HOH J 2 .  ? 7.150   10.506  2.461   1.00 33.31 ? 45 HOH D O   1 
HETATM 1702 O O   . HOH J 2 .  ? 12.794  0.174   4.704   1.00 36.31 ? 46 HOH D O   1 
HETATM 1703 O O   . HOH J 2 .  ? 10.672  7.157   -3.124  1.00 27.58 ? 47 HOH D O   1 
HETATM 1704 O O   . HOH J 2 .  ? 10.363  9.586   -3.231  1.00 23.55 ? 48 HOH D O   1 
HETATM 1705 O O   . HOH J 2 .  ? 18.200  -11.466 8.048   1.00 33.53 ? 49 HOH D O   1 
HETATM 1706 O O   . HOH J 2 .  ? -8.452  19.660  -5.807  1.00 39.70 ? 50 HOH D O   1 
HETATM 1707 O O   . HOH J 2 .  ? 15.031  -7.348  3.930   1.00 32.56 ? 51 HOH D O   1 
HETATM 1708 O O   . HOH J 2 .  ? 13.545  5.954   0.456   1.00 40.27 ? 52 HOH D O   1 
HETATM 1709 O O   . HOH J 2 .  ? 0.973   12.521  0.956   1.00 24.23 ? 53 HOH D O   1 
HETATM 1710 O O   . HOH J 2 .  ? 18.742  -1.054  3.125   1.00 34.71 ? 54 HOH D O   1 
HETATM 1711 O O   . HOH J 2 .  ? -8.780  16.318  -12.360 1.00 33.14 ? 55 HOH D O   1 
HETATM 1712 O O   . HOH J 2 .  ? 18.692  -2.111  5.510   1.00 39.63 ? 56 HOH D O   1 
HETATM 1713 O O   . HOH J 2 .  ? 12.833  7.388   -1.682  1.00 30.21 ? 57 HOH D O   1 
HETATM 1714 O O   . HOH J 2 .  ? -0.768  10.499  2.372   1.00 25.48 ? 58 HOH D O   1 
HETATM 1715 O O   . HOH J 2 .  ? 22.523  -4.465  -1.171  1.00 36.88 ? 59 HOH D O   1 
HETATM 1716 O O   . HOH J 2 .  ? -3.314  12.153  1.422   1.00 28.53 ? 60 HOH D O   1 
HETATM 1717 O O   . HOH K 2 .  ? 7.759   1.545   -13.631 1.00 13.11 ? 34 HOH E O   1 
HETATM 1718 O O   . HOH K 2 .  ? 6.945   3.100   -15.590 1.00 13.07 ? 35 HOH E O   1 
HETATM 1719 O O   . HOH K 2 .  ? 4.031   11.103  -15.702 1.00 14.27 ? 36 HOH E O   1 
HETATM 1720 O O   . HOH K 2 .  ? 15.667  -8.401  -13.385 1.00 26.27 ? 37 HOH E O   1 
HETATM 1721 O O   . HOH K 2 .  ? 3.765   14.770  -4.981  1.00 18.36 ? 38 HOH E O   1 
HETATM 1722 O O   . HOH K 2 .  ? 16.129  -0.235  -15.709 1.00 19.71 ? 39 HOH E O   1 
HETATM 1723 O O   . HOH K 2 .  ? 11.973  6.770   -16.946 1.00 20.14 ? 40 HOH E O   1 
HETATM 1724 O O   . HOH K 2 .  ? 9.362   6.673   -16.506 1.00 24.92 ? 41 HOH E O   1 
HETATM 1725 O O   . HOH K 2 .  ? 17.553  -2.907  -11.811 1.00 21.92 ? 42 HOH E O   1 
HETATM 1726 O O   . HOH K 2 .  ? 22.380  -10.719 -3.728  1.00 30.49 ? 43 HOH E O   1 
HETATM 1727 O O   . HOH K 2 .  ? 14.928  2.227   -7.958  1.00 21.19 ? 44 HOH E O   1 
HETATM 1728 O O   . HOH K 2 .  ? 8.319   9.440   -17.519 1.00 25.48 ? 45 HOH E O   1 
HETATM 1729 O O   . HOH K 2 .  ? 9.294   -1.240  -7.601  1.00 20.18 ? 46 HOH E O   1 
HETATM 1730 O O   . HOH K 2 .  ? 13.761  8.015   -10.741 1.00 25.17 ? 47 HOH E O   1 
HETATM 1731 O O   . HOH K 2 .  ? 19.474  -8.065  -7.021  1.00 27.24 ? 48 HOH E O   1 
HETATM 1732 O O   . HOH K 2 .  ? 10.699  12.956  -14.596 1.00 34.09 ? 49 HOH E O   1 
HETATM 1733 O O   . HOH K 2 .  ? 11.075  6.419   -5.425  1.00 24.22 ? 50 HOH E O   1 
HETATM 1734 O O   . HOH K 2 .  ? 8.492   -11.204 -11.686 1.00 38.08 ? 51 HOH E O   1 
HETATM 1735 O O   . HOH K 2 .  ? 3.293   23.125  -15.461 1.00 41.36 ? 52 HOH E O   1 
HETATM 1736 O O   . HOH K 2 .  ? 12.623  13.122  -8.096  1.00 26.43 ? 53 HOH E O   1 
HETATM 1737 O O   . HOH K 2 .  ? 12.814  -14.329 -10.758 1.00 34.44 ? 54 HOH E O   1 
HETATM 1738 O O   . HOH K 2 .  ? 3.586   20.005  -7.426  1.00 43.01 ? 55 HOH E O   1 
HETATM 1739 O O   . HOH K 2 .  ? 2.294   12.775  -17.358 1.00 32.04 ? 56 HOH E O   1 
HETATM 1740 O O   . HOH K 2 .  ? 5.551   10.294  -17.993 1.00 30.60 ? 57 HOH E O   1 
HETATM 1741 O O   . HOH K 2 .  ? 8.374   4.292   -17.656 1.00 33.03 ? 58 HOH E O   1 
HETATM 1742 O O   . HOH K 2 .  ? 4.970   14.271  -18.211 1.00 54.85 ? 59 HOH E O   1 
HETATM 1743 O O   . HOH K 2 .  ? 4.290   11.691  -20.339 1.00 30.82 ? 60 HOH E O   1 
HETATM 1744 O O   . HOH L 2 .  ? -4.568  7.785   -8.698  1.00 13.96 ? 34 HOH F O   1 
HETATM 1745 O O   . HOH L 2 .  ? -4.280  1.037   -7.781  1.00 20.11 ? 35 HOH F O   1 
HETATM 1746 O O   . HOH L 2 .  ? -0.499  -5.344  -1.951  1.00 13.87 ? 36 HOH F O   1 
HETATM 1747 O O   . HOH L 2 .  ? -1.317  0.991   -15.473 1.00 17.56 ? 37 HOH F O   1 
HETATM 1748 O O   . HOH L 2 .  ? -1.588  1.623   -3.959  1.00 15.87 ? 38 HOH F O   1 
HETATM 1749 O O   . HOH L 2 .  ? -4.735  -1.228  -8.852  1.00 18.71 ? 39 HOH F O   1 
HETATM 1750 O O   . HOH L 2 .  ? -4.560  4.394   -17.868 1.00 26.65 ? 40 HOH F O   1 
HETATM 1751 O O   . HOH L 2 .  ? 0.111   -1.602  -12.947 1.00 21.59 ? 41 HOH F O   1 
HETATM 1752 O O   . HOH L 2 .  ? 7.253   -1.807  -4.772  1.00 31.81 ? 42 HOH F O   1 
HETATM 1753 O O   . HOH L 2 .  ? 0.834   0.386   -3.802  1.00 16.07 ? 43 HOH F O   1 
HETATM 1754 O O   . HOH L 2 .  ? 5.856   0.660   -12.074 1.00 16.01 ? 44 HOH F O   1 
HETATM 1755 O O   . HOH L 2 .  ? 0.878   2.403   -16.069 1.00 16.06 ? 45 HOH F O   1 
HETATM 1756 O O   . HOH L 2 .  ? 5.197   -4.357  2.203   1.00 18.48 ? 46 HOH F O   1 
HETATM 1757 O O   . HOH L 2 .  ? -5.050  3.083   -13.813 1.00 18.30 ? 47 HOH F O   1 
HETATM 1758 O O   . HOH L 2 .  ? 3.425   -10.980 3.108   1.00 41.07 ? 48 HOH F O   1 
HETATM 1759 O O   . HOH L 2 .  ? -6.548  18.055  -14.258 1.00 29.21 ? 49 HOH F O   1 
HETATM 1760 O O   . HOH L 2 .  ? 7.844   0.879   -8.064  1.00 28.70 ? 50 HOH F O   1 
HETATM 1761 O O   . HOH L 2 .  ? -2.892  6.506   -18.023 1.00 26.16 ? 51 HOH F O   1 
HETATM 1762 O O   . HOH L 2 .  ? 15.316  -12.308 4.983   1.00 21.35 ? 52 HOH F O   1 
HETATM 1763 O O   . HOH L 2 .  ? 3.061   -10.071 -5.711  1.00 28.42 ? 53 HOH F O   1 
HETATM 1764 O O   . HOH L 2 .  ? 9.239   -13.509 -4.272  1.00 33.00 ? 54 HOH F O   1 
HETATM 1765 O O   . HOH L 2 .  ? 3.801   -11.317 0.402   1.00 27.40 ? 55 HOH F O   1 
HETATM 1766 O O   . HOH L 2 .  ? -6.277  -4.885  -10.489 1.00 34.81 ? 56 HOH F O   1 
HETATM 1767 O O   . HOH L 2 .  ? 5.297   0.177   -16.641 1.00 20.03 ? 57 HOH F O   1 
HETATM 1768 O O   . HOH L 2 .  ? 5.413   -19.151 5.299   1.00 37.14 ? 58 HOH F O   1 
HETATM 1769 O O   . HOH L 2 .  ? 6.846   -9.751  4.755   1.00 36.78 ? 59 HOH F O   1 
HETATM 1770 O O   . HOH L 2 .  ? 5.861   -2.133  3.472   1.00 30.22 ? 60 HOH F O   1 
HETATM 1771 O O   . HOH L 2 .  ? 4.934   -5.164  -10.127 1.00 26.54 ? 61 HOH F O   1 
HETATM 1772 O O   . HOH L 2 .  ? 21.861  -16.682 8.518   1.00 33.69 ? 62 HOH F O   1 
HETATM 1773 O O   . HOH L 2 .  ? 7.353   -6.089  4.934   1.00 28.23 ? 63 HOH F O   1 
HETATM 1774 O O   . HOH L 2 .  ? -4.078  1.945   -16.064 1.00 25.80 ? 64 HOH F O   1 
HETATM 1775 O O   . HOH L 2 .  ? -5.971  3.068   -9.089  1.00 25.55 ? 65 HOH F O   1 
HETATM 1776 O O   . HOH L 2 .  ? -4.643  0.819   -5.195  1.00 26.41 ? 66 HOH F O   1 
HETATM 1777 O O   . HOH L 2 .  ? 7.716   -0.398  -15.536 1.00 17.42 ? 67 HOH F O   1 
HETATM 1778 O O   . HOH L 2 .  ? -6.415  5.770   -8.147  1.00 32.85 ? 68 HOH F O   1 
HETATM 1779 O O   . HOH L 2 .  ? -5.309  -7.246  -9.088  1.00 26.83 ? 69 HOH F O   1 
HETATM 1780 O O   . HOH L 2 .  ? 13.930  -9.972  4.632   1.00 34.54 ? 70 HOH F O   1 
# 
loop_
_pdbx_poly_seq_scheme.asym_id 
_pdbx_poly_seq_scheme.entity_id 
_pdbx_poly_seq_scheme.seq_id 
_pdbx_poly_seq_scheme.mon_id 
_pdbx_poly_seq_scheme.ndb_seq_num 
_pdbx_poly_seq_scheme.pdb_seq_num 
_pdbx_poly_seq_scheme.auth_seq_num 
_pdbx_poly_seq_scheme.pdb_mon_id 
_pdbx_poly_seq_scheme.auth_mon_id 
_pdbx_poly_seq_scheme.pdb_strand_id 
_pdbx_poly_seq_scheme.pdb_ins_code 
_pdbx_poly_seq_scheme.hetero 
A 1 1  GLY 1  -1 ?  ?   ?   A . n 
A 1 2  SER 2  0  0  SER SER A . n 
A 1 3  ARG 3  1  1  ARG ARG A . n 
A 1 4  MET 4  2  2  MET MET A . n 
A 1 5  LYS 5  3  3  LYS LYS A . n 
A 1 6  GLN 6  4  4  GLN GLN A . n 
A 1 7  LEU 7  5  5  LEU LEU A . n 
A 1 8  GLU 8  6  6  GLU GLU A . n 
A 1 9  ASP 9  7  7  ASP ASP A . n 
A 1 10 LYS 10 8  8  LYS LYS A . n 
A 1 11 VAL 11 9  9  VAL VAL A . n 
A 1 12 GLU 12 10 10 GLU GLU A . n 
A 1 13 GLU 13 11 11 GLU GLU A . n 
A 1 14 LEU 14 12 12 LEU LEU A . n 
A 1 15 LEU 15 13 13 LEU LEU A . n 
A 1 16 SER 16 14 14 SER SER A . n 
A 1 17 LYS 17 15 15 LYS LYS A . n 
A 1 18 ASN 18 16 16 ASN ASN A . n 
A 1 19 TYR 19 17 17 TYR TYR A . n 
A 1 20 HIS 20 18 18 HIS HIS A . n 
A 1 21 LEU 21 19 19 LEU LEU A . n 
A 1 22 GLU 22 20 20 GLU GLU A . n 
A 1 23 ASN 23 21 21 ASN ASN A . n 
A 1 24 ARG 24 22 22 ARG ARG A . n 
A 1 25 VAL 25 23 23 VAL VAL A . n 
A 1 26 ALA 26 24 24 ALA ALA A . n 
A 1 27 ARG 27 25 25 ARG ARG A . n 
A 1 28 LEU 28 26 26 LEU LEU A . n 
A 1 29 GLU 29 27 27 GLU GLU A . n 
A 1 30 LYS 30 28 28 LYS LYS A . n 
A 1 31 LEU 31 29 29 LEU LEU A . n 
A 1 32 VAL 32 30 30 VAL VAL A . n 
A 1 33 GLY 33 31 31 GLY GLY A . n 
A 1 34 GLU 34 32 32 GLU GLU A . n 
A 1 35 ARG 35 33 ?  ?   ?   A . n 
B 1 1  GLY 1  -1 ?  ?   ?   B . n 
B 1 2  SER 2  0  ?  ?   ?   B . n 
B 1 3  ARG 3  1  ?  ?   ?   B . n 
B 1 4  MET 4  2  2  MET MET B . n 
B 1 5  LYS 5  3  3  LYS LYS B . n 
B 1 6  GLN 6  4  4  GLN GLN B . n 
B 1 7  LEU 7  5  5  LEU LEU B . n 
B 1 8  GLU 8  6  6  GLU GLU B . n 
B 1 9  ASP 9  7  7  ASP ASP B . n 
B 1 10 LYS 10 8  8  LYS LYS B . n 
B 1 11 VAL 11 9  9  VAL VAL B . n 
B 1 12 GLU 12 10 10 GLU GLU B . n 
B 1 13 GLU 13 11 11 GLU GLU B . n 
B 1 14 LEU 14 12 12 LEU LEU B . n 
B 1 15 LEU 15 13 13 LEU LEU B . n 
B 1 16 SER 16 14 14 SER SER B . n 
B 1 17 LYS 17 15 15 LYS LYS B . n 
B 1 18 ASN 18 16 16 ASN ASN B . n 
B 1 19 TYR 19 17 17 TYR TYR B . n 
B 1 20 HIS 20 18 18 HIS HIS B . n 
B 1 21 LEU 21 19 19 LEU LEU B . n 
B 1 22 GLU 22 20 20 GLU GLU B . n 
B 1 23 ASN 23 21 21 ASN ASN B . n 
B 1 24 ARG 24 22 22 ARG ARG B . n 
B 1 25 VAL 25 23 23 VAL VAL B . n 
B 1 26 ALA 26 24 24 ALA ALA B . n 
B 1 27 ARG 27 25 25 ARG ARG B . n 
B 1 28 LEU 28 26 26 LEU LEU B . n 
B 1 29 GLU 29 27 27 GLU GLU B . n 
B 1 30 LYS 30 28 28 LYS LYS B . n 
B 1 31 LEU 31 29 29 LEU LEU B . n 
B 1 32 VAL 32 30 30 VAL VAL B . n 
B 1 33 GLY 33 31 31 GLY GLY B . n 
B 1 34 GLU 34 32 ?  ?   ?   B . n 
B 1 35 ARG 35 33 ?  ?   ?   B . n 
C 1 1  GLY 1  -1 ?  ?   ?   C . n 
C 1 2  SER 2  0  ?  ?   ?   C . n 
C 1 3  ARG 3  1  1  ARG ARG C . n 
C 1 4  MET 4  2  2  MET MET C . n 
C 1 5  LYS 5  3  3  LYS LYS C . n 
C 1 6  GLN 6  4  4  GLN GLN C . n 
C 1 7  LEU 7  5  5  LEU LEU C . n 
C 1 8  GLU 8  6  6  GLU GLU C . n 
C 1 9  ASP 9  7  7  ASP ASP C . n 
C 1 10 LYS 10 8  8  LYS LYS C . n 
C 1 11 VAL 11 9  9  VAL VAL C . n 
C 1 12 GLU 12 10 10 GLU GLU C . n 
C 1 13 GLU 13 11 11 GLU GLU C . n 
C 1 14 LEU 14 12 12 LEU LEU C . n 
C 1 15 LEU 15 13 13 LEU LEU C . n 
C 1 16 SER 16 14 14 SER SER C . n 
C 1 17 LYS 17 15 15 LYS LYS C . n 
C 1 18 ASN 18 16 16 ASN ASN C . n 
C 1 19 TYR 19 17 17 TYR TYR C . n 
C 1 20 HIS 20 18 18 HIS HIS C . n 
C 1 21 LEU 21 19 19 LEU LEU C . n 
C 1 22 GLU 22 20 20 GLU GLU C . n 
C 1 23 ASN 23 21 21 ASN ASN C . n 
C 1 24 ARG 24 22 22 ARG ARG C . n 
C 1 25 VAL 25 23 23 VAL VAL C . n 
C 1 26 ALA 26 24 24 ALA ALA C . n 
C 1 27 ARG 27 25 25 ARG ARG C . n 
C 1 28 LEU 28 26 26 LEU LEU C . n 
C 1 29 GLU 29 27 27 GLU GLU C . n 
C 1 30 LYS 30 28 28 LYS LYS C . n 
C 1 31 LEU 31 29 29 LEU LEU C . n 
C 1 32 VAL 32 30 30 VAL VAL C . n 
C 1 33 GLY 33 31 31 GLY GLY C . n 
C 1 34 GLU 34 32 32 GLU GLU C . n 
C 1 35 ARG 35 33 33 ARG ARG C . n 
D 1 1  GLY 1  -1 ?  ?   ?   D . n 
D 1 2  SER 2  0  0  SER SER D . n 
D 1 3  ARG 3  1  1  ARG ARG D . n 
D 1 4  MET 4  2  2  MET MET D . n 
D 1 5  LYS 5  3  3  LYS LYS D . n 
D 1 6  GLN 6  4  4  GLN GLN D . n 
D 1 7  LEU 7  5  5  LEU LEU D . n 
D 1 8  GLU 8  6  6  GLU GLU D . n 
D 1 9  ASP 9  7  7  ASP ASP D . n 
D 1 10 LYS 10 8  8  LYS LYS D . n 
D 1 11 VAL 11 9  9  VAL VAL D . n 
D 1 12 GLU 12 10 10 GLU GLU D . n 
D 1 13 GLU 13 11 11 GLU GLU D . n 
D 1 14 LEU 14 12 12 LEU LEU D . n 
D 1 15 LEU 15 13 13 LEU LEU D . n 
D 1 16 SER 16 14 14 SER SER D . n 
D 1 17 LYS 17 15 15 LYS LYS D . n 
D 1 18 ASN 18 16 16 ASN ASN D . n 
D 1 19 TYR 19 17 17 TYR TYR D . n 
D 1 20 HIS 20 18 18 HIS HIS D . n 
D 1 21 LEU 21 19 19 LEU LEU D . n 
D 1 22 GLU 22 20 20 GLU GLU D . n 
D 1 23 ASN 23 21 21 ASN ASN D . n 
D 1 24 ARG 24 22 22 ARG ARG D . n 
D 1 25 VAL 25 23 23 VAL VAL D . n 
D 1 26 ALA 26 24 24 ALA ALA D . n 
D 1 27 ARG 27 25 25 ARG ARG D . n 
D 1 28 LEU 28 26 26 LEU LEU D . n 
D 1 29 GLU 29 27 27 GLU GLU D . n 
D 1 30 LYS 30 28 28 LYS LYS D . n 
D 1 31 LEU 31 29 29 LEU LEU D . n 
D 1 32 VAL 32 30 30 VAL VAL D . n 
D 1 33 GLY 33 31 31 GLY GLY D . n 
D 1 34 GLU 34 32 ?  ?   ?   D . n 
D 1 35 ARG 35 33 ?  ?   ?   D . n 
E 1 1  GLY 1  -1 ?  ?   ?   E . n 
E 1 2  SER 2  0  ?  ?   ?   E . n 
E 1 3  ARG 3  1  1  ARG ARG E . n 
E 1 4  MET 4  2  2  MET MET E . n 
E 1 5  LYS 5  3  3  LYS LYS E . n 
E 1 6  GLN 6  4  4  GLN GLN E . n 
E 1 7  LEU 7  5  5  LEU LEU E . n 
E 1 8  GLU 8  6  6  GLU GLU E . n 
E 1 9  ASP 9  7  7  ASP ASP E . n 
E 1 10 LYS 10 8  8  LYS LYS E . n 
E 1 11 VAL 11 9  9  VAL VAL E . n 
E 1 12 GLU 12 10 10 GLU GLU E . n 
E 1 13 GLU 13 11 11 GLU GLU E . n 
E 1 14 LEU 14 12 12 LEU LEU E . n 
E 1 15 LEU 15 13 13 LEU LEU E . n 
E 1 16 SER 16 14 14 SER SER E . n 
E 1 17 LYS 17 15 15 LYS LYS E . n 
E 1 18 ASN 18 16 16 ASN ASN E . n 
E 1 19 TYR 19 17 17 TYR TYR E . n 
E 1 20 HIS 20 18 18 HIS HIS E . n 
E 1 21 LEU 21 19 19 LEU LEU E . n 
E 1 22 GLU 22 20 20 GLU GLU E . n 
E 1 23 ASN 23 21 21 ASN ASN E . n 
E 1 24 ARG 24 22 22 ARG ARG E . n 
E 1 25 VAL 25 23 23 VAL VAL E . n 
E 1 26 ALA 26 24 24 ALA ALA E . n 
E 1 27 ARG 27 25 25 ARG ARG E . n 
E 1 28 LEU 28 26 26 LEU LEU E . n 
E 1 29 GLU 29 27 27 GLU GLU E . n 
E 1 30 LYS 30 28 28 LYS LYS E . n 
E 1 31 LEU 31 29 29 LEU LEU E . n 
E 1 32 VAL 32 30 30 VAL VAL E . n 
E 1 33 GLY 33 31 31 GLY GLY E . n 
E 1 34 GLU 34 32 ?  ?   ?   E . n 
E 1 35 ARG 35 33 ?  ?   ?   E . n 
F 1 1  GLY 1  -1 ?  ?   ?   F . n 
F 1 2  SER 2  0  ?  ?   ?   F . n 
F 1 3  ARG 3  1  1  ARG ARG F . n 
F 1 4  MET 4  2  2  MET MET F . n 
F 1 5  LYS 5  3  3  LYS LYS F . n 
F 1 6  GLN 6  4  4  GLN GLN F . n 
F 1 7  LEU 7  5  5  LEU LEU F . n 
F 1 8  GLU 8  6  6  GLU GLU F . n 
F 1 9  ASP 9  7  7  ASP ASP F . n 
F 1 10 LYS 10 8  8  LYS LYS F . n 
F 1 11 VAL 11 9  9  VAL VAL F . n 
F 1 12 GLU 12 10 10 GLU GLU F . n 
F 1 13 GLU 13 11 11 GLU GLU F . n 
F 1 14 LEU 14 12 12 LEU LEU F . n 
F 1 15 LEU 15 13 13 LEU LEU F . n 
F 1 16 SER 16 14 14 SER SER F . n 
F 1 17 LYS 17 15 15 LYS LYS F . n 
F 1 18 ASN 18 16 16 ASN ASN F . n 
F 1 19 TYR 19 17 17 TYR TYR F . n 
F 1 20 HIS 20 18 18 HIS HIS F . n 
F 1 21 LEU 21 19 19 LEU LEU F . n 
F 1 22 GLU 22 20 20 GLU GLU F . n 
F 1 23 ASN 23 21 21 ASN ASN F . n 
F 1 24 ARG 24 22 22 ARG ARG F . n 
F 1 25 VAL 25 23 23 VAL VAL F . n 
F 1 26 ALA 26 24 24 ALA ALA F . n 
F 1 27 ARG 27 25 25 ARG ARG F . n 
F 1 28 LEU 28 26 26 LEU LEU F . n 
F 1 29 GLU 29 27 27 GLU GLU F . n 
F 1 30 LYS 30 28 28 LYS LYS F . n 
F 1 31 LEU 31 29 29 LEU LEU F . n 
F 1 32 VAL 32 30 30 VAL VAL F . n 
F 1 33 GLY 33 31 31 GLY GLY F . n 
F 1 34 GLU 34 32 ?  ?   ?   F . n 
F 1 35 ARG 35 33 ?  ?   ?   F . n 
# 
loop_
_pdbx_nonpoly_scheme.asym_id 
_pdbx_nonpoly_scheme.entity_id 
_pdbx_nonpoly_scheme.mon_id 
_pdbx_nonpoly_scheme.ndb_seq_num 
_pdbx_nonpoly_scheme.pdb_seq_num 
_pdbx_nonpoly_scheme.auth_seq_num 
_pdbx_nonpoly_scheme.pdb_mon_id 
_pdbx_nonpoly_scheme.auth_mon_id 
_pdbx_nonpoly_scheme.pdb_strand_id 
_pdbx_nonpoly_scheme.pdb_ins_code 
G 2 HOH 1  34 3   HOH HOH A . 
G 2 HOH 2  35 6   HOH HOH A . 
G 2 HOH 3  36 7   HOH HOH A . 
G 2 HOH 4  37 17  HOH HOH A . 
G 2 HOH 5  38 18  HOH HOH A . 
G 2 HOH 6  39 26  HOH HOH A . 
G 2 HOH 7  40 31  HOH HOH A . 
G 2 HOH 8  41 36  HOH HOH A . 
G 2 HOH 9  42 41  HOH HOH A . 
G 2 HOH 10 43 42  HOH HOH A . 
G 2 HOH 11 44 63  HOH HOH A . 
G 2 HOH 12 45 67  HOH HOH A . 
G 2 HOH 13 46 71  HOH HOH A . 
G 2 HOH 14 47 76  HOH HOH A . 
G 2 HOH 15 48 81  HOH HOH A . 
G 2 HOH 16 49 90  HOH HOH A . 
G 2 HOH 17 50 92  HOH HOH A . 
G 2 HOH 18 51 111 HOH HOH A . 
G 2 HOH 19 52 123 HOH HOH A . 
G 2 HOH 20 53 134 HOH HOH A . 
G 2 HOH 21 54 146 HOH HOH A . 
G 2 HOH 22 55 154 HOH HOH A . 
G 2 HOH 23 56 155 HOH HOH A . 
G 2 HOH 24 57 168 HOH HOH A . 
G 2 HOH 25 58 169 HOH HOH A . 
G 2 HOH 26 59 171 HOH HOH A . 
G 2 HOH 27 60 176 HOH HOH A . 
G 2 HOH 28 61 179 HOH HOH A . 
G 2 HOH 29 62 183 HOH HOH A . 
G 2 HOH 30 63 191 HOH HOH A . 
G 2 HOH 31 64 195 HOH HOH A . 
G 2 HOH 32 65 204 HOH HOH A . 
G 2 HOH 33 66 210 HOH HOH A . 
G 2 HOH 34 67 238 HOH HOH A . 
G 2 HOH 35 68 243 HOH HOH A . 
G 2 HOH 36 69 261 HOH HOH A . 
G 2 HOH 37 70 267 HOH HOH A . 
H 2 HOH 1  34 1   HOH HOH B . 
H 2 HOH 2  35 9   HOH HOH B . 
H 2 HOH 3  36 10  HOH HOH B . 
H 2 HOH 4  37 14  HOH HOH B . 
H 2 HOH 5  38 16  HOH HOH B . 
H 2 HOH 6  39 30  HOH HOH B . 
H 2 HOH 7  40 34  HOH HOH B . 
H 2 HOH 8  41 38  HOH HOH B . 
H 2 HOH 9  42 45  HOH HOH B . 
H 2 HOH 10 43 47  HOH HOH B . 
H 2 HOH 11 44 55  HOH HOH B . 
H 2 HOH 12 45 68  HOH HOH B . 
H 2 HOH 13 46 70  HOH HOH B . 
H 2 HOH 14 47 72  HOH HOH B . 
H 2 HOH 15 48 86  HOH HOH B . 
H 2 HOH 16 49 98  HOH HOH B . 
H 2 HOH 17 50 100 HOH HOH B . 
H 2 HOH 18 51 113 HOH HOH B . 
H 2 HOH 19 52 142 HOH HOH B . 
H 2 HOH 20 53 157 HOH HOH B . 
H 2 HOH 21 54 158 HOH HOH B . 
H 2 HOH 22 55 199 HOH HOH B . 
H 2 HOH 23 56 230 HOH HOH B . 
H 2 HOH 24 57 232 HOH HOH B . 
H 2 HOH 25 58 233 HOH HOH B . 
H 2 HOH 26 59 234 HOH HOH B . 
H 2 HOH 27 60 256 HOH HOH B . 
H 2 HOH 28 61 262 HOH HOH B . 
I 2 HOH 1  34 2   HOH HOH C . 
I 2 HOH 2  35 25  HOH HOH C . 
I 2 HOH 3  36 29  HOH HOH C . 
I 2 HOH 4  37 43  HOH HOH C . 
I 2 HOH 5  38 48  HOH HOH C . 
I 2 HOH 6  39 53  HOH HOH C . 
I 2 HOH 7  40 57  HOH HOH C . 
I 2 HOH 8  41 62  HOH HOH C . 
I 2 HOH 9  42 82  HOH HOH C . 
I 2 HOH 10 43 84  HOH HOH C . 
I 2 HOH 11 44 95  HOH HOH C . 
I 2 HOH 12 45 101 HOH HOH C . 
I 2 HOH 13 46 105 HOH HOH C . 
I 2 HOH 14 47 108 HOH HOH C . 
I 2 HOH 15 48 132 HOH HOH C . 
I 2 HOH 16 49 141 HOH HOH C . 
I 2 HOH 17 50 173 HOH HOH C . 
I 2 HOH 18 51 184 HOH HOH C . 
I 2 HOH 19 52 196 HOH HOH C . 
I 2 HOH 20 53 205 HOH HOH C . 
I 2 HOH 21 54 215 HOH HOH C . 
I 2 HOH 22 55 223 HOH HOH C . 
I 2 HOH 23 56 225 HOH HOH C . 
I 2 HOH 24 57 227 HOH HOH C . 
I 2 HOH 25 58 228 HOH HOH C . 
I 2 HOH 26 59 229 HOH HOH C . 
I 2 HOH 27 60 237 HOH HOH C . 
I 2 HOH 28 61 265 HOH HOH C . 
J 2 HOH 1  34 28  HOH HOH D . 
J 2 HOH 2  35 33  HOH HOH D . 
J 2 HOH 3  36 49  HOH HOH D . 
J 2 HOH 4  37 51  HOH HOH D . 
J 2 HOH 5  38 56  HOH HOH D . 
J 2 HOH 6  39 94  HOH HOH D . 
J 2 HOH 7  40 96  HOH HOH D . 
J 2 HOH 8  41 99  HOH HOH D . 
J 2 HOH 9  42 102 HOH HOH D . 
J 2 HOH 10 43 103 HOH HOH D . 
J 2 HOH 11 44 109 HOH HOH D . 
J 2 HOH 12 45 114 HOH HOH D . 
J 2 HOH 13 46 117 HOH HOH D . 
J 2 HOH 14 47 127 HOH HOH D . 
J 2 HOH 15 48 129 HOH HOH D . 
J 2 HOH 16 49 136 HOH HOH D . 
J 2 HOH 17 50 137 HOH HOH D . 
J 2 HOH 18 51 150 HOH HOH D . 
J 2 HOH 19 52 152 HOH HOH D . 
J 2 HOH 20 53 159 HOH HOH D . 
J 2 HOH 21 54 201 HOH HOH D . 
J 2 HOH 22 55 216 HOH HOH D . 
J 2 HOH 23 56 248 HOH HOH D . 
J 2 HOH 24 57 249 HOH HOH D . 
J 2 HOH 25 58 252 HOH HOH D . 
J 2 HOH 26 59 253 HOH HOH D . 
J 2 HOH 27 60 259 HOH HOH D . 
K 2 HOH 1  34 5   HOH HOH E . 
K 2 HOH 2  35 22  HOH HOH E . 
K 2 HOH 3  36 23  HOH HOH E . 
K 2 HOH 4  37 32  HOH HOH E . 
K 2 HOH 5  38 44  HOH HOH E . 
K 2 HOH 6  39 46  HOH HOH E . 
K 2 HOH 7  40 54  HOH HOH E . 
K 2 HOH 8  41 58  HOH HOH E . 
K 2 HOH 9  42 66  HOH HOH E . 
K 2 HOH 10 43 75  HOH HOH E . 
K 2 HOH 11 44 78  HOH HOH E . 
K 2 HOH 12 45 89  HOH HOH E . 
K 2 HOH 13 46 124 HOH HOH E . 
K 2 HOH 14 47 130 HOH HOH E . 
K 2 HOH 15 48 135 HOH HOH E . 
K 2 HOH 16 49 140 HOH HOH E . 
K 2 HOH 17 50 156 HOH HOH E . 
K 2 HOH 18 51 162 HOH HOH E . 
K 2 HOH 19 52 172 HOH HOH E . 
K 2 HOH 20 53 194 HOH HOH E . 
K 2 HOH 21 54 218 HOH HOH E . 
K 2 HOH 22 55 219 HOH HOH E . 
K 2 HOH 23 56 244 HOH HOH E . 
K 2 HOH 24 57 245 HOH HOH E . 
K 2 HOH 25 58 246 HOH HOH E . 
K 2 HOH 26 59 260 HOH HOH E . 
K 2 HOH 27 60 263 HOH HOH E . 
L 2 HOH 1  34 11  HOH HOH F . 
L 2 HOH 2  35 13  HOH HOH F . 
L 2 HOH 3  36 15  HOH HOH F . 
L 2 HOH 4  37 21  HOH HOH F . 
L 2 HOH 5  38 27  HOH HOH F . 
L 2 HOH 6  39 35  HOH HOH F . 
L 2 HOH 7  40 37  HOH HOH F . 
L 2 HOH 8  41 40  HOH HOH F . 
L 2 HOH 9  42 50  HOH HOH F . 
L 2 HOH 10 43 64  HOH HOH F . 
L 2 HOH 11 44 80  HOH HOH F . 
L 2 HOH 12 45 85  HOH HOH F . 
L 2 HOH 13 46 87  HOH HOH F . 
L 2 HOH 14 47 97  HOH HOH F . 
L 2 HOH 15 48 107 HOH HOH F . 
L 2 HOH 16 49 112 HOH HOH F . 
L 2 HOH 17 50 115 HOH HOH F . 
L 2 HOH 18 51 121 HOH HOH F . 
L 2 HOH 19 52 138 HOH HOH F . 
L 2 HOH 20 53 143 HOH HOH F . 
L 2 HOH 21 54 144 HOH HOH F . 
L 2 HOH 22 55 148 HOH HOH F . 
L 2 HOH 23 56 164 HOH HOH F . 
L 2 HOH 24 57 178 HOH HOH F . 
L 2 HOH 25 58 180 HOH HOH F . 
L 2 HOH 26 59 181 HOH HOH F . 
L 2 HOH 27 60 198 HOH HOH F . 
L 2 HOH 28 61 200 HOH HOH F . 
L 2 HOH 29 62 211 HOH HOH F . 
L 2 HOH 30 63 239 HOH HOH F . 
L 2 HOH 31 64 240 HOH HOH F . 
L 2 HOH 32 65 241 HOH HOH F . 
L 2 HOH 33 66 242 HOH HOH F . 
L 2 HOH 34 67 247 HOH HOH F . 
L 2 HOH 35 68 254 HOH HOH F . 
L 2 HOH 36 69 264 HOH HOH F . 
L 2 HOH 37 70 266 HOH HOH F . 
# 
loop_
_pdbx_struct_assembly.id 
_pdbx_struct_assembly.details 
_pdbx_struct_assembly.method_details 
_pdbx_struct_assembly.oligomeric_details 
_pdbx_struct_assembly.oligomeric_count 
1 author_and_software_defined_assembly PISA,PQS trimeric 3 
2 author_and_software_defined_assembly PISA,PQS trimeric 3 
# 
loop_
_pdbx_struct_assembly_gen.assembly_id 
_pdbx_struct_assembly_gen.oper_expression 
_pdbx_struct_assembly_gen.asym_id_list 
1 1 A,B,C,G,H,I 
2 1 D,E,F,J,K,L 
# 
loop_
_pdbx_struct_assembly_prop.biol_id 
_pdbx_struct_assembly_prop.type 
_pdbx_struct_assembly_prop.value 
_pdbx_struct_assembly_prop.details 
1 'ABSA (A^2)' 4150 ? 
1 MORE         -36  ? 
1 'SSA (A^2)'  6230 ? 
2 'ABSA (A^2)' 4140 ? 
2 MORE         -32  ? 
2 'SSA (A^2)'  6290 ? 
# 
_pdbx_struct_oper_list.id                   1 
_pdbx_struct_oper_list.type                 'identity operation' 
_pdbx_struct_oper_list.name                 1_555 
_pdbx_struct_oper_list.symmetry_operation   x,y,z 
_pdbx_struct_oper_list.matrix[1][1]         1.0000000000 
_pdbx_struct_oper_list.matrix[1][2]         0.0000000000 
_pdbx_struct_oper_list.matrix[1][3]         0.0000000000 
_pdbx_struct_oper_list.vector[1]            0.0000000000 
_pdbx_struct_oper_list.matrix[2][1]         0.0000000000 
_pdbx_struct_oper_list.matrix[2][2]         1.0000000000 
_pdbx_struct_oper_list.matrix[2][3]         0.0000000000 
_pdbx_struct_oper_list.vector[2]            0.0000000000 
_pdbx_struct_oper_list.matrix[3][1]         0.0000000000 
_pdbx_struct_oper_list.matrix[3][2]         0.0000000000 
_pdbx_struct_oper_list.matrix[3][3]         1.0000000000 
_pdbx_struct_oper_list.vector[3]            0.0000000000 
# 
_pdbx_struct_special_symmetry.id              1 
_pdbx_struct_special_symmetry.PDB_model_num   1 
_pdbx_struct_special_symmetry.auth_asym_id    B 
_pdbx_struct_special_symmetry.auth_comp_id    HOH 
_pdbx_struct_special_symmetry.auth_seq_id     59 
_pdbx_struct_special_symmetry.PDB_ins_code    ? 
_pdbx_struct_special_symmetry.label_asym_id   H 
_pdbx_struct_special_symmetry.label_comp_id   HOH 
_pdbx_struct_special_symmetry.label_seq_id    . 
# 
loop_
_pdbx_audit_revision_history.ordinal 
_pdbx_audit_revision_history.data_content_type 
_pdbx_audit_revision_history.major_revision 
_pdbx_audit_revision_history.minor_revision 
_pdbx_audit_revision_history.revision_date 
1 'Structure model' 1 0 2007-11-27 
2 'Structure model' 1 1 2011-07-13 
3 'Structure model' 1 2 2013-01-16 
4 'Structure model' 1 3 2017-10-18 
5 'Structure model' 1 4 2021-11-10 
6 'Structure model' 1 5 2023-10-25 
# 
_pdbx_audit_revision_details.ordinal             1 
_pdbx_audit_revision_details.revision_ordinal    1 
_pdbx_audit_revision_details.data_content_type   'Structure model' 
_pdbx_audit_revision_details.provider            repository 
_pdbx_audit_revision_details.type                'Initial release' 
_pdbx_audit_revision_details.description         ? 
_pdbx_audit_revision_details.details             ? 
# 
loop_
_pdbx_audit_revision_group.ordinal 
_pdbx_audit_revision_group.revision_ordinal 
_pdbx_audit_revision_group.data_content_type 
_pdbx_audit_revision_group.group 
1 2 'Structure model' Advisory                    
2 2 'Structure model' 'Derived calculations'      
3 2 'Structure model' 'Version format compliance' 
4 3 'Structure model' 'Database references'       
5 4 'Structure model' 'Refinement description'    
6 5 'Structure model' 'Database references'       
7 6 'Structure model' 'Data collection'           
8 6 'Structure model' 'Refinement description'    
# 
loop_
_pdbx_audit_revision_category.ordinal 
_pdbx_audit_revision_category.revision_ordinal 
_pdbx_audit_revision_category.data_content_type 
_pdbx_audit_revision_category.category 
1 4 'Structure model' software                      
2 5 'Structure model' database_2                    
3 5 'Structure model' struct_ref_seq_dif            
4 6 'Structure model' chem_comp_atom                
5 6 'Structure model' chem_comp_bond                
6 6 'Structure model' pdbx_initial_refinement_model 
# 
loop_
_pdbx_audit_revision_item.ordinal 
_pdbx_audit_revision_item.revision_ordinal 
_pdbx_audit_revision_item.data_content_type 
_pdbx_audit_revision_item.item 
1 4 'Structure model' '_software.name'                      
2 5 'Structure model' '_database_2.pdbx_DOI'                
3 5 'Structure model' '_database_2.pdbx_database_accession' 
4 5 'Structure model' '_struct_ref_seq_dif.details'         
# 
loop_
_pdbx_refine_tls.id 
_pdbx_refine_tls.details 
_pdbx_refine_tls.method 
_pdbx_refine_tls.origin_x 
_pdbx_refine_tls.origin_y 
_pdbx_refine_tls.origin_z 
_pdbx_refine_tls.T[1][1] 
_pdbx_refine_tls.T[2][2] 
_pdbx_refine_tls.T[3][3] 
_pdbx_refine_tls.T[1][2] 
_pdbx_refine_tls.T[1][3] 
_pdbx_refine_tls.T[2][3] 
_pdbx_refine_tls.L[1][1] 
_pdbx_refine_tls.L[2][2] 
_pdbx_refine_tls.L[3][3] 
_pdbx_refine_tls.L[1][2] 
_pdbx_refine_tls.L[1][3] 
_pdbx_refine_tls.L[2][3] 
_pdbx_refine_tls.S[1][1] 
_pdbx_refine_tls.S[1][2] 
_pdbx_refine_tls.S[1][3] 
_pdbx_refine_tls.S[2][1] 
_pdbx_refine_tls.S[2][2] 
_pdbx_refine_tls.S[2][3] 
_pdbx_refine_tls.S[3][1] 
_pdbx_refine_tls.S[3][2] 
_pdbx_refine_tls.S[3][3] 
_pdbx_refine_tls.pdbx_refine_id 
1 ? refined -6.5603  3.1153  2.8195   -0.0150 -0.0058 -0.0023 -0.0036 0.0069  -0.0020 0.8117 2.3838 1.5722 1.0536  1.0708  1.7601  0.0040  0.0273  0.0145  -0.0476 0.0284  0.0087  -0.0353 0.0569  -0.0324 'X-RAY DIFFRACTION' 
2 ? refined -3.0021  -3.4674 8.1340   -0.0019 -0.0043 -0.0098 -0.0082 0.0018  0.0012  0.5296 0.8252 1.8950 0.3029  0.9484  0.9003  -0.0070 -0.0015 -0.0213 0.0148  -0.0343 -0.0060 0.0175  0.0470  0.0413  'X-RAY DIFFRACTION' 
3 ? refined -12.2496 -1.7747 8.2880   -0.0001 -0.0219 -0.0015 0.0020  -0.0002 0.0100  0.4798 3.5808 0.8978 -0.1983 0.0095  1.7681  -0.0213 -0.0543 -0.0109 -0.0425 0.0352  0.0308  -0.0194 -0.0526 -0.0139 'X-RAY DIFFRACTION' 
4 ? refined 9.7347   2.6234  -1.4603  -0.0281 0.0725  -0.0467 -0.0331 0.0091  -0.0275 2.1432 2.7774 0.7036 -1.9036 0.7703  -1.1787 0.1180  -0.1168 0.1038  0.0613  -0.0563 -0.0251 -0.1613 0.2474  -0.0618 'X-RAY DIFFRACTION' 
5 ? refined 11.4042  0.2071  -10.3329 -0.0124 0.0366  -0.0324 -0.0206 -0.0028 -0.0092 1.2267 2.8949 0.4844 -1.2603 -0.3931 -0.3534 0.0277  -0.1830 0.0450  -0.1093 0.0036  0.0113  -0.0415 0.2213  -0.0312 'X-RAY DIFFRACTION' 
6 ? refined 3.3721   -2.5107 -6.1662  -0.0016 0.0199  -0.0209 0.0010  0.0063  -0.0026 1.1561 1.4670 1.0497 -1.0464 0.2470  -0.9434 0.0516  -0.0277 0.0158  0.0115  -0.0869 0.0870  -0.0278 0.1678  0.0353  'X-RAY DIFFRACTION' 
# 
loop_
_pdbx_refine_tls_group.id 
_pdbx_refine_tls_group.refine_tls_id 
_pdbx_refine_tls_group.beg_auth_asym_id 
_pdbx_refine_tls_group.beg_auth_seq_id 
_pdbx_refine_tls_group.beg_label_asym_id 
_pdbx_refine_tls_group.beg_label_seq_id 
_pdbx_refine_tls_group.end_auth_asym_id 
_pdbx_refine_tls_group.end_auth_seq_id 
_pdbx_refine_tls_group.end_label_asym_id 
_pdbx_refine_tls_group.end_label_seq_id 
_pdbx_refine_tls_group.selection 
_pdbx_refine_tls_group.pdbx_refine_id 
_pdbx_refine_tls_group.selection_details 
1 1 A 0 A 2 A 32 A 34 ? 'X-RAY DIFFRACTION' ? 
2 2 B 2 B 4 B 31 B 33 ? 'X-RAY DIFFRACTION' ? 
3 3 C 1 C 3 C 33 C 35 ? 'X-RAY DIFFRACTION' ? 
4 4 D 0 D 2 D 31 D 33 ? 'X-RAY DIFFRACTION' ? 
5 5 E 1 E 3 E 31 E 33 ? 'X-RAY DIFFRACTION' ? 
6 6 F 1 F 3 F 31 F 33 ? 'X-RAY DIFFRACTION' ? 
# 
loop_
_software.name 
_software.classification 
_software.version 
_software.citation_id 
_software.pdbx_ordinal 
REFMAC refinement        5.2.0019 ? 1 
MAR345 'data collection' .        ? 2 
XDS    'data reduction'  .        ? 3 
XSCALE 'data scaling'    .        ? 4 
PHASER phasing           .        ? 5 
# 
loop_
_pdbx_unobs_or_zero_occ_residues.id 
_pdbx_unobs_or_zero_occ_residues.PDB_model_num 
_pdbx_unobs_or_zero_occ_residues.polymer_flag 
_pdbx_unobs_or_zero_occ_residues.occupancy_flag 
_pdbx_unobs_or_zero_occ_residues.auth_asym_id 
_pdbx_unobs_or_zero_occ_residues.auth_comp_id 
_pdbx_unobs_or_zero_occ_residues.auth_seq_id 
_pdbx_unobs_or_zero_occ_residues.PDB_ins_code 
_pdbx_unobs_or_zero_occ_residues.label_asym_id 
_pdbx_unobs_or_zero_occ_residues.label_comp_id 
_pdbx_unobs_or_zero_occ_residues.label_seq_id 
1  1 Y 1 A GLY -1 ? A GLY 1  
2  1 Y 1 A ARG 33 ? A ARG 35 
3  1 Y 1 B GLY -1 ? B GLY 1  
4  1 Y 1 B SER 0  ? B SER 2  
5  1 Y 1 B ARG 1  ? B ARG 3  
6  1 Y 1 B GLU 32 ? B GLU 34 
7  1 Y 1 B ARG 33 ? B ARG 35 
8  1 Y 1 C GLY -1 ? C GLY 1  
9  1 Y 1 C SER 0  ? C SER 2  
10 1 Y 1 D GLY -1 ? D GLY 1  
11 1 Y 1 D GLU 32 ? D GLU 34 
12 1 Y 1 D ARG 33 ? D ARG 35 
13 1 Y 1 E GLY -1 ? E GLY 1  
14 1 Y 1 E SER 0  ? E SER 2  
15 1 Y 1 E GLU 32 ? E GLU 34 
16 1 Y 1 E ARG 33 ? E ARG 35 
17 1 Y 1 F GLY -1 ? F GLY 1  
18 1 Y 1 F SER 0  ? F SER 2  
19 1 Y 1 F GLU 32 ? F GLU 34 
20 1 Y 1 F ARG 33 ? F ARG 35 
# 
loop_
_chem_comp_atom.comp_id 
_chem_comp_atom.atom_id 
_chem_comp_atom.type_symbol 
_chem_comp_atom.pdbx_aromatic_flag 
_chem_comp_atom.pdbx_stereo_config 
_chem_comp_atom.pdbx_ordinal 
ALA N    N N N 1   
ALA CA   C N S 2   
ALA C    C N N 3   
ALA O    O N N 4   
ALA CB   C N N 5   
ALA OXT  O N N 6   
ALA H    H N N 7   
ALA H2   H N N 8   
ALA HA   H N N 9   
ALA HB1  H N N 10  
ALA HB2  H N N 11  
ALA HB3  H N N 12  
ALA HXT  H N N 13  
ARG N    N N N 14  
ARG CA   C N S 15  
ARG C    C N N 16  
ARG O    O N N 17  
ARG CB   C N N 18  
ARG CG   C N N 19  
ARG CD   C N N 20  
ARG NE   N N N 21  
ARG CZ   C N N 22  
ARG NH1  N N N 23  
ARG NH2  N N N 24  
ARG OXT  O N N 25  
ARG H    H N N 26  
ARG H2   H N N 27  
ARG HA   H N N 28  
ARG HB2  H N N 29  
ARG HB3  H N N 30  
ARG HG2  H N N 31  
ARG HG3  H N N 32  
ARG HD2  H N N 33  
ARG HD3  H N N 34  
ARG HE   H N N 35  
ARG HH11 H N N 36  
ARG HH12 H N N 37  
ARG HH21 H N N 38  
ARG HH22 H N N 39  
ARG HXT  H N N 40  
ASN N    N N N 41  
ASN CA   C N S 42  
ASN C    C N N 43  
ASN O    O N N 44  
ASN CB   C N N 45  
ASN CG   C N N 46  
ASN OD1  O N N 47  
ASN ND2  N N N 48  
ASN OXT  O N N 49  
ASN H    H N N 50  
ASN H2   H N N 51  
ASN HA   H N N 52  
ASN HB2  H N N 53  
ASN HB3  H N N 54  
ASN HD21 H N N 55  
ASN HD22 H N N 56  
ASN HXT  H N N 57  
ASP N    N N N 58  
ASP CA   C N S 59  
ASP C    C N N 60  
ASP O    O N N 61  
ASP CB   C N N 62  
ASP CG   C N N 63  
ASP OD1  O N N 64  
ASP OD2  O N N 65  
ASP OXT  O N N 66  
ASP H    H N N 67  
ASP H2   H N N 68  
ASP HA   H N N 69  
ASP HB2  H N N 70  
ASP HB3  H N N 71  
ASP HD2  H N N 72  
ASP HXT  H N N 73  
GLN N    N N N 74  
GLN CA   C N S 75  
GLN C    C N N 76  
GLN O    O N N 77  
GLN CB   C N N 78  
GLN CG   C N N 79  
GLN CD   C N N 80  
GLN OE1  O N N 81  
GLN NE2  N N N 82  
GLN OXT  O N N 83  
GLN H    H N N 84  
GLN H2   H N N 85  
GLN HA   H N N 86  
GLN HB2  H N N 87  
GLN HB3  H N N 88  
GLN HG2  H N N 89  
GLN HG3  H N N 90  
GLN HE21 H N N 91  
GLN HE22 H N N 92  
GLN HXT  H N N 93  
GLU N    N N N 94  
GLU CA   C N S 95  
GLU C    C N N 96  
GLU O    O N N 97  
GLU CB   C N N 98  
GLU CG   C N N 99  
GLU CD   C N N 100 
GLU OE1  O N N 101 
GLU OE2  O N N 102 
GLU OXT  O N N 103 
GLU H    H N N 104 
GLU H2   H N N 105 
GLU HA   H N N 106 
GLU HB2  H N N 107 
GLU HB3  H N N 108 
GLU HG2  H N N 109 
GLU HG3  H N N 110 
GLU HE2  H N N 111 
GLU HXT  H N N 112 
GLY N    N N N 113 
GLY CA   C N N 114 
GLY C    C N N 115 
GLY O    O N N 116 
GLY OXT  O N N 117 
GLY H    H N N 118 
GLY H2   H N N 119 
GLY HA2  H N N 120 
GLY HA3  H N N 121 
GLY HXT  H N N 122 
HIS N    N N N 123 
HIS CA   C N S 124 
HIS C    C N N 125 
HIS O    O N N 126 
HIS CB   C N N 127 
HIS CG   C Y N 128 
HIS ND1  N Y N 129 
HIS CD2  C Y N 130 
HIS CE1  C Y N 131 
HIS NE2  N Y N 132 
HIS OXT  O N N 133 
HIS H    H N N 134 
HIS H2   H N N 135 
HIS HA   H N N 136 
HIS HB2  H N N 137 
HIS HB3  H N N 138 
HIS HD1  H N N 139 
HIS HD2  H N N 140 
HIS HE1  H N N 141 
HIS HE2  H N N 142 
HIS HXT  H N N 143 
HOH O    O N N 144 
HOH H1   H N N 145 
HOH H2   H N N 146 
LEU N    N N N 147 
LEU CA   C N S 148 
LEU C    C N N 149 
LEU O    O N N 150 
LEU CB   C N N 151 
LEU CG   C N N 152 
LEU CD1  C N N 153 
LEU CD2  C N N 154 
LEU OXT  O N N 155 
LEU H    H N N 156 
LEU H2   H N N 157 
LEU HA   H N N 158 
LEU HB2  H N N 159 
LEU HB3  H N N 160 
LEU HG   H N N 161 
LEU HD11 H N N 162 
LEU HD12 H N N 163 
LEU HD13 H N N 164 
LEU HD21 H N N 165 
LEU HD22 H N N 166 
LEU HD23 H N N 167 
LEU HXT  H N N 168 
LYS N    N N N 169 
LYS CA   C N S 170 
LYS C    C N N 171 
LYS O    O N N 172 
LYS CB   C N N 173 
LYS CG   C N N 174 
LYS CD   C N N 175 
LYS CE   C N N 176 
LYS NZ   N N N 177 
LYS OXT  O N N 178 
LYS H    H N N 179 
LYS H2   H N N 180 
LYS HA   H N N 181 
LYS HB2  H N N 182 
LYS HB3  H N N 183 
LYS HG2  H N N 184 
LYS HG3  H N N 185 
LYS HD2  H N N 186 
LYS HD3  H N N 187 
LYS HE2  H N N 188 
LYS HE3  H N N 189 
LYS HZ1  H N N 190 
LYS HZ2  H N N 191 
LYS HZ3  H N N 192 
LYS HXT  H N N 193 
MET N    N N N 194 
MET CA   C N S 195 
MET C    C N N 196 
MET O    O N N 197 
MET CB   C N N 198 
MET CG   C N N 199 
MET SD   S N N 200 
MET CE   C N N 201 
MET OXT  O N N 202 
MET H    H N N 203 
MET H2   H N N 204 
MET HA   H N N 205 
MET HB2  H N N 206 
MET HB3  H N N 207 
MET HG2  H N N 208 
MET HG3  H N N 209 
MET HE1  H N N 210 
MET HE2  H N N 211 
MET HE3  H N N 212 
MET HXT  H N N 213 
SER N    N N N 214 
SER CA   C N S 215 
SER C    C N N 216 
SER O    O N N 217 
SER CB   C N N 218 
SER OG   O N N 219 
SER OXT  O N N 220 
SER H    H N N 221 
SER H2   H N N 222 
SER HA   H N N 223 
SER HB2  H N N 224 
SER HB3  H N N 225 
SER HG   H N N 226 
SER HXT  H N N 227 
TYR N    N N N 228 
TYR CA   C N S 229 
TYR C    C N N 230 
TYR O    O N N 231 
TYR CB   C N N 232 
TYR CG   C Y N 233 
TYR CD1  C Y N 234 
TYR CD2  C Y N 235 
TYR CE1  C Y N 236 
TYR CE2  C Y N 237 
TYR CZ   C Y N 238 
TYR OH   O N N 239 
TYR OXT  O N N 240 
TYR H    H N N 241 
TYR H2   H N N 242 
TYR HA   H N N 243 
TYR HB2  H N N 244 
TYR HB3  H N N 245 
TYR HD1  H N N 246 
TYR HD2  H N N 247 
TYR HE1  H N N 248 
TYR HE2  H N N 249 
TYR HH   H N N 250 
TYR HXT  H N N 251 
VAL N    N N N 252 
VAL CA   C N S 253 
VAL C    C N N 254 
VAL O    O N N 255 
VAL CB   C N N 256 
VAL CG1  C N N 257 
VAL CG2  C N N 258 
VAL OXT  O N N 259 
VAL H    H N N 260 
VAL H2   H N N 261 
VAL HA   H N N 262 
VAL HB   H N N 263 
VAL HG11 H N N 264 
VAL HG12 H N N 265 
VAL HG13 H N N 266 
VAL HG21 H N N 267 
VAL HG22 H N N 268 
VAL HG23 H N N 269 
VAL HXT  H N N 270 
# 
loop_
_chem_comp_bond.comp_id 
_chem_comp_bond.atom_id_1 
_chem_comp_bond.atom_id_2 
_chem_comp_bond.value_order 
_chem_comp_bond.pdbx_aromatic_flag 
_chem_comp_bond.pdbx_stereo_config 
_chem_comp_bond.pdbx_ordinal 
ALA N   CA   sing N N 1   
ALA N   H    sing N N 2   
ALA N   H2   sing N N 3   
ALA CA  C    sing N N 4   
ALA CA  CB   sing N N 5   
ALA CA  HA   sing N N 6   
ALA C   O    doub N N 7   
ALA C   OXT  sing N N 8   
ALA CB  HB1  sing N N 9   
ALA CB  HB2  sing N N 10  
ALA CB  HB3  sing N N 11  
ALA OXT HXT  sing N N 12  
ARG N   CA   sing N N 13  
ARG N   H    sing N N 14  
ARG N   H2   sing N N 15  
ARG CA  C    sing N N 16  
ARG CA  CB   sing N N 17  
ARG CA  HA   sing N N 18  
ARG C   O    doub N N 19  
ARG C   OXT  sing N N 20  
ARG CB  CG   sing N N 21  
ARG CB  HB2  sing N N 22  
ARG CB  HB3  sing N N 23  
ARG CG  CD   sing N N 24  
ARG CG  HG2  sing N N 25  
ARG CG  HG3  sing N N 26  
ARG CD  NE   sing N N 27  
ARG CD  HD2  sing N N 28  
ARG CD  HD3  sing N N 29  
ARG NE  CZ   sing N N 30  
ARG NE  HE   sing N N 31  
ARG CZ  NH1  sing N N 32  
ARG CZ  NH2  doub N N 33  
ARG NH1 HH11 sing N N 34  
ARG NH1 HH12 sing N N 35  
ARG NH2 HH21 sing N N 36  
ARG NH2 HH22 sing N N 37  
ARG OXT HXT  sing N N 38  
ASN N   CA   sing N N 39  
ASN N   H    sing N N 40  
ASN N   H2   sing N N 41  
ASN CA  C    sing N N 42  
ASN CA  CB   sing N N 43  
ASN CA  HA   sing N N 44  
ASN C   O    doub N N 45  
ASN C   OXT  sing N N 46  
ASN CB  CG   sing N N 47  
ASN CB  HB2  sing N N 48  
ASN CB  HB3  sing N N 49  
ASN CG  OD1  doub N N 50  
ASN CG  ND2  sing N N 51  
ASN ND2 HD21 sing N N 52  
ASN ND2 HD22 sing N N 53  
ASN OXT HXT  sing N N 54  
ASP N   CA   sing N N 55  
ASP N   H    sing N N 56  
ASP N   H2   sing N N 57  
ASP CA  C    sing N N 58  
ASP CA  CB   sing N N 59  
ASP CA  HA   sing N N 60  
ASP C   O    doub N N 61  
ASP C   OXT  sing N N 62  
ASP CB  CG   sing N N 63  
ASP CB  HB2  sing N N 64  
ASP CB  HB3  sing N N 65  
ASP CG  OD1  doub N N 66  
ASP CG  OD2  sing N N 67  
ASP OD2 HD2  sing N N 68  
ASP OXT HXT  sing N N 69  
GLN N   CA   sing N N 70  
GLN N   H    sing N N 71  
GLN N   H2   sing N N 72  
GLN CA  C    sing N N 73  
GLN CA  CB   sing N N 74  
GLN CA  HA   sing N N 75  
GLN C   O    doub N N 76  
GLN C   OXT  sing N N 77  
GLN CB  CG   sing N N 78  
GLN CB  HB2  sing N N 79  
GLN CB  HB3  sing N N 80  
GLN CG  CD   sing N N 81  
GLN CG  HG2  sing N N 82  
GLN CG  HG3  sing N N 83  
GLN CD  OE1  doub N N 84  
GLN CD  NE2  sing N N 85  
GLN NE2 HE21 sing N N 86  
GLN NE2 HE22 sing N N 87  
GLN OXT HXT  sing N N 88  
GLU N   CA   sing N N 89  
GLU N   H    sing N N 90  
GLU N   H2   sing N N 91  
GLU CA  C    sing N N 92  
GLU CA  CB   sing N N 93  
GLU CA  HA   sing N N 94  
GLU C   O    doub N N 95  
GLU C   OXT  sing N N 96  
GLU CB  CG   sing N N 97  
GLU CB  HB2  sing N N 98  
GLU CB  HB3  sing N N 99  
GLU CG  CD   sing N N 100 
GLU CG  HG2  sing N N 101 
GLU CG  HG3  sing N N 102 
GLU CD  OE1  doub N N 103 
GLU CD  OE2  sing N N 104 
GLU OE2 HE2  sing N N 105 
GLU OXT HXT  sing N N 106 
GLY N   CA   sing N N 107 
GLY N   H    sing N N 108 
GLY N   H2   sing N N 109 
GLY CA  C    sing N N 110 
GLY CA  HA2  sing N N 111 
GLY CA  HA3  sing N N 112 
GLY C   O    doub N N 113 
GLY C   OXT  sing N N 114 
GLY OXT HXT  sing N N 115 
HIS N   CA   sing N N 116 
HIS N   H    sing N N 117 
HIS N   H2   sing N N 118 
HIS CA  C    sing N N 119 
HIS CA  CB   sing N N 120 
HIS CA  HA   sing N N 121 
HIS C   O    doub N N 122 
HIS C   OXT  sing N N 123 
HIS CB  CG   sing N N 124 
HIS CB  HB2  sing N N 125 
HIS CB  HB3  sing N N 126 
HIS CG  ND1  sing Y N 127 
HIS CG  CD2  doub Y N 128 
HIS ND1 CE1  doub Y N 129 
HIS ND1 HD1  sing N N 130 
HIS CD2 NE2  sing Y N 131 
HIS CD2 HD2  sing N N 132 
HIS CE1 NE2  sing Y N 133 
HIS CE1 HE1  sing N N 134 
HIS NE2 HE2  sing N N 135 
HIS OXT HXT  sing N N 136 
HOH O   H1   sing N N 137 
HOH O   H2   sing N N 138 
LEU N   CA   sing N N 139 
LEU N   H    sing N N 140 
LEU N   H2   sing N N 141 
LEU CA  C    sing N N 142 
LEU CA  CB   sing N N 143 
LEU CA  HA   sing N N 144 
LEU C   O    doub N N 145 
LEU C   OXT  sing N N 146 
LEU CB  CG   sing N N 147 
LEU CB  HB2  sing N N 148 
LEU CB  HB3  sing N N 149 
LEU CG  CD1  sing N N 150 
LEU CG  CD2  sing N N 151 
LEU CG  HG   sing N N 152 
LEU CD1 HD11 sing N N 153 
LEU CD1 HD12 sing N N 154 
LEU CD1 HD13 sing N N 155 
LEU CD2 HD21 sing N N 156 
LEU CD2 HD22 sing N N 157 
LEU CD2 HD23 sing N N 158 
LEU OXT HXT  sing N N 159 
LYS N   CA   sing N N 160 
LYS N   H    sing N N 161 
LYS N   H2   sing N N 162 
LYS CA  C    sing N N 163 
LYS CA  CB   sing N N 164 
LYS CA  HA   sing N N 165 
LYS C   O    doub N N 166 
LYS C   OXT  sing N N 167 
LYS CB  CG   sing N N 168 
LYS CB  HB2  sing N N 169 
LYS CB  HB3  sing N N 170 
LYS CG  CD   sing N N 171 
LYS CG  HG2  sing N N 172 
LYS CG  HG3  sing N N 173 
LYS CD  CE   sing N N 174 
LYS CD  HD2  sing N N 175 
LYS CD  HD3  sing N N 176 
LYS CE  NZ   sing N N 177 
LYS CE  HE2  sing N N 178 
LYS CE  HE3  sing N N 179 
LYS NZ  HZ1  sing N N 180 
LYS NZ  HZ2  sing N N 181 
LYS NZ  HZ3  sing N N 182 
LYS OXT HXT  sing N N 183 
MET N   CA   sing N N 184 
MET N   H    sing N N 185 
MET N   H2   sing N N 186 
MET CA  C    sing N N 187 
MET CA  CB   sing N N 188 
MET CA  HA   sing N N 189 
MET C   O    doub N N 190 
MET C   OXT  sing N N 191 
MET CB  CG   sing N N 192 
MET CB  HB2  sing N N 193 
MET CB  HB3  sing N N 194 
MET CG  SD   sing N N 195 
MET CG  HG2  sing N N 196 
MET CG  HG3  sing N N 197 
MET SD  CE   sing N N 198 
MET CE  HE1  sing N N 199 
MET CE  HE2  sing N N 200 
MET CE  HE3  sing N N 201 
MET OXT HXT  sing N N 202 
SER N   CA   sing N N 203 
SER N   H    sing N N 204 
SER N   H2   sing N N 205 
SER CA  C    sing N N 206 
SER CA  CB   sing N N 207 
SER CA  HA   sing N N 208 
SER C   O    doub N N 209 
SER C   OXT  sing N N 210 
SER CB  OG   sing N N 211 
SER CB  HB2  sing N N 212 
SER CB  HB3  sing N N 213 
SER OG  HG   sing N N 214 
SER OXT HXT  sing N N 215 
TYR N   CA   sing N N 216 
TYR N   H    sing N N 217 
TYR N   H2   sing N N 218 
TYR CA  C    sing N N 219 
TYR CA  CB   sing N N 220 
TYR CA  HA   sing N N 221 
TYR C   O    doub N N 222 
TYR C   OXT  sing N N 223 
TYR CB  CG   sing N N 224 
TYR CB  HB2  sing N N 225 
TYR CB  HB3  sing N N 226 
TYR CG  CD1  doub Y N 227 
TYR CG  CD2  sing Y N 228 
TYR CD1 CE1  sing Y N 229 
TYR CD1 HD1  sing N N 230 
TYR CD2 CE2  doub Y N 231 
TYR CD2 HD2  sing N N 232 
TYR CE1 CZ   doub Y N 233 
TYR CE1 HE1  sing N N 234 
TYR CE2 CZ   sing Y N 235 
TYR CE2 HE2  sing N N 236 
TYR CZ  OH   sing N N 237 
TYR OH  HH   sing N N 238 
TYR OXT HXT  sing N N 239 
VAL N   CA   sing N N 240 
VAL N   H    sing N N 241 
VAL N   H2   sing N N 242 
VAL CA  C    sing N N 243 
VAL CA  CB   sing N N 244 
VAL CA  HA   sing N N 245 
VAL C   O    doub N N 246 
VAL C   OXT  sing N N 247 
VAL CB  CG1  sing N N 248 
VAL CB  CG2  sing N N 249 
VAL CB  HB   sing N N 250 
VAL CG1 HG11 sing N N 251 
VAL CG1 HG12 sing N N 252 
VAL CG1 HG13 sing N N 253 
VAL CG2 HG21 sing N N 254 
VAL CG2 HG22 sing N N 255 
VAL CG2 HG23 sing N N 256 
VAL OXT HXT  sing N N 257 
# 
_pdbx_entity_nonpoly.entity_id   2 
_pdbx_entity_nonpoly.name        water 
_pdbx_entity_nonpoly.comp_id     HOH 
# 
_pdbx_initial_refinement_model.id               1 
_pdbx_initial_refinement_model.entity_id_list   ? 
_pdbx_initial_refinement_model.type             'experimental model' 
_pdbx_initial_refinement_model.source_name      PDB 
_pdbx_initial_refinement_model.accession_code   1ZIJ 
_pdbx_initial_refinement_model.details          ? 
# 
